data_6AVU
#
_entry.id   6AVU
#
loop_
_entity.id
_entity.type
_entity.pdbx_description
1 polymer 'Integrin alpha-V'
2 polymer 'Integrin beta-3'
3 polymer 'Fab LM609 heavy chain'
4 polymer 'Fab LM609 light chain'
#
loop_
_entity_poly.entity_id
_entity_poly.type
_entity_poly.pdbx_seq_one_letter_code
_entity_poly.pdbx_strand_id
1 'polypeptide(L)'
;FNLDVDSPAEYSGPEGSYFGFAVDFFVPSASSRMFLLVGAPKANTTQPGIVEGGQVLKCDWSSTRRCQPIEFDATGNRDY
AKDDPLEFKSHQWFGASVRSKQDKILACAPLYHWRTEMKQEREPVGTCFLQDGTKTVEYAPCRSQDIDADGQGFCQGGFS
IDFTKADRVLLGGPGSFYWQGQLISDQVAEIVSKYDPNVYSIKYNNQLATRTAQAIFDDSYLGYSVAVGDFNGDGIDDFV
SGVPRAARTLGMVYIYDGKNMSSLYNFTGEQMAAYFGFSVAATDINGDDYADVFIGAPLFMDRGSDGKLQEVGQVSVSLQ
RASGDFQTTKLNGFEVFARFGSAIAPLGDLDQDGFNDIAIAAPYGGEDKKGIVYIFNGRSTGLNAVPSQILEGQWAARSM
PPSFGYSMKGATDIDKNGYPDLIVGAFGVDRAILYRARPVITVNAGLEVYPSILNQDNKTCSLPGTALKVSCFNVRFCLK
ADGKGVLPRKLNFQVELLLDKLKQKGAIRRALFLYSRSPSHSKNMTISRGGLMQCEELIAYLRDESEFRDKLTPITIFME
YRLDYRTAADTTGLQPILNQFTPANISRQAHILLDCGEDNVCKPKLEVSVDSDQKKIYIGDDNPLTLIVKAQNQGEGAYE
AELIVSIPLQADFIGVVRNNEALARLSCAFKTENQTRQVVCDLGNPMKAGTQLLAGLRFSVHQQSEMDTSVKFDLQIQSS
NLFDKVSPVVSHKVDLAVLAAVEIRGVSSPDHIFLPIPNWEHKENPETEEDVGPVVQHIYELRNNGPSSFSKAMLHLQWP
YKYNNNTLLYILHYDIDGPMNCTSDMEINPLRIKISSLQTTEKNDTVAGQGERDHLITKRDLALSEGDIHTLGCGVAQCL
KIVCQVGRLDRGKSAILYVKSLLWTETFMNKENQNHSYSLKSSASFNVIEFPYKNLPIEDITNSTLVTTNVTWGIQP
;
A
2 'polypeptide(L)'
;GPNICTTRGVSSCQQCLAVSPMCAWCSDEALPLGSPRCDLKENLLKDNCAPESIEFPVSEARVLEDRPLSDKGSGDSSQV
TQVSPQRIALRLRPDDSKNFSIQVRQVEDYPVDIYYLMDLSYSMKDDLWSIQNLGTKLATQMRKLTSNLRIGFGAFVDKP
VSPYMYISPPEALENPCYDMKTTCLPMFGYKHVLTLTDQVTRFNEEVKKQSVSRNRDAPEGGFDAIMQATVCDEKIGWRN
DASHLLVFTTDAKTHIALDGRLAGIVQPNDGQCHVGSDNHYSASTTMDYPSLGLMTEKLSQKNINLIFAVTENVVNLYQN
YSELIPGTTVGVLSMDSSNVLQLIVDAYGKIRSKVELEVRDLPEELSLSFNATCLNNEVIPGLKSCMGLKIGDTVSFSIE
AKVRGCPQEKEKSFTIKPVGFKDSLIVQVTFDCDCACQAQAEPNSHRCNNGNGTFECGVCRCGPGWLGSQCECSEEDYRP
SQQDECSPREGQPVCSQRGECLCGQCVCHSSDFGKITGKYCECDDFSCVRYKGEMCSGHGQCSCGDCLCDSDWTGYYCNC
TTRTDTCMSSNGLLCSGRGKCECGSCVCIQPGSYGDTCEKCPTCPDACTFKKECVECKKFDRGALHDENTCNRYCRDEIE
SVKELKDTGKDAVNCTYKNEDDCVVRFQYYEDSSGKSILYVVEEPECPKGPD
;
B
3 'polypeptide(L)'
;EVQLEESGGGLVKPGGSLKLSCAASGFAFSSYDMSWVRQIPEKRLEWVAKVSSGGGSTYYLDTVQGRFTISRDNAKNTLY
LQMSSLNSEDTAMYYCARHNYGSFAYWGQGTLVTVSAAKTTPPSVYPLAPGSAAQTNSMVTLGCLVKGYFPEPVTVTWNS
GSLSSGVHTFPAVLQSDLYTLSSSVTVPSSTWPSETVTCNVAHPASSTKVDKKIVPRDCGASDDDDKAGWSHPQFEKGGG
SGGGSGGGSWSHPQFEK
;
H
4 'polypeptide(L)'
;ELVMTQTPATLSVTPGDSVSLSCRASQSISNHLHWYQQKSHESPRLLIKYASQSISGIPSRFSGSGSGTDFTLSINSVET
EDFGMYFCQQSNSWPHTFGGGTKLEIKRADAAPTVSIFPPSSEQLTSGGASVVCFLNNFYPKDINVKWKIDGSERQNGVL
NSWTDQDSKDSTYSMSSTLTLTKDEYERHNSYTCEATHKTSTSPIVKSFNRNEC
;
L
#
# COMPACT_ATOMS: atom_id res chain seq x y z
N PHE A 1 14.73 6.49 -19.78
CA PHE A 1 13.66 7.44 -20.11
C PHE A 1 13.10 7.02 -21.44
N ASN A 2 13.90 6.20 -22.08
CA ASN A 2 13.71 5.63 -23.36
C ASN A 2 12.93 4.33 -23.34
N LEU A 3 12.39 3.96 -22.20
CA LEU A 3 11.60 2.74 -22.11
C LEU A 3 10.15 3.15 -22.23
N ASP A 4 9.50 2.63 -23.26
CA ASP A 4 8.13 3.08 -23.46
C ASP A 4 7.23 2.21 -22.61
N VAL A 5 6.00 2.64 -22.47
CA VAL A 5 4.97 1.90 -21.77
C VAL A 5 3.75 1.85 -22.68
N ASP A 6 4.03 2.04 -23.97
CA ASP A 6 3.00 2.15 -24.99
C ASP A 6 2.81 0.84 -25.74
N SER A 7 3.91 0.16 -26.03
CA SER A 7 3.86 -1.10 -26.75
C SER A 7 4.76 -2.16 -26.12
N PRO A 8 4.58 -2.50 -24.83
CA PRO A 8 5.33 -3.49 -24.11
C PRO A 8 4.90 -4.85 -24.62
N ALA A 9 5.75 -5.85 -24.46
CA ALA A 9 5.31 -7.20 -24.80
C ALA A 9 4.71 -7.79 -23.53
N GLU A 10 3.40 -7.95 -23.54
CA GLU A 10 2.68 -8.40 -22.36
C GLU A 10 2.49 -9.91 -22.30
N TYR A 11 3.13 -10.55 -21.32
CA TYR A 11 3.15 -11.99 -21.07
C TYR A 11 2.21 -12.38 -19.95
N SER A 12 1.47 -13.47 -20.10
CA SER A 12 0.65 -13.92 -18.97
C SER A 12 0.39 -15.41 -19.04
N GLY A 13 0.02 -15.99 -17.92
CA GLY A 13 -0.35 -17.40 -17.91
C GLY A 13 -1.67 -17.59 -17.16
N PRO A 14 -2.09 -18.84 -16.92
CA PRO A 14 -3.30 -19.22 -16.18
C PRO A 14 -3.43 -18.58 -14.81
N GLU A 15 -4.66 -18.12 -14.55
CA GLU A 15 -5.00 -17.44 -13.31
C GLU A 15 -4.77 -18.25 -12.05
N GLY A 16 -4.17 -17.60 -11.06
CA GLY A 16 -3.91 -18.18 -9.75
C GLY A 16 -2.57 -18.89 -9.60
N SER A 17 -1.81 -19.04 -10.70
CA SER A 17 -0.53 -19.75 -10.62
C SER A 17 0.64 -18.85 -10.15
N TYR A 18 0.39 -17.55 -10.09
CA TYR A 18 1.32 -16.49 -9.73
C TYR A 18 2.46 -16.31 -10.72
N PHE A 19 2.13 -16.36 -11.99
CA PHE A 19 3.13 -16.10 -13.00
C PHE A 19 3.65 -14.72 -12.75
N GLY A 20 4.96 -14.57 -12.66
CA GLY A 20 5.56 -13.28 -12.41
C GLY A 20 6.44 -13.28 -11.16
N PHE A 21 6.40 -14.35 -10.36
CA PHE A 21 7.29 -14.42 -9.17
C PHE A 21 8.74 -14.24 -9.47
N ALA A 22 9.16 -14.81 -10.56
CA ALA A 22 10.53 -14.68 -10.94
C ALA A 22 10.62 -14.63 -12.42
N VAL A 23 11.50 -13.81 -12.91
CA VAL A 23 11.63 -13.71 -14.34
C VAL A 23 13.09 -13.83 -14.71
N ASP A 24 13.33 -14.17 -15.96
CA ASP A 24 14.67 -14.24 -16.52
C ASP A 24 14.66 -14.20 -18.03
N PHE A 25 15.85 -14.27 -18.64
CA PHE A 25 15.95 -14.33 -20.09
C PHE A 25 16.94 -15.39 -20.53
N PHE A 26 16.50 -16.19 -21.48
CA PHE A 26 17.22 -17.33 -21.98
C PHE A 26 17.77 -17.11 -23.37
N VAL A 27 19.10 -17.15 -23.46
CA VAL A 27 19.80 -16.90 -24.71
C VAL A 27 20.82 -18.01 -25.06
N PRO A 28 20.38 -19.15 -25.59
CA PRO A 28 21.22 -20.29 -25.86
C PRO A 28 22.11 -19.98 -27.06
N SER A 29 23.29 -20.59 -27.11
CA SER A 29 24.21 -20.47 -28.24
C SER A 29 23.64 -21.12 -29.50
N ALA A 30 22.63 -21.93 -29.27
CA ALA A 30 21.87 -22.68 -30.26
C ALA A 30 21.16 -21.80 -31.30
N SER A 31 20.77 -20.56 -30.95
CA SER A 31 20.03 -19.78 -31.94
C SER A 31 19.98 -18.28 -31.77
N SER A 32 19.36 -17.65 -32.78
CA SER A 32 19.12 -16.21 -32.82
C SER A 32 17.84 -15.84 -32.07
N ARG A 33 17.06 -16.88 -31.75
CA ARG A 33 15.81 -16.74 -31.03
C ARG A 33 16.05 -16.81 -29.54
N MET A 34 15.58 -15.80 -28.83
CA MET A 34 15.70 -15.71 -27.39
C MET A 34 14.35 -15.84 -26.75
N PHE A 35 14.34 -16.27 -25.49
CA PHE A 35 13.07 -16.48 -24.80
C PHE A 35 13.03 -15.82 -23.43
N LEU A 36 11.84 -15.43 -23.01
CA LEU A 36 11.70 -14.88 -21.68
C LEU A 36 11.30 -16.01 -20.77
N LEU A 37 11.75 -15.99 -19.54
CA LEU A 37 11.33 -17.02 -18.62
C LEU A 37 10.48 -16.41 -17.53
N VAL A 38 9.31 -16.99 -17.29
CA VAL A 38 8.50 -16.49 -16.21
C VAL A 38 8.04 -17.63 -15.31
N GLY A 39 8.39 -17.53 -14.04
CA GLY A 39 8.04 -18.54 -13.07
C GLY A 39 6.64 -18.36 -12.55
N ALA A 40 5.97 -19.48 -12.28
CA ALA A 40 4.61 -19.55 -11.75
C ALA A 40 4.43 -20.63 -10.67
N PRO A 41 4.78 -20.33 -9.41
CA PRO A 41 4.80 -21.19 -8.23
C PRO A 41 3.60 -22.04 -7.87
N LYS A 42 2.39 -21.63 -8.22
CA LYS A 42 1.25 -22.43 -7.81
C LYS A 42 0.63 -23.13 -9.01
N ALA A 43 1.39 -23.17 -10.12
CA ALA A 43 0.91 -23.82 -11.33
C ALA A 43 0.64 -25.30 -11.14
N ASN A 44 -0.44 -25.76 -11.78
CA ASN A 44 -0.77 -27.16 -11.81
C ASN A 44 -0.22 -27.72 -13.09
N THR A 45 0.08 -29.00 -13.11
CA THR A 45 0.61 -29.61 -14.31
C THR A 45 0.29 -31.10 -14.42
N THR A 46 0.96 -31.74 -15.38
CA THR A 46 0.85 -33.14 -15.77
C THR A 46 1.24 -34.12 -14.67
N GLN A 47 2.32 -33.79 -13.96
CA GLN A 47 2.91 -34.67 -12.98
C GLN A 47 1.81 -35.27 -12.08
N PRO A 48 1.52 -36.60 -12.17
CA PRO A 48 0.45 -37.23 -11.46
C PRO A 48 0.66 -37.14 -9.97
N GLY A 49 -0.41 -36.84 -9.26
CA GLY A 49 -0.41 -36.76 -7.81
C GLY A 49 0.14 -35.44 -7.28
N ILE A 50 0.57 -34.54 -8.17
CA ILE A 50 1.15 -33.29 -7.74
C ILE A 50 0.26 -32.11 -8.05
N VAL A 51 0.00 -31.29 -7.03
CA VAL A 51 -0.81 -30.10 -7.18
C VAL A 51 -0.01 -28.93 -6.68
N GLU A 52 -0.22 -27.77 -7.29
CA GLU A 52 0.45 -26.53 -6.92
C GLU A 52 1.95 -26.75 -6.85
N GLY A 53 2.50 -27.53 -7.78
CA GLY A 53 3.92 -27.80 -7.78
C GLY A 53 4.70 -26.60 -8.25
N GLY A 54 4.11 -25.83 -9.16
CA GLY A 54 4.76 -24.69 -9.75
C GLY A 54 5.45 -25.11 -11.03
N GLN A 55 5.65 -24.15 -11.90
CA GLN A 55 6.28 -24.37 -13.19
C GLN A 55 6.94 -23.11 -13.72
N VAL A 56 7.94 -23.28 -14.57
CA VAL A 56 8.55 -22.15 -15.22
C VAL A 56 8.28 -22.29 -16.70
N LEU A 57 7.77 -21.23 -17.31
CA LEU A 57 7.39 -21.30 -18.69
C LEU A 57 8.26 -20.40 -19.55
N LYS A 58 8.60 -20.90 -20.72
CA LYS A 58 9.43 -20.24 -21.71
C LYS A 58 8.58 -19.52 -22.75
N CYS A 59 8.88 -18.27 -23.05
CA CYS A 59 8.09 -17.52 -24.03
C CYS A 59 8.88 -16.80 -25.10
N ASP A 60 8.47 -17.01 -26.34
CA ASP A 60 9.10 -16.36 -27.48
C ASP A 60 8.69 -14.90 -27.50
N TRP A 61 9.64 -13.98 -27.39
CA TRP A 61 9.27 -12.57 -27.36
C TRP A 61 8.76 -12.04 -28.71
N SER A 62 9.08 -12.70 -29.83
CA SER A 62 8.63 -12.12 -31.09
C SER A 62 7.20 -12.54 -31.35
N SER A 63 6.26 -11.67 -30.96
CA SER A 63 4.85 -11.99 -31.00
C SER A 63 4.75 -13.34 -30.36
N THR A 64 3.94 -14.22 -30.90
CA THR A 64 3.94 -15.60 -30.41
C THR A 64 3.96 -15.63 -28.88
N ARG A 65 3.07 -14.86 -28.24
CA ARG A 65 3.09 -14.67 -26.79
C ARG A 65 2.82 -15.90 -25.94
N ARG A 66 2.35 -16.99 -26.53
CA ARG A 66 2.09 -18.17 -25.74
C ARG A 66 3.32 -18.61 -24.97
N CYS A 67 3.11 -18.88 -23.70
CA CYS A 67 4.18 -19.36 -22.87
C CYS A 67 4.03 -20.86 -22.78
N GLN A 68 5.14 -21.60 -22.73
CA GLN A 68 5.05 -23.05 -22.59
C GLN A 68 6.01 -23.58 -21.53
N PRO A 69 5.65 -24.62 -20.78
CA PRO A 69 6.47 -25.17 -19.73
C PRO A 69 7.77 -25.73 -20.21
N ILE A 70 8.77 -25.57 -19.37
CA ILE A 70 10.06 -26.17 -19.59
C ILE A 70 9.97 -27.58 -19.07
N GLU A 71 10.31 -28.55 -19.89
CA GLU A 71 10.16 -29.95 -19.51
C GLU A 71 11.27 -30.46 -18.61
N PHE A 72 11.29 -29.91 -17.39
CA PHE A 72 12.26 -30.29 -16.38
C PHE A 72 11.96 -31.70 -15.85
N ASP A 73 10.69 -32.09 -15.95
CA ASP A 73 10.17 -33.37 -15.50
C ASP A 73 8.77 -33.55 -16.08
N ALA A 74 8.17 -34.71 -15.82
CA ALA A 74 6.81 -34.99 -16.24
C ALA A 74 6.21 -35.97 -15.27
N THR A 75 7.09 -36.61 -14.51
CA THR A 75 6.66 -37.69 -13.62
C THR A 75 6.16 -37.21 -12.27
N GLY A 76 5.54 -38.12 -11.52
CA GLY A 76 5.01 -37.77 -10.21
C GLY A 76 6.13 -37.84 -9.20
N ASN A 77 5.78 -37.94 -7.94
CA ASN A 77 6.81 -37.95 -6.92
C ASN A 77 7.76 -39.13 -7.10
N ARG A 78 9.07 -38.94 -6.86
CA ARG A 78 9.94 -40.09 -6.93
C ARG A 78 9.43 -41.02 -5.88
N ASP A 79 9.34 -42.28 -6.21
CA ASP A 79 8.81 -43.20 -5.26
C ASP A 79 9.86 -43.91 -4.42
N TYR A 80 9.36 -44.67 -3.47
CA TYR A 80 10.15 -45.49 -2.58
C TYR A 80 9.20 -46.68 -2.39
N ALA A 81 8.11 -46.44 -1.65
CA ALA A 81 6.95 -47.34 -1.69
C ALA A 81 6.19 -46.91 -2.86
N LYS A 82 5.31 -47.75 -3.34
CA LYS A 82 4.58 -47.24 -4.45
C LYS A 82 3.56 -46.25 -3.93
N ASP A 83 3.55 -45.11 -4.61
CA ASP A 83 2.78 -43.92 -4.32
C ASP A 83 3.11 -43.24 -2.99
N ASP A 84 4.35 -43.41 -2.48
CA ASP A 84 4.81 -42.68 -1.29
C ASP A 84 5.92 -41.72 -1.67
N PRO A 85 5.69 -40.41 -1.73
CA PRO A 85 6.70 -39.47 -2.14
C PRO A 85 7.96 -39.56 -1.30
N LEU A 86 9.09 -39.63 -1.99
CA LEU A 86 10.41 -39.63 -1.38
C LEU A 86 10.88 -38.17 -1.38
N GLU A 87 10.10 -37.41 -2.11
CA GLU A 87 10.24 -36.01 -2.36
C GLU A 87 8.84 -35.55 -2.68
N PHE A 88 8.49 -34.40 -2.18
CA PHE A 88 7.16 -33.87 -2.35
C PHE A 88 7.23 -32.72 -3.29
N LYS A 89 6.69 -32.93 -4.48
CA LYS A 89 6.76 -31.89 -5.49
C LYS A 89 5.53 -31.01 -5.44
N SER A 90 4.63 -31.29 -4.51
CA SER A 90 3.41 -30.51 -4.35
C SER A 90 3.65 -29.33 -3.43
N HIS A 91 2.87 -28.28 -3.66
CA HIS A 91 2.91 -27.06 -2.85
C HIS A 91 4.35 -26.56 -2.63
N GLN A 92 5.21 -26.70 -3.65
CA GLN A 92 6.64 -26.39 -3.52
C GLN A 92 7.08 -25.05 -4.07
N TRP A 93 6.17 -24.37 -4.76
CA TRP A 93 6.43 -23.07 -5.36
C TRP A 93 7.48 -23.02 -6.48
N PHE A 94 7.51 -24.01 -7.38
CA PHE A 94 8.48 -23.95 -8.46
C PHE A 94 8.19 -22.77 -9.42
N GLY A 95 9.20 -21.95 -9.61
CA GLY A 95 9.06 -20.74 -10.41
C GLY A 95 9.14 -19.52 -9.49
N ALA A 96 9.20 -19.76 -8.17
CA ALA A 96 9.31 -18.69 -7.19
C ALA A 96 10.58 -17.89 -7.42
N SER A 97 11.60 -18.57 -7.91
CA SER A 97 12.89 -18.02 -8.23
C SER A 97 13.39 -18.74 -9.50
N VAL A 98 13.74 -17.98 -10.53
CA VAL A 98 14.19 -18.50 -11.83
C VAL A 98 15.45 -17.82 -12.34
N ARG A 99 16.44 -18.59 -12.81
CA ARG A 99 17.62 -17.97 -13.40
C ARG A 99 18.22 -18.83 -14.52
N SER A 100 18.91 -18.21 -15.46
CA SER A 100 19.54 -18.94 -16.54
C SER A 100 20.80 -18.27 -17.06
N LYS A 101 21.56 -19.07 -17.82
CA LYS A 101 22.75 -18.63 -18.51
C LYS A 101 22.89 -19.49 -19.75
N GLN A 102 23.14 -18.87 -20.90
CA GLN A 102 23.29 -19.63 -22.13
C GLN A 102 22.15 -20.63 -22.33
N ASP A 103 22.48 -21.92 -22.47
CA ASP A 103 21.50 -22.97 -22.71
C ASP A 103 21.03 -23.76 -21.48
N LYS A 104 21.34 -23.22 -20.28
CA LYS A 104 20.93 -23.84 -19.02
C LYS A 104 19.95 -23.02 -18.19
N ILE A 105 18.82 -23.64 -17.86
CA ILE A 105 17.82 -22.97 -17.03
C ILE A 105 17.70 -23.67 -15.68
N LEU A 106 17.87 -22.93 -14.59
CA LEU A 106 17.77 -23.52 -13.27
C LEU A 106 16.62 -22.92 -12.50
N ALA A 107 15.56 -23.68 -12.32
CA ALA A 107 14.40 -23.09 -11.67
C ALA A 107 14.29 -23.63 -10.26
N CYS A 108 13.84 -22.77 -9.35
CA CYS A 108 13.78 -23.10 -7.95
C CYS A 108 12.42 -23.39 -7.41
N ALA A 109 12.43 -24.24 -6.39
CA ALA A 109 11.29 -24.65 -5.59
C ALA A 109 11.68 -24.56 -4.10
N PRO A 110 11.65 -23.37 -3.46
CA PRO A 110 12.09 -23.12 -2.10
C PRO A 110 11.30 -23.92 -1.05
N LEU A 111 10.12 -24.43 -1.43
CA LEU A 111 9.32 -25.21 -0.53
C LEU A 111 9.31 -26.67 -0.99
N TYR A 112 10.32 -27.07 -1.73
CA TYR A 112 10.48 -28.47 -2.14
C TYR A 112 10.69 -29.26 -0.87
N HIS A 113 9.95 -30.36 -0.64
CA HIS A 113 10.22 -31.07 0.60
C HIS A 113 10.74 -32.47 0.34
N TRP A 114 11.60 -32.96 1.22
CA TRP A 114 12.12 -34.32 1.08
C TRP A 114 11.73 -35.24 2.20
N ARG A 115 11.74 -36.54 1.89
CA ARG A 115 11.64 -37.57 2.89
C ARG A 115 13.04 -38.16 2.90
N THR A 116 13.55 -38.45 4.07
CA THR A 116 14.88 -39.04 4.19
C THR A 116 14.62 -40.45 4.68
N GLU A 117 15.28 -41.44 4.11
CA GLU A 117 15.09 -42.85 4.47
C GLU A 117 15.32 -43.10 5.98
N MET A 118 16.13 -42.23 6.60
CA MET A 118 16.50 -42.23 8.00
C MET A 118 15.35 -42.01 8.99
N LYS A 119 14.46 -41.08 8.67
CA LYS A 119 13.41 -40.72 9.61
C LYS A 119 12.22 -40.25 8.82
N GLN A 120 11.02 -40.58 9.27
CA GLN A 120 9.86 -40.09 8.54
C GLN A 120 9.52 -38.63 8.87
N GLU A 121 10.34 -37.72 8.39
CA GLU A 121 10.11 -36.32 8.66
C GLU A 121 10.27 -35.54 7.34
N ARG A 122 9.23 -34.78 6.99
CA ARG A 122 9.27 -33.96 5.79
C ARG A 122 10.10 -32.76 6.06
N GLU A 123 11.03 -32.46 5.17
CA GLU A 123 11.87 -31.31 5.43
C GLU A 123 11.93 -30.33 4.28
N PRO A 124 11.80 -29.01 4.54
CA PRO A 124 11.83 -27.91 3.58
C PRO A 124 13.23 -27.57 3.16
N VAL A 125 13.83 -28.49 2.45
CA VAL A 125 15.19 -28.38 1.98
C VAL A 125 15.32 -27.33 0.90
N GLY A 126 14.40 -27.37 -0.07
CA GLY A 126 14.36 -26.46 -1.22
C GLY A 126 15.37 -26.94 -2.27
N THR A 127 14.93 -27.09 -3.50
CA THR A 127 15.82 -27.56 -4.57
C THR A 127 15.60 -26.82 -5.87
N CYS A 128 16.45 -27.14 -6.85
CA CYS A 128 16.27 -26.63 -8.20
C CYS A 128 16.23 -27.72 -9.25
N PHE A 129 15.63 -27.38 -10.37
CA PHE A 129 15.66 -28.28 -11.51
C PHE A 129 16.41 -27.65 -12.64
N LEU A 130 17.43 -28.36 -13.10
CA LEU A 130 18.28 -27.91 -14.18
C LEU A 130 17.95 -28.52 -15.52
N GLN A 131 17.63 -27.64 -16.45
CA GLN A 131 17.35 -28.00 -17.81
C GLN A 131 18.59 -27.69 -18.64
N ASP A 132 19.34 -28.72 -19.02
CA ASP A 132 20.58 -28.55 -19.77
C ASP A 132 20.32 -28.95 -21.21
N GLY A 133 19.99 -28.00 -22.09
CA GLY A 133 19.54 -28.49 -23.38
C GLY A 133 18.31 -29.35 -23.10
N THR A 134 18.37 -30.64 -23.45
CA THR A 134 17.27 -31.57 -23.25
C THR A 134 17.46 -32.52 -22.06
N LYS A 135 18.60 -32.41 -21.35
CA LYS A 135 18.91 -33.26 -20.19
C LYS A 135 18.42 -32.64 -18.90
N THR A 136 17.79 -33.44 -18.03
CA THR A 136 17.33 -32.90 -16.76
C THR A 136 18.06 -33.46 -15.56
N VAL A 137 18.48 -32.53 -14.68
CA VAL A 137 19.23 -32.81 -13.45
C VAL A 137 18.63 -32.18 -12.18
N GLU A 138 18.53 -32.96 -11.10
CA GLU A 138 18.07 -32.47 -9.80
C GLU A 138 19.23 -31.80 -9.06
N TYR A 139 19.10 -30.53 -8.72
CA TYR A 139 20.15 -29.81 -8.02
C TYR A 139 19.74 -29.61 -6.57
N ALA A 140 20.34 -30.37 -5.66
CA ALA A 140 19.92 -30.25 -4.29
C ALA A 140 20.98 -30.57 -3.25
N PRO A 141 22.12 -29.83 -3.16
CA PRO A 141 23.21 -30.06 -2.21
C PRO A 141 22.72 -29.90 -0.78
N CYS A 142 21.58 -29.22 -0.68
CA CYS A 142 20.90 -28.93 0.56
C CYS A 142 20.33 -30.23 1.18
N ARG A 143 20.15 -31.27 0.36
CA ARG A 143 19.67 -32.58 0.82
C ARG A 143 20.86 -33.44 1.16
N SER A 144 20.90 -33.86 2.42
CA SER A 144 22.01 -34.61 2.95
C SER A 144 21.54 -35.34 4.18
N GLN A 145 22.46 -36.03 4.87
CA GLN A 145 22.17 -36.72 6.11
C GLN A 145 21.83 -35.72 7.23
N ASP A 146 22.11 -34.43 7.00
CA ASP A 146 21.82 -33.37 7.97
C ASP A 146 20.35 -33.02 7.80
N ILE A 147 19.54 -33.98 8.24
CA ILE A 147 18.11 -34.15 8.13
C ILE A 147 17.17 -33.08 8.68
N ASP A 148 17.54 -32.26 9.65
CA ASP A 148 16.56 -31.31 10.19
C ASP A 148 17.02 -29.85 10.26
N ALA A 149 16.34 -29.07 11.13
CA ALA A 149 16.58 -27.65 11.38
C ALA A 149 17.98 -27.37 11.93
N ASP A 150 18.59 -28.34 12.63
CA ASP A 150 19.92 -28.15 13.20
C ASP A 150 20.87 -28.18 12.03
N GLY A 151 20.51 -29.05 11.10
CA GLY A 151 21.21 -29.30 9.86
C GLY A 151 20.70 -28.48 8.66
N GLN A 152 20.71 -29.13 7.49
CA GLN A 152 20.35 -28.53 6.21
C GLN A 152 18.91 -28.84 5.81
N GLY A 153 18.18 -29.55 6.68
CA GLY A 153 16.82 -29.99 6.40
C GLY A 153 15.91 -28.82 6.09
N PHE A 154 16.19 -27.68 6.70
CA PHE A 154 15.42 -26.47 6.49
C PHE A 154 16.06 -25.46 5.58
N CYS A 155 17.03 -25.84 4.76
CA CYS A 155 17.64 -24.79 3.93
C CYS A 155 16.65 -23.98 3.11
N GLN A 156 15.62 -24.60 2.58
CA GLN A 156 14.73 -23.91 1.67
C GLN A 156 15.52 -23.28 0.53
N GLY A 157 16.44 -24.05 -0.03
CA GLY A 157 17.25 -23.61 -1.13
C GLY A 157 16.30 -23.17 -2.22
N GLY A 158 16.49 -21.97 -2.72
CA GLY A 158 15.62 -21.49 -3.78
C GLY A 158 14.98 -20.12 -3.60
N PHE A 159 15.17 -19.45 -2.47
CA PHE A 159 14.57 -18.11 -2.38
C PHE A 159 15.33 -17.10 -3.18
N SER A 160 16.59 -17.36 -3.40
CA SER A 160 17.39 -16.46 -4.18
C SER A 160 18.34 -17.21 -5.02
N ILE A 161 18.64 -16.64 -6.18
CA ILE A 161 19.52 -17.31 -7.09
C ILE A 161 20.31 -16.39 -7.99
N ASP A 162 21.46 -16.89 -8.39
CA ASP A 162 22.27 -16.21 -9.39
C ASP A 162 23.28 -17.19 -9.99
N PHE A 163 24.06 -16.68 -10.93
CA PHE A 163 25.19 -17.41 -11.46
C PHE A 163 26.40 -16.51 -11.49
N THR A 164 27.57 -17.08 -11.36
CA THR A 164 28.79 -16.28 -11.46
C THR A 164 29.22 -16.19 -12.87
N LYS A 165 30.16 -15.29 -13.12
CA LYS A 165 30.83 -15.27 -14.40
C LYS A 165 31.31 -16.69 -14.58
N ALA A 166 31.34 -17.16 -15.82
CA ALA A 166 31.67 -18.55 -16.16
C ALA A 166 30.48 -19.45 -15.79
N ASP A 167 30.59 -20.33 -14.81
CA ASP A 167 29.47 -21.21 -14.57
C ASP A 167 29.06 -21.63 -13.13
N ARG A 168 29.39 -20.88 -12.07
CA ARG A 168 28.96 -21.36 -10.75
C ARG A 168 27.52 -20.97 -10.43
N VAL A 169 26.82 -21.87 -9.76
CA VAL A 169 25.44 -21.64 -9.34
C VAL A 169 25.37 -21.19 -7.90
N LEU A 170 24.63 -20.11 -7.67
CA LEU A 170 24.42 -19.59 -6.34
C LEU A 170 23.00 -19.87 -5.87
N LEU A 171 22.85 -20.74 -4.89
CA LEU A 171 21.53 -21.11 -4.38
C LEU A 171 21.36 -20.66 -2.94
N GLY A 172 20.51 -19.68 -2.70
CA GLY A 172 20.37 -19.24 -1.33
C GLY A 172 19.44 -20.20 -0.61
N GLY A 173 19.77 -20.55 0.63
CA GLY A 173 18.99 -21.44 1.48
C GLY A 173 18.85 -20.86 2.88
N PRO A 174 18.00 -19.83 3.06
CA PRO A 174 17.82 -18.99 4.25
C PRO A 174 17.33 -19.74 5.47
N GLY A 175 16.78 -20.91 5.31
CA GLY A 175 16.26 -21.58 6.49
C GLY A 175 17.27 -22.50 7.18
N SER A 176 18.47 -22.62 6.60
CA SER A 176 19.51 -23.54 7.10
C SER A 176 20.00 -23.25 8.51
N PHE A 177 20.29 -24.29 9.28
CA PHE A 177 20.84 -24.11 10.62
C PHE A 177 19.96 -23.20 11.46
N TYR A 178 18.71 -23.59 11.67
CA TYR A 178 17.76 -22.78 12.45
C TYR A 178 17.59 -21.39 11.90
N TRP A 179 17.39 -21.31 10.59
CA TRP A 179 17.19 -20.07 9.89
C TRP A 179 18.32 -19.05 9.99
N GLN A 180 19.55 -19.48 10.30
CA GLN A 180 20.70 -18.60 10.20
C GLN A 180 20.88 -18.32 8.71
N GLY A 181 20.65 -19.36 7.94
CA GLY A 181 20.78 -19.39 6.51
C GLY A 181 22.10 -19.93 6.02
N GLN A 182 22.17 -20.08 4.72
CA GLN A 182 23.29 -20.66 4.04
C GLN A 182 23.27 -20.31 2.56
N LEU A 183 24.43 -19.99 2.03
CA LEU A 183 24.53 -19.86 0.59
C LEU A 183 25.24 -21.08 0.09
N ILE A 184 24.60 -21.78 -0.82
CA ILE A 184 25.09 -23.00 -1.42
C ILE A 184 25.67 -22.71 -2.79
N SER A 185 26.90 -23.15 -3.04
CA SER A 185 27.45 -22.87 -4.36
C SER A 185 28.27 -23.99 -4.96
N ASP A 186 27.99 -24.25 -6.23
CA ASP A 186 28.60 -25.34 -6.96
C ASP A 186 28.79 -25.02 -8.42
N GLN A 187 29.72 -25.69 -9.09
CA GLN A 187 29.84 -25.51 -10.53
C GLN A 187 28.69 -26.26 -11.21
N VAL A 188 27.93 -25.61 -12.09
CA VAL A 188 26.79 -26.34 -12.68
C VAL A 188 27.26 -27.57 -13.45
N ALA A 189 28.45 -27.51 -14.03
CA ALA A 189 29.02 -28.61 -14.77
C ALA A 189 29.20 -29.86 -13.92
N GLU A 190 29.56 -29.69 -12.63
CA GLU A 190 29.78 -30.85 -11.77
C GLU A 190 28.42 -31.43 -11.44
N ILE A 191 27.46 -30.54 -11.24
CA ILE A 191 26.11 -30.96 -10.89
C ILE A 191 25.55 -31.84 -11.98
N VAL A 192 25.75 -31.43 -13.21
CA VAL A 192 25.25 -32.22 -14.31
C VAL A 192 25.97 -33.57 -14.46
N SER A 193 27.31 -33.54 -14.43
CA SER A 193 28.14 -34.73 -14.62
C SER A 193 28.12 -35.78 -13.50
N LYS A 194 28.06 -35.37 -12.24
CA LYS A 194 28.14 -36.31 -11.13
C LYS A 194 26.79 -36.77 -10.58
N TYR A 195 25.70 -36.35 -11.20
CA TYR A 195 24.36 -36.70 -10.74
C TYR A 195 24.00 -38.16 -10.96
N ASP A 196 23.49 -38.79 -9.89
CA ASP A 196 23.02 -40.16 -9.88
C ASP A 196 21.60 -40.19 -9.32
N PRO A 197 20.55 -40.42 -10.14
CA PRO A 197 19.14 -40.40 -9.77
C PRO A 197 18.75 -41.33 -8.62
N ASN A 198 19.57 -42.33 -8.30
CA ASN A 198 19.18 -43.22 -7.21
C ASN A 198 19.72 -42.75 -5.86
N VAL A 199 20.40 -41.61 -5.87
CA VAL A 199 21.02 -41.00 -4.71
C VAL A 199 20.51 -39.57 -4.56
N TYR A 200 19.92 -39.24 -3.43
CA TYR A 200 19.39 -37.89 -3.31
C TYR A 200 20.26 -37.03 -2.42
N SER A 201 21.39 -37.59 -2.05
CA SER A 201 22.38 -37.01 -1.15
C SER A 201 23.75 -36.93 -1.81
N ILE A 202 23.77 -36.54 -3.07
CA ILE A 202 25.01 -36.39 -3.80
C ILE A 202 25.82 -35.19 -3.31
N LYS A 203 27.09 -35.41 -3.00
CA LYS A 203 27.96 -34.33 -2.55
C LYS A 203 28.83 -33.96 -3.73
N TYR A 204 29.20 -32.69 -3.86
CA TYR A 204 30.05 -32.32 -4.98
C TYR A 204 31.43 -31.89 -4.48
N ASN A 205 32.47 -32.19 -5.26
CA ASN A 205 33.86 -31.91 -4.89
C ASN A 205 34.18 -30.44 -4.78
N ASN A 206 33.52 -29.62 -5.60
CA ASN A 206 33.77 -28.19 -5.57
C ASN A 206 32.71 -27.46 -4.76
N GLN A 207 31.90 -28.20 -4.01
CA GLN A 207 30.82 -27.61 -3.25
C GLN A 207 31.30 -26.69 -2.15
N LEU A 208 30.75 -25.49 -2.14
CA LEU A 208 31.01 -24.50 -1.12
C LEU A 208 29.74 -24.24 -0.35
N ALA A 209 29.85 -23.91 0.92
CA ALA A 209 28.64 -23.46 1.59
C ALA A 209 29.00 -22.66 2.82
N THR A 210 28.15 -21.69 3.14
CA THR A 210 28.33 -20.93 4.36
C THR A 210 28.31 -21.92 5.52
N ARG A 211 29.29 -21.82 6.40
CA ARG A 211 29.40 -22.70 7.56
C ARG A 211 28.36 -22.37 8.60
N THR A 212 28.02 -23.34 9.44
CA THR A 212 27.08 -23.10 10.52
C THR A 212 27.63 -22.02 11.43
N ALA A 213 26.77 -21.08 11.82
CA ALA A 213 27.16 -19.96 12.67
C ALA A 213 26.69 -20.18 14.09
N GLN A 214 27.15 -19.28 14.95
CA GLN A 214 26.77 -19.23 16.35
C GLN A 214 25.28 -18.94 16.45
N ALA A 215 24.68 -19.30 17.60
CA ALA A 215 23.25 -19.05 17.90
C ALA A 215 22.89 -17.57 17.81
N ILE A 216 23.93 -16.74 17.86
CA ILE A 216 23.87 -15.30 17.77
C ILE A 216 23.14 -14.90 16.50
N PHE A 217 23.28 -15.71 15.46
CA PHE A 217 22.72 -15.46 14.16
C PHE A 217 21.45 -16.25 13.87
N ASP A 218 20.81 -16.83 14.88
CA ASP A 218 19.59 -17.58 14.62
C ASP A 218 18.56 -16.66 13.97
N ASP A 219 17.75 -17.23 13.10
CA ASP A 219 16.71 -16.48 12.37
C ASP A 219 17.25 -15.27 11.56
N SER A 220 18.39 -15.40 10.86
CA SER A 220 18.95 -14.27 10.09
C SER A 220 18.59 -14.31 8.59
N TYR A 221 18.31 -15.51 8.09
CA TYR A 221 17.94 -15.84 6.72
C TYR A 221 18.94 -15.58 5.60
N LEU A 222 20.20 -15.99 5.78
CA LEU A 222 21.15 -15.82 4.70
C LEU A 222 20.76 -16.70 3.54
N GLY A 223 20.45 -16.06 2.42
CA GLY A 223 19.97 -16.80 1.26
C GLY A 223 18.60 -16.34 0.78
N TYR A 224 18.04 -15.33 1.46
CA TYR A 224 16.78 -14.70 1.08
C TYR A 224 16.91 -14.02 -0.30
N SER A 225 18.09 -13.45 -0.54
CA SER A 225 18.41 -12.69 -1.77
C SER A 225 19.89 -12.87 -2.11
N VAL A 226 20.25 -12.96 -3.40
CA VAL A 226 21.66 -13.12 -3.74
C VAL A 226 22.00 -12.47 -5.09
N ALA A 227 23.23 -12.01 -5.22
CA ALA A 227 23.79 -11.40 -6.44
C ALA A 227 25.27 -11.72 -6.54
N VAL A 228 25.89 -11.42 -7.68
CA VAL A 228 27.33 -11.66 -7.81
C VAL A 228 28.10 -10.45 -8.32
N GLY A 229 29.40 -10.46 -8.10
CA GLY A 229 30.23 -9.39 -8.67
C GLY A 229 31.69 -9.40 -8.21
N ASP A 230 32.49 -8.57 -8.84
CA ASP A 230 33.92 -8.46 -8.57
C ASP A 230 34.26 -7.55 -7.38
N PHE A 231 33.86 -8.02 -6.22
CA PHE A 231 34.03 -7.30 -4.97
C PHE A 231 35.46 -7.41 -4.39
N ASN A 232 36.01 -8.64 -4.31
CA ASN A 232 37.37 -8.81 -3.78
C ASN A 232 38.40 -8.61 -4.89
N GLY A 233 38.43 -7.42 -5.45
CA GLY A 233 39.27 -7.11 -6.59
C GLY A 233 38.92 -7.96 -7.82
N ASP A 234 39.92 -8.58 -8.44
CA ASP A 234 39.73 -9.39 -9.66
C ASP A 234 39.52 -10.90 -9.38
N GLY A 235 39.53 -11.71 -10.45
CA GLY A 235 39.30 -13.13 -10.30
C GLY A 235 37.81 -13.46 -10.34
N ILE A 236 37.44 -14.60 -9.77
CA ILE A 236 36.06 -15.07 -9.81
C ILE A 236 35.15 -14.13 -9.04
N ASP A 237 33.93 -13.97 -9.54
CA ASP A 237 32.91 -13.16 -8.88
C ASP A 237 32.63 -13.68 -7.49
N ASP A 238 32.39 -12.76 -6.57
CA ASP A 238 32.08 -13.12 -5.22
C ASP A 238 30.60 -13.28 -5.09
N PHE A 239 30.17 -13.65 -3.90
CA PHE A 239 28.76 -13.87 -3.69
C PHE A 239 28.18 -12.83 -2.74
N VAL A 240 27.15 -12.14 -3.20
CA VAL A 240 26.49 -11.10 -2.42
C VAL A 240 25.29 -11.71 -1.74
N SER A 241 25.34 -11.93 -0.44
CA SER A 241 24.24 -12.62 0.23
C SER A 241 23.44 -11.74 1.17
N GLY A 242 22.15 -11.64 0.92
CA GLY A 242 21.33 -10.85 1.81
C GLY A 242 20.94 -11.69 2.99
N VAL A 243 21.05 -11.09 4.17
CA VAL A 243 20.70 -11.73 5.42
C VAL A 243 19.82 -10.75 6.24
N PRO A 244 18.54 -10.57 5.87
CA PRO A 244 17.61 -9.55 6.36
C PRO A 244 17.38 -9.44 7.87
N ARG A 245 17.58 -10.52 8.64
CA ARG A 245 17.33 -10.37 10.07
C ARG A 245 18.61 -10.41 10.91
N ALA A 246 19.76 -10.31 10.23
CA ALA A 246 21.05 -10.27 10.90
C ALA A 246 21.15 -8.94 11.61
N ALA A 247 22.08 -8.81 12.55
CA ALA A 247 22.24 -7.55 13.27
C ALA A 247 20.94 -7.15 13.96
N ARG A 248 20.35 -8.09 14.69
CA ARG A 248 19.15 -7.84 15.48
C ARG A 248 17.98 -7.31 14.69
N THR A 249 17.62 -7.94 13.56
CA THR A 249 16.48 -7.51 12.75
C THR A 249 16.74 -6.28 11.88
N LEU A 250 17.91 -5.65 11.99
CA LEU A 250 18.25 -4.52 11.12
C LEU A 250 18.55 -5.04 9.72
N GLY A 251 19.18 -6.20 9.66
CA GLY A 251 19.61 -6.87 8.46
C GLY A 251 21.04 -6.56 8.08
N MET A 252 21.66 -7.54 7.43
CA MET A 252 23.02 -7.42 6.93
C MET A 252 23.17 -8.04 5.59
N VAL A 253 24.18 -7.60 4.88
CA VAL A 253 24.55 -8.21 3.63
C VAL A 253 26.00 -8.58 3.71
N TYR A 254 26.26 -9.83 3.41
CA TYR A 254 27.59 -10.35 3.51
C TYR A 254 28.14 -10.64 2.14
N ILE A 255 29.39 -10.30 1.92
CA ILE A 255 29.95 -10.64 0.65
C ILE A 255 30.97 -11.72 0.95
N TYR A 256 30.83 -12.86 0.30
CA TYR A 256 31.73 -13.99 0.54
C TYR A 256 32.65 -14.19 -0.63
N ASP A 257 33.89 -14.54 -0.37
CA ASP A 257 34.81 -14.77 -1.48
C ASP A 257 34.24 -15.87 -2.37
N GLY A 258 34.16 -15.64 -3.67
CA GLY A 258 33.56 -16.64 -4.55
C GLY A 258 34.21 -18.03 -4.40
N LYS A 259 35.51 -18.06 -4.08
CA LYS A 259 36.27 -19.29 -3.94
C LYS A 259 36.22 -19.94 -2.54
N ASN A 260 35.73 -19.23 -1.54
CA ASN A 260 35.77 -19.70 -0.16
C ASN A 260 34.79 -18.98 0.75
N MET A 261 33.88 -19.71 1.37
CA MET A 261 32.85 -19.08 2.19
C MET A 261 33.34 -18.54 3.54
N SER A 262 33.97 -17.39 3.42
CA SER A 262 34.55 -16.58 4.47
C SER A 262 34.24 -15.13 4.10
N SER A 263 33.63 -14.40 5.03
CA SER A 263 33.20 -13.04 4.75
C SER A 263 34.35 -12.09 4.38
N LEU A 264 34.09 -11.29 3.35
CA LEU A 264 34.96 -10.23 2.82
C LEU A 264 34.49 -8.87 3.29
N TYR A 265 33.19 -8.64 3.08
CA TYR A 265 32.58 -7.36 3.40
C TYR A 265 31.28 -7.61 4.17
N ASN A 266 30.89 -6.62 4.98
CA ASN A 266 29.68 -6.66 5.79
C ASN A 266 28.94 -5.32 5.78
N PHE A 267 27.72 -5.28 5.26
CA PHE A 267 26.96 -4.03 5.19
C PHE A 267 25.73 -4.18 6.08
N THR A 268 25.24 -3.10 6.69
CA THR A 268 24.02 -3.27 7.50
C THR A 268 22.99 -2.15 7.37
N GLY A 269 21.76 -2.47 7.74
CA GLY A 269 20.65 -1.54 7.73
C GLY A 269 20.67 -0.65 8.97
N GLU A 270 19.99 0.49 8.87
CA GLU A 270 19.89 1.44 9.95
C GLU A 270 18.61 1.28 10.79
N GLN A 271 17.59 0.59 10.25
CA GLN A 271 16.31 0.51 10.95
C GLN A 271 15.72 -0.88 11.03
N MET A 272 15.12 -1.13 12.20
CA MET A 272 14.49 -2.41 12.51
C MET A 272 13.37 -2.76 11.60
N ALA A 273 13.44 -3.99 11.12
CA ALA A 273 12.47 -4.61 10.25
C ALA A 273 12.42 -3.95 8.88
N ALA A 274 13.41 -3.11 8.52
CA ALA A 274 13.49 -2.52 7.17
C ALA A 274 13.65 -3.64 6.14
N TYR A 275 14.28 -4.71 6.59
CA TYR A 275 14.55 -5.93 5.85
C TYR A 275 15.67 -5.65 4.85
N PHE A 276 16.80 -5.20 5.38
CA PHE A 276 17.98 -4.91 4.59
C PHE A 276 18.55 -6.20 4.10
N GLY A 277 18.34 -6.47 2.83
CA GLY A 277 18.73 -7.74 2.26
C GLY A 277 17.57 -8.37 1.50
N PHE A 278 16.39 -7.74 1.47
CA PHE A 278 15.29 -8.31 0.67
C PHE A 278 15.77 -8.47 -0.77
N SER A 279 16.40 -7.42 -1.26
CA SER A 279 16.88 -7.46 -2.63
C SER A 279 18.30 -7.04 -2.74
N VAL A 280 19.16 -7.96 -3.13
CA VAL A 280 20.54 -7.57 -3.26
C VAL A 280 20.84 -7.70 -4.72
N ALA A 281 21.47 -6.67 -5.25
CA ALA A 281 21.83 -6.63 -6.65
C ALA A 281 23.18 -5.97 -6.77
N ALA A 282 23.87 -6.24 -7.86
CA ALA A 282 25.16 -5.61 -8.02
C ALA A 282 25.33 -5.15 -9.44
N THR A 283 26.05 -4.04 -9.59
CA THR A 283 26.35 -3.45 -10.90
C THR A 283 27.45 -2.42 -10.85
N ASP A 284 28.15 -2.25 -11.96
CA ASP A 284 29.18 -1.21 -12.12
C ASP A 284 28.59 0.16 -12.53
N ILE A 285 27.93 0.79 -11.57
CA ILE A 285 27.12 2.00 -11.81
C ILE A 285 27.90 3.19 -12.35
N ASN A 286 29.18 3.31 -11.98
CA ASN A 286 29.97 4.46 -12.38
C ASN A 286 30.64 4.29 -13.74
N GLY A 287 30.49 3.11 -14.33
CA GLY A 287 31.14 2.83 -15.62
C GLY A 287 32.66 2.64 -15.48
N ASP A 288 33.16 2.28 -14.28
CA ASP A 288 34.57 2.12 -13.96
C ASP A 288 35.04 0.68 -13.77
N ASP A 289 34.23 -0.25 -14.26
CA ASP A 289 34.44 -1.70 -14.21
C ASP A 289 34.50 -2.37 -12.82
N TYR A 290 33.79 -1.85 -11.81
CA TYR A 290 33.72 -2.56 -10.52
C TYR A 290 32.30 -2.61 -10.01
N ALA A 291 31.79 -3.79 -9.70
CA ALA A 291 30.43 -3.89 -9.17
C ALA A 291 30.27 -3.25 -7.81
N ASP A 292 29.15 -2.57 -7.62
CA ASP A 292 28.77 -1.99 -6.35
C ASP A 292 27.70 -2.89 -5.79
N VAL A 293 27.20 -2.62 -4.59
CA VAL A 293 26.10 -3.45 -4.15
C VAL A 293 24.95 -2.54 -3.69
N PHE A 294 23.77 -2.81 -4.23
CA PHE A 294 22.58 -2.03 -3.94
C PHE A 294 21.64 -2.90 -3.14
N ILE A 295 21.36 -2.49 -1.90
CA ILE A 295 20.54 -3.34 -1.05
C ILE A 295 19.17 -2.79 -0.79
N GLY A 296 18.16 -3.53 -1.20
CA GLY A 296 16.80 -3.14 -0.95
C GLY A 296 16.44 -3.54 0.46
N ALA A 297 15.75 -2.62 1.12
CA ALA A 297 15.17 -2.70 2.44
C ALA A 297 13.73 -2.16 2.38
N PRO A 298 12.78 -2.92 1.79
CA PRO A 298 11.41 -2.53 1.45
C PRO A 298 10.51 -2.04 2.57
N LEU A 299 10.80 -2.38 3.80
CA LEU A 299 9.93 -1.93 4.88
C LEU A 299 10.52 -0.71 5.54
N PHE A 300 11.59 -0.16 4.99
CA PHE A 300 12.22 0.99 5.59
C PHE A 300 11.27 2.12 5.89
N MET A 301 11.37 2.58 7.14
CA MET A 301 10.60 3.69 7.69
C MET A 301 11.39 4.98 7.65
N ASP A 302 10.98 5.91 6.82
CA ASP A 302 11.70 7.18 6.69
C ASP A 302 11.08 8.20 7.61
N ARG A 303 11.60 9.42 7.66
CA ARG A 303 10.99 10.47 8.48
C ARG A 303 10.53 11.64 7.61
N GLY A 304 9.24 11.94 7.70
CA GLY A 304 8.67 13.02 6.92
C GLY A 304 8.91 14.37 7.57
N SER A 305 8.38 15.42 6.94
CA SER A 305 8.55 16.79 7.44
C SER A 305 7.88 17.04 8.79
N ASP A 306 6.93 16.19 9.14
CA ASP A 306 6.20 16.26 10.39
C ASP A 306 6.71 15.25 11.42
N GLY A 307 7.83 14.59 11.14
CA GLY A 307 8.40 13.61 12.04
C GLY A 307 7.74 12.23 11.96
N LYS A 308 6.76 12.07 11.05
CA LYS A 308 6.05 10.81 10.90
C LYS A 308 6.93 9.74 10.30
N LEU A 309 6.73 8.50 10.76
CA LEU A 309 7.42 7.37 10.17
C LEU A 309 6.65 6.90 8.96
N GLN A 310 7.33 6.93 7.84
CA GLN A 310 6.73 6.60 6.57
C GLN A 310 7.33 5.37 5.93
N GLU A 311 6.51 4.35 5.75
CA GLU A 311 7.01 3.13 5.16
C GLU A 311 7.13 3.36 3.68
N VAL A 312 8.34 3.49 3.20
CA VAL A 312 8.52 3.80 1.79
C VAL A 312 9.41 2.82 1.06
N GLY A 313 10.29 2.17 1.83
CA GLY A 313 11.26 1.27 1.26
C GLY A 313 12.53 2.03 0.90
N GLN A 314 13.65 1.39 1.17
CA GLN A 314 14.95 1.98 0.90
C GLN A 314 15.85 1.14 0.04
N VAL A 315 16.67 1.80 -0.75
CA VAL A 315 17.72 1.10 -1.44
C VAL A 315 19.04 1.73 -1.02
N SER A 316 19.81 0.94 -0.30
CA SER A 316 21.04 1.39 0.27
C SER A 316 22.15 1.14 -0.70
N VAL A 317 22.82 2.19 -1.08
CA VAL A 317 23.85 2.07 -2.07
C VAL A 317 25.25 2.13 -1.50
N SER A 318 25.99 1.05 -1.67
CA SER A 318 27.36 0.96 -1.23
C SER A 318 28.24 0.97 -2.48
N LEU A 319 28.97 2.07 -2.68
CA LEU A 319 29.80 2.27 -3.87
C LEU A 319 31.24 1.86 -3.60
N GLN A 320 31.73 0.93 -4.42
CA GLN A 320 33.04 0.32 -4.26
C GLN A 320 34.21 1.20 -4.60
N ARG A 321 35.27 1.02 -3.82
CA ARG A 321 36.54 1.69 -4.01
C ARG A 321 37.64 0.64 -3.96
N ALA A 322 38.80 0.95 -4.54
CA ALA A 322 39.92 0.00 -4.59
C ALA A 322 40.34 -0.48 -3.20
N SER A 323 40.22 0.38 -2.20
CA SER A 323 40.59 0.09 -0.83
C SER A 323 39.59 -0.78 -0.08
N GLY A 324 38.41 -1.01 -0.67
CA GLY A 324 37.35 -1.77 -0.01
C GLY A 324 36.51 -0.87 0.90
N ASP A 325 36.82 0.42 0.90
CA ASP A 325 36.12 1.42 1.71
C ASP A 325 34.92 1.94 0.91
N PHE A 326 33.74 1.41 1.21
CA PHE A 326 32.56 1.73 0.42
C PHE A 326 31.94 3.07 0.83
N GLN A 327 31.55 3.82 -0.18
CA GLN A 327 30.95 5.13 0.01
C GLN A 327 29.46 4.96 -0.06
N THR A 328 28.65 5.88 0.47
CA THR A 328 27.23 5.55 0.38
C THR A 328 26.24 6.68 0.21
N THR A 329 25.17 6.31 -0.49
CA THR A 329 24.01 7.17 -0.74
C THR A 329 22.75 6.34 -0.46
N LYS A 330 21.60 6.99 -0.39
CA LYS A 330 20.37 6.22 -0.18
C LYS A 330 19.29 6.66 -1.15
N LEU A 331 18.57 5.70 -1.70
CA LEU A 331 17.42 5.99 -2.52
C LEU A 331 16.21 5.63 -1.66
N ASN A 332 15.11 6.33 -1.78
CA ASN A 332 13.94 5.97 -0.97
C ASN A 332 12.66 6.11 -1.77
N GLY A 333 11.65 5.32 -1.42
CA GLY A 333 10.36 5.44 -2.06
C GLY A 333 9.73 6.78 -1.73
N PHE A 334 8.72 7.13 -2.50
CA PHE A 334 8.08 8.41 -2.31
C PHE A 334 6.74 8.28 -1.59
N GLU A 335 6.04 7.20 -1.88
CA GLU A 335 4.69 6.95 -1.38
C GLU A 335 4.69 6.00 -0.21
N VAL A 336 3.70 6.13 0.67
CA VAL A 336 3.64 5.23 1.80
C VAL A 336 3.05 3.87 1.42
N PHE A 337 3.76 2.85 1.88
CA PHE A 337 3.62 1.41 1.68
C PHE A 337 4.07 1.01 0.28
N ALA A 338 4.66 1.94 -0.48
CA ALA A 338 5.16 1.65 -1.81
C ALA A 338 6.56 1.10 -1.67
N ARG A 339 6.65 -0.15 -1.27
CA ARG A 339 7.89 -0.77 -0.82
C ARG A 339 9.01 -0.89 -1.85
N PHE A 340 9.64 0.25 -2.11
CA PHE A 340 10.73 0.58 -3.03
C PHE A 340 11.92 -0.38 -2.98
N GLY A 341 12.18 -0.93 -1.83
CA GLY A 341 13.33 -1.82 -1.69
C GLY A 341 13.01 -3.25 -2.16
N SER A 342 11.78 -3.50 -2.62
CA SER A 342 11.41 -4.86 -3.02
C SER A 342 12.27 -5.40 -4.14
N ALA A 343 12.61 -4.59 -5.13
CA ALA A 343 13.49 -5.20 -6.11
C ALA A 343 14.40 -4.23 -6.83
N ILE A 344 15.63 -4.66 -6.94
CA ILE A 344 16.62 -3.93 -7.70
C ILE A 344 17.13 -4.84 -8.78
N ALA A 345 17.15 -4.38 -10.01
CA ALA A 345 17.72 -5.25 -11.01
C ALA A 345 18.41 -4.47 -12.10
N PRO A 346 19.44 -5.06 -12.73
CA PRO A 346 20.18 -4.52 -13.85
C PRO A 346 19.28 -4.11 -14.97
N LEU A 347 19.62 -2.97 -15.54
CA LEU A 347 18.94 -2.42 -16.68
C LEU A 347 20.07 -2.45 -17.68
N GLY A 348 21.29 -2.30 -17.19
CA GLY A 348 22.42 -2.22 -18.11
C GLY A 348 22.50 -0.78 -18.54
N ASP A 349 23.03 -0.51 -19.70
CA ASP A 349 23.24 0.84 -20.17
C ASP A 349 22.02 1.39 -20.93
N LEU A 350 21.07 1.97 -20.20
CA LEU A 350 19.78 2.33 -20.80
C LEU A 350 19.91 3.32 -21.95
N ASP A 351 20.96 4.15 -21.97
CA ASP A 351 21.16 5.13 -23.02
C ASP A 351 22.36 4.78 -23.88
N GLN A 352 22.95 3.61 -23.62
CA GLN A 352 24.23 3.26 -24.26
C GLN A 352 25.23 4.42 -24.12
N ASP A 353 25.36 4.96 -22.90
CA ASP A 353 26.23 6.09 -22.59
C ASP A 353 27.49 5.72 -21.81
N GLY A 354 27.79 4.43 -21.75
CA GLY A 354 28.95 3.95 -21.01
C GLY A 354 28.66 3.58 -19.54
N PHE A 355 27.45 3.82 -19.05
CA PHE A 355 27.16 3.51 -17.65
C PHE A 355 26.20 2.35 -17.47
N ASN A 356 26.56 1.39 -16.64
CA ASN A 356 25.66 0.29 -16.34
C ASN A 356 24.68 0.83 -15.31
N ASP A 357 23.41 0.48 -15.37
CA ASP A 357 22.49 0.93 -14.35
C ASP A 357 21.41 -0.10 -14.04
N ILE A 358 20.51 0.25 -13.13
CA ILE A 358 19.42 -0.54 -12.61
C ILE A 358 18.07 0.17 -12.64
N ALA A 359 17.05 -0.59 -12.29
CA ALA A 359 15.72 -0.05 -12.07
C ALA A 359 15.24 -0.51 -10.69
N ILE A 360 14.44 0.35 -10.02
CA ILE A 360 13.93 0.00 -8.68
C ILE A 360 12.42 -0.22 -8.60
N ALA A 361 12.02 -1.34 -8.04
CA ALA A 361 10.59 -1.62 -7.86
C ALA A 361 10.04 -1.23 -6.52
N ALA A 362 8.87 -0.60 -6.60
CA ALA A 362 8.00 -0.22 -5.49
C ALA A 362 6.62 -0.80 -5.82
N PRO A 363 6.44 -2.12 -5.67
CA PRO A 363 5.33 -2.96 -6.11
C PRO A 363 3.98 -2.62 -5.55
N TYR A 364 3.94 -1.90 -4.46
CA TYR A 364 2.67 -1.55 -3.88
C TYR A 364 2.37 -0.06 -3.99
N GLY A 365 3.09 0.65 -4.86
CA GLY A 365 2.82 2.08 -5.02
C GLY A 365 1.76 2.40 -6.08
N GLY A 366 1.41 3.69 -6.14
CA GLY A 366 0.46 4.29 -7.07
C GLY A 366 -0.97 4.33 -6.52
N GLU A 367 -1.74 5.32 -6.95
CA GLU A 367 -3.15 5.34 -6.56
C GLU A 367 -3.69 4.11 -7.26
N ASP A 368 -4.35 3.19 -6.53
CA ASP A 368 -4.70 1.91 -7.13
C ASP A 368 -3.33 1.23 -7.20
N LYS A 369 -2.94 0.66 -6.06
CA LYS A 369 -1.57 0.20 -5.80
C LYS A 369 -1.09 -0.96 -6.64
N LYS A 370 -0.83 -0.65 -7.90
CA LYS A 370 -0.40 -1.57 -8.95
C LYS A 370 1.11 -1.84 -8.97
N GLY A 371 1.91 -0.92 -8.44
CA GLY A 371 3.36 -1.04 -8.47
C GLY A 371 4.03 -0.15 -9.51
N ILE A 372 5.09 0.52 -9.05
CA ILE A 372 5.89 1.47 -9.83
C ILE A 372 7.36 1.08 -9.92
N VAL A 373 7.93 1.08 -11.13
CA VAL A 373 9.36 0.79 -11.31
C VAL A 373 10.12 2.04 -11.76
N TYR A 374 11.11 2.43 -10.98
CA TYR A 374 11.83 3.67 -11.20
C TYR A 374 13.12 3.53 -12.03
N ILE A 375 13.14 4.20 -13.19
CA ILE A 375 14.25 4.19 -14.12
C ILE A 375 15.03 5.48 -14.16
N PHE A 376 16.31 5.34 -14.01
CA PHE A 376 17.28 6.42 -14.01
C PHE A 376 18.64 5.95 -14.46
N ASN A 377 19.45 6.90 -14.90
CA ASN A 377 20.81 6.66 -15.35
C ASN A 377 21.85 6.64 -14.25
N GLY A 378 22.98 5.99 -14.54
CA GLY A 378 24.11 5.97 -13.65
C GLY A 378 24.92 7.21 -13.89
N ARG A 379 25.79 7.53 -12.95
CA ARG A 379 26.69 8.67 -13.06
C ARG A 379 28.08 8.24 -12.59
N SER A 380 29.13 8.95 -12.98
CA SER A 380 30.49 8.60 -12.57
C SER A 380 30.72 8.66 -11.05
N THR A 381 29.82 9.33 -10.36
CA THR A 381 29.85 9.51 -8.92
C THR A 381 28.70 8.82 -8.17
N GLY A 382 27.94 7.95 -8.84
CA GLY A 382 26.82 7.30 -8.16
C GLY A 382 25.63 7.04 -9.08
N LEU A 383 24.44 7.12 -8.51
CA LEU A 383 23.21 6.84 -9.24
C LEU A 383 22.50 8.16 -9.40
N ASN A 384 21.73 8.33 -10.47
CA ASN A 384 20.84 9.48 -10.54
C ASN A 384 19.62 9.08 -9.76
N ALA A 385 19.51 9.53 -8.52
CA ALA A 385 18.43 9.09 -7.64
C ALA A 385 17.04 9.44 -8.14
N VAL A 386 16.93 10.41 -9.03
CA VAL A 386 15.63 10.84 -9.47
C VAL A 386 15.22 10.14 -10.76
N PRO A 387 14.08 9.42 -10.78
CA PRO A 387 13.65 8.69 -11.94
C PRO A 387 13.39 9.64 -13.08
N SER A 388 13.72 9.21 -14.30
CA SER A 388 13.48 9.97 -15.51
C SER A 388 12.16 9.49 -16.09
N GLN A 389 11.87 8.23 -15.78
CA GLN A 389 10.71 7.50 -16.24
C GLN A 389 10.33 6.43 -15.27
N ILE A 390 9.06 6.10 -15.27
CA ILE A 390 8.65 4.98 -14.46
C ILE A 390 7.83 4.01 -15.29
N LEU A 391 7.85 2.75 -14.90
CA LEU A 391 6.98 1.79 -15.54
C LEU A 391 5.89 1.57 -14.53
N GLU A 392 4.66 1.38 -14.98
CA GLU A 392 3.60 1.12 -14.02
C GLU A 392 2.73 -0.02 -14.45
N GLY A 393 2.19 -0.73 -13.46
CA GLY A 393 1.26 -1.79 -13.75
C GLY A 393 0.01 -1.21 -14.40
N GLN A 394 -0.56 -1.95 -15.35
CA GLN A 394 -1.76 -1.54 -16.05
C GLN A 394 -2.95 -2.40 -15.63
N TRP A 395 -2.78 -3.21 -14.59
CA TRP A 395 -3.83 -4.11 -14.19
C TRP A 395 -4.24 -3.95 -12.74
N ALA A 396 -5.53 -4.00 -12.51
CA ALA A 396 -6.11 -3.89 -11.18
C ALA A 396 -5.95 -5.18 -10.42
N ALA A 397 -5.98 -5.09 -9.11
CA ALA A 397 -5.93 -6.28 -8.30
C ALA A 397 -7.12 -7.17 -8.61
N ARG A 398 -6.88 -8.47 -8.71
CA ARG A 398 -7.97 -9.42 -8.89
C ARG A 398 -8.55 -9.67 -7.50
N SER A 399 -7.59 -9.74 -6.58
CA SER A 399 -7.69 -9.98 -5.16
C SER A 399 -6.52 -9.16 -4.65
N MET A 400 -5.36 -9.78 -4.60
CA MET A 400 -4.14 -9.08 -4.24
C MET A 400 -3.68 -8.32 -5.47
N PRO A 401 -2.95 -7.18 -5.32
CA PRO A 401 -2.41 -6.40 -6.41
C PRO A 401 -1.28 -7.15 -7.09
N PRO A 402 -0.95 -6.82 -8.36
CA PRO A 402 0.10 -7.39 -9.16
C PRO A 402 1.50 -7.29 -8.60
N SER A 403 1.78 -6.29 -7.76
CA SER A 403 3.11 -6.13 -7.19
C SER A 403 4.14 -5.95 -8.31
N PHE A 404 3.88 -5.01 -9.21
CA PHE A 404 4.75 -4.80 -10.34
C PHE A 404 6.19 -4.48 -9.92
N GLY A 405 7.12 -5.23 -10.49
CA GLY A 405 8.53 -5.10 -10.19
C GLY A 405 8.98 -6.00 -9.05
N TYR A 406 8.05 -6.77 -8.44
CA TYR A 406 8.37 -7.71 -7.35
C TYR A 406 9.62 -8.50 -7.70
N SER A 407 9.67 -8.95 -8.94
CA SER A 407 10.76 -9.67 -9.51
C SER A 407 11.18 -8.89 -10.75
N MET A 408 12.47 -8.89 -11.05
CA MET A 408 12.89 -8.14 -12.21
C MET A 408 14.22 -8.60 -12.80
N LYS A 409 14.33 -8.55 -14.11
CA LYS A 409 15.59 -8.78 -14.82
C LYS A 409 15.76 -7.82 -15.98
N GLY A 410 16.99 -7.56 -16.36
CA GLY A 410 17.26 -6.67 -17.48
C GLY A 410 18.71 -6.74 -17.85
N ALA A 411 19.17 -5.70 -18.56
CA ALA A 411 20.53 -5.60 -19.13
C ALA A 411 20.72 -6.62 -20.23
N THR A 412 19.64 -6.82 -20.99
CA THR A 412 19.60 -7.67 -22.15
C THR A 412 18.96 -6.94 -23.33
N ASP A 413 19.63 -7.02 -24.47
CA ASP A 413 19.19 -6.46 -25.74
C ASP A 413 18.35 -7.45 -26.54
N ILE A 414 17.06 -7.51 -26.21
CA ILE A 414 16.18 -8.50 -26.81
C ILE A 414 15.93 -8.20 -28.30
N ASP A 415 15.63 -6.94 -28.62
CA ASP A 415 15.35 -6.53 -29.98
C ASP A 415 16.65 -6.19 -30.71
N LYS A 416 16.55 -5.80 -31.96
CA LYS A 416 17.72 -5.46 -32.78
C LYS A 416 18.60 -4.35 -32.22
N ASN A 417 17.99 -3.36 -31.55
CA ASN A 417 18.73 -2.22 -31.02
C ASN A 417 19.40 -2.58 -29.70
N GLY A 418 20.67 -2.19 -29.51
CA GLY A 418 21.41 -2.52 -28.27
C GLY A 418 21.10 -1.64 -27.07
N TYR A 419 19.83 -1.53 -26.77
CA TYR A 419 19.31 -0.74 -25.66
C TYR A 419 18.46 -1.69 -24.84
N PRO A 420 18.92 -2.07 -23.66
CA PRO A 420 18.32 -3.09 -22.84
C PRO A 420 16.95 -2.76 -22.31
N ASP A 421 16.16 -3.80 -22.16
CA ASP A 421 14.79 -3.74 -21.68
C ASP A 421 14.67 -4.06 -20.19
N LEU A 422 13.44 -4.01 -19.66
CA LEU A 422 13.18 -4.47 -18.30
C LEU A 422 12.05 -5.49 -18.28
N ILE A 423 12.33 -6.63 -17.69
CA ILE A 423 11.32 -7.66 -17.58
C ILE A 423 10.82 -7.49 -16.17
N VAL A 424 9.61 -7.00 -16.05
CA VAL A 424 9.09 -6.72 -14.72
C VAL A 424 7.93 -7.63 -14.41
N GLY A 425 8.07 -8.38 -13.33
CA GLY A 425 7.05 -9.33 -12.95
C GLY A 425 5.89 -8.63 -12.29
N ALA A 426 4.77 -9.33 -12.25
CA ALA A 426 3.54 -8.91 -11.62
C ALA A 426 2.80 -10.15 -11.14
N PHE A 427 3.38 -10.87 -10.18
CA PHE A 427 2.85 -12.17 -9.78
C PHE A 427 1.41 -12.14 -9.29
N GLY A 428 0.93 -11.02 -8.76
CA GLY A 428 -0.43 -10.99 -8.22
C GLY A 428 -1.51 -10.97 -9.32
N VAL A 429 -1.07 -10.80 -10.56
CA VAL A 429 -1.91 -10.75 -11.76
C VAL A 429 -1.57 -11.90 -12.70
N ASP A 430 -0.66 -12.80 -12.30
CA ASP A 430 -0.21 -13.87 -13.18
C ASP A 430 0.39 -13.31 -14.46
N ARG A 431 1.21 -12.28 -14.30
CA ARG A 431 1.77 -11.59 -15.43
C ARG A 431 3.25 -11.15 -15.30
N ALA A 432 3.85 -10.90 -16.47
CA ALA A 432 5.19 -10.33 -16.58
C ALA A 432 5.22 -9.43 -17.82
N ILE A 433 5.86 -8.30 -17.71
CA ILE A 433 5.86 -7.39 -18.84
C ILE A 433 7.25 -6.99 -19.33
N LEU A 434 7.47 -7.09 -20.64
CA LEU A 434 8.74 -6.65 -21.20
C LEU A 434 8.65 -5.23 -21.74
N TYR A 435 9.30 -4.31 -21.06
CA TYR A 435 9.28 -2.91 -21.45
C TYR A 435 10.52 -2.61 -22.26
N ARG A 436 10.30 -2.34 -23.54
CA ARG A 436 11.34 -2.17 -24.55
C ARG A 436 12.02 -0.80 -24.50
N ALA A 437 13.31 -0.77 -24.79
CA ALA A 437 14.04 0.50 -24.84
C ALA A 437 14.33 1.03 -26.24
N ARG A 438 14.16 2.33 -26.36
CA ARG A 438 14.48 3.08 -27.55
C ARG A 438 15.97 3.42 -27.53
N PRO A 439 16.62 3.54 -28.68
CA PRO A 439 17.96 4.03 -28.79
C PRO A 439 18.10 5.42 -28.26
N VAL A 440 19.24 5.75 -27.68
CA VAL A 440 19.44 7.09 -27.18
C VAL A 440 20.63 7.74 -27.84
N ILE A 441 20.36 8.87 -28.45
CA ILE A 441 21.37 9.57 -29.21
C ILE A 441 21.77 10.88 -28.51
N THR A 442 23.05 11.08 -28.32
CA THR A 442 23.53 12.31 -27.73
C THR A 442 23.96 13.16 -28.89
N VAL A 443 23.32 14.30 -29.08
CA VAL A 443 23.67 15.10 -30.23
C VAL A 443 24.41 16.35 -29.85
N ASN A 444 25.65 16.42 -30.28
CA ASN A 444 26.47 17.58 -29.99
C ASN A 444 26.36 18.52 -31.17
N ALA A 445 25.69 19.63 -30.96
CA ALA A 445 25.49 20.58 -32.02
C ALA A 445 26.26 21.83 -31.67
N GLY A 446 26.79 22.48 -32.68
CA GLY A 446 27.53 23.72 -32.42
C GLY A 446 27.23 24.78 -33.46
N LEU A 447 27.27 26.02 -33.02
CA LEU A 447 26.98 27.15 -33.89
C LEU A 447 28.06 28.20 -33.69
N GLU A 448 28.72 28.54 -34.78
CA GLU A 448 29.80 29.52 -34.75
C GLU A 448 29.64 30.59 -35.83
N VAL A 449 30.17 31.77 -35.56
CA VAL A 449 30.17 32.85 -36.55
C VAL A 449 31.59 33.34 -36.71
N TYR A 450 32.10 33.34 -37.94
CA TYR A 450 33.47 33.78 -38.11
C TYR A 450 33.63 35.30 -37.86
N PRO A 451 33.07 36.21 -38.65
CA PRO A 451 33.16 37.63 -38.43
C PRO A 451 32.12 38.00 -37.37
N SER A 452 32.40 37.57 -36.14
CA SER A 452 31.51 37.77 -35.01
C SER A 452 31.32 39.24 -34.72
N ILE A 453 32.27 40.04 -35.17
CA ILE A 453 32.22 41.49 -35.07
C ILE A 453 31.96 42.00 -36.48
N LEU A 454 30.92 42.77 -36.62
CA LEU A 454 30.48 43.25 -37.91
C LEU A 454 30.87 44.70 -38.20
N ASN A 455 31.01 44.98 -39.47
CA ASN A 455 31.29 46.31 -39.98
C ASN A 455 30.36 46.58 -41.16
N GLN A 456 29.43 47.52 -40.98
CA GLN A 456 28.39 47.82 -41.96
C GLN A 456 28.93 48.31 -43.30
N ASP A 457 30.18 48.77 -43.33
CA ASP A 457 30.74 49.29 -44.57
C ASP A 457 31.44 48.21 -45.40
N ASN A 458 31.59 47.02 -44.84
CA ASN A 458 32.32 45.95 -45.54
C ASN A 458 31.41 45.26 -46.53
N LYS A 459 30.96 46.00 -47.52
CA LYS A 459 29.96 45.47 -48.44
C LYS A 459 30.57 44.58 -49.49
N THR A 460 30.85 43.33 -49.12
CA THR A 460 31.54 42.40 -50.00
C THR A 460 30.68 41.28 -50.59
N CYS A 461 29.49 41.01 -50.05
CA CYS A 461 28.68 39.95 -50.62
C CYS A 461 27.76 40.46 -51.70
N SER A 462 27.58 39.72 -52.78
CA SER A 462 26.62 40.18 -53.78
C SER A 462 25.25 39.74 -53.35
N LEU A 463 24.25 40.60 -53.46
CA LEU A 463 22.92 40.13 -53.16
C LEU A 463 22.46 39.56 -54.54
N PRO A 464 22.00 38.31 -54.65
CA PRO A 464 21.63 37.66 -55.91
C PRO A 464 20.70 38.42 -56.86
N GLY A 465 19.77 39.23 -56.34
CA GLY A 465 18.85 39.95 -57.20
C GLY A 465 19.22 41.40 -57.51
N THR A 466 20.37 41.90 -57.04
CA THR A 466 20.70 43.31 -57.25
C THR A 466 22.14 43.57 -57.71
N ALA A 467 22.39 44.79 -58.18
CA ALA A 467 23.76 45.21 -58.54
C ALA A 467 24.55 45.65 -57.31
N LEU A 468 23.84 45.74 -56.20
CA LEU A 468 24.32 46.22 -54.91
C LEU A 468 25.02 45.14 -54.10
N LYS A 469 25.96 45.60 -53.27
CA LYS A 469 26.69 44.71 -52.38
C LYS A 469 26.20 44.84 -50.94
N VAL A 470 26.44 43.79 -50.18
CA VAL A 470 26.03 43.63 -48.81
C VAL A 470 27.11 43.32 -47.77
N SER A 471 27.03 44.00 -46.62
CA SER A 471 27.91 43.68 -45.49
C SER A 471 27.31 42.44 -44.89
N CYS A 472 28.14 41.43 -44.71
CA CYS A 472 27.65 40.12 -44.35
C CYS A 472 28.53 39.28 -43.44
N PHE A 473 27.95 38.17 -42.94
CA PHE A 473 28.69 37.26 -42.07
C PHE A 473 28.38 35.77 -42.26
N ASN A 474 29.38 34.95 -41.94
CA ASN A 474 29.35 33.49 -42.05
C ASN A 474 28.95 32.70 -40.81
N VAL A 475 27.75 32.10 -40.89
CA VAL A 475 27.13 31.32 -39.82
C VAL A 475 27.29 29.80 -40.08
N ARG A 476 27.99 29.09 -39.20
CA ARG A 476 28.27 27.67 -39.42
C ARG A 476 27.57 26.71 -38.45
N PHE A 477 26.95 25.68 -39.02
CA PHE A 477 26.26 24.68 -38.20
C PHE A 477 26.73 23.23 -38.33
N CYS A 478 27.24 22.69 -37.20
CA CYS A 478 27.80 21.34 -37.13
C CYS A 478 26.97 20.35 -36.28
N LEU A 479 26.99 19.04 -36.67
CA LEU A 479 26.31 17.96 -35.90
C LEU A 479 27.02 16.62 -35.64
N LYS A 480 27.06 16.21 -34.36
CA LYS A 480 27.61 14.92 -33.93
C LYS A 480 26.56 13.91 -33.46
N ALA A 481 26.18 12.94 -34.31
CA ALA A 481 25.12 11.98 -33.93
C ALA A 481 25.67 10.81 -33.09
N ASP A 482 26.03 11.05 -31.85
CA ASP A 482 26.66 10.01 -31.02
C ASP A 482 25.66 9.01 -30.43
N GLY A 483 25.95 7.73 -30.51
CA GLY A 483 25.07 6.76 -29.86
C GLY A 483 25.71 5.40 -29.95
N LYS A 484 25.44 4.54 -28.98
CA LYS A 484 26.03 3.21 -28.96
C LYS A 484 24.93 2.15 -28.97
N GLY A 485 25.29 0.89 -28.99
CA GLY A 485 24.27 -0.13 -29.10
C GLY A 485 23.92 -0.12 -30.56
N VAL A 486 22.76 -0.59 -30.93
CA VAL A 486 22.45 -0.61 -32.35
C VAL A 486 21.35 0.39 -32.67
N LEU A 487 21.77 1.32 -33.48
CA LEU A 487 21.05 2.45 -33.98
C LEU A 487 21.38 2.44 -35.47
N PRO A 488 20.55 2.97 -36.37
CA PRO A 488 20.87 3.03 -37.77
C PRO A 488 22.11 3.86 -37.94
N ARG A 489 22.96 3.49 -38.89
CA ARG A 489 24.18 4.25 -39.11
C ARG A 489 23.87 5.69 -39.48
N LYS A 490 22.84 5.89 -40.30
CA LYS A 490 22.46 7.24 -40.72
C LYS A 490 21.26 7.74 -39.96
N LEU A 491 21.42 8.88 -39.28
CA LEU A 491 20.35 9.50 -38.53
C LEU A 491 19.86 10.72 -39.30
N ASN A 492 18.58 11.03 -39.18
CA ASN A 492 18.03 12.21 -39.83
C ASN A 492 17.69 13.31 -38.84
N PHE A 493 18.44 14.40 -38.96
CA PHE A 493 18.34 15.54 -38.07
C PHE A 493 17.72 16.75 -38.77
N GLN A 494 16.68 17.32 -38.18
CA GLN A 494 16.05 18.48 -38.79
C GLN A 494 16.50 19.74 -38.07
N VAL A 495 17.15 20.64 -38.79
CA VAL A 495 17.64 21.83 -38.13
C VAL A 495 17.12 23.12 -38.75
N GLU A 496 16.72 24.02 -37.88
CA GLU A 496 16.31 25.33 -38.30
C GLU A 496 17.20 26.40 -37.71
N LEU A 497 17.62 27.33 -38.55
CA LEU A 497 18.42 28.47 -38.12
C LEU A 497 17.60 29.73 -38.14
N LEU A 498 17.58 30.36 -36.97
CA LEU A 498 16.84 31.60 -36.79
C LEU A 498 17.75 32.76 -36.46
N LEU A 499 17.65 33.77 -37.28
CA LEU A 499 18.43 34.97 -37.16
C LEU A 499 17.59 36.11 -36.60
N ASP A 500 18.17 36.83 -35.63
CA ASP A 500 17.54 38.02 -35.04
C ASP A 500 16.22 37.65 -34.33
N LYS A 501 16.29 36.55 -33.57
CA LYS A 501 15.18 36.03 -32.79
C LYS A 501 14.53 37.05 -31.85
N LEU A 502 15.35 37.93 -31.27
CA LEU A 502 14.86 38.89 -30.29
C LEU A 502 14.22 40.14 -30.89
N LYS A 503 14.30 40.30 -32.22
CA LYS A 503 13.69 41.47 -32.87
C LYS A 503 12.51 41.04 -33.72
N GLN A 504 12.50 39.81 -34.20
CA GLN A 504 11.40 39.35 -35.04
C GLN A 504 10.05 39.55 -34.36
N LYS A 505 10.02 39.47 -33.04
CA LYS A 505 8.79 39.63 -32.28
C LYS A 505 8.33 41.09 -32.17
N GLY A 506 7.92 41.66 -33.32
CA GLY A 506 7.40 43.04 -33.43
C GLY A 506 8.39 44.17 -33.75
N ALA A 507 9.70 43.91 -33.75
CA ALA A 507 10.69 44.95 -34.04
C ALA A 507 11.23 44.81 -35.45
N ILE A 508 11.96 45.81 -35.89
CA ILE A 508 12.57 45.78 -37.20
C ILE A 508 13.58 44.63 -37.34
N ARG A 509 13.51 43.90 -38.45
CA ARG A 509 14.40 42.75 -38.67
C ARG A 509 15.77 43.23 -39.07
N ARG A 510 16.68 43.24 -38.12
CA ARG A 510 18.03 43.80 -38.24
C ARG A 510 18.88 43.05 -39.25
N ALA A 511 18.65 41.75 -39.34
CA ALA A 511 19.43 40.93 -40.24
C ALA A 511 18.56 39.84 -40.86
N LEU A 512 18.87 39.54 -42.12
CA LEU A 512 18.25 38.51 -42.98
C LEU A 512 19.33 37.66 -43.60
N PHE A 513 19.01 36.56 -44.26
CA PHE A 513 20.03 35.81 -44.99
C PHE A 513 20.10 36.29 -46.46
N LEU A 514 21.29 36.26 -47.06
CA LEU A 514 21.43 36.76 -48.45
C LEU A 514 20.64 36.06 -49.56
N TYR A 515 20.52 34.75 -49.49
CA TYR A 515 19.89 34.02 -50.57
C TYR A 515 18.39 33.84 -50.37
N SER A 516 17.98 33.58 -49.14
CA SER A 516 16.57 33.39 -48.85
C SER A 516 15.86 34.72 -48.61
N ARG A 517 16.62 35.79 -48.28
CA ARG A 517 16.10 37.12 -48.02
C ARG A 517 15.00 37.09 -46.98
N SER A 518 15.27 36.35 -45.92
CA SER A 518 14.37 36.14 -44.80
C SER A 518 15.29 35.90 -43.60
N PRO A 519 14.82 35.98 -42.36
CA PRO A 519 15.59 35.71 -41.15
C PRO A 519 15.68 34.23 -40.81
N SER A 520 15.34 33.33 -41.75
CA SER A 520 15.40 31.93 -41.41
C SER A 520 15.79 31.03 -42.57
N HIS A 521 16.28 29.85 -42.19
CA HIS A 521 16.70 28.80 -43.11
C HIS A 521 16.63 27.43 -42.46
N SER A 522 16.29 26.39 -43.21
CA SER A 522 16.28 25.06 -42.61
C SER A 522 16.70 23.98 -43.59
N LYS A 523 17.17 22.86 -43.03
CA LYS A 523 17.58 21.71 -43.80
C LYS A 523 17.51 20.39 -43.04
N ASN A 524 17.26 19.32 -43.78
CA ASN A 524 17.29 17.96 -43.24
C ASN A 524 18.71 17.41 -43.42
N MET A 525 19.44 17.27 -42.32
CA MET A 525 20.84 16.86 -42.25
C MET A 525 20.99 15.35 -42.07
N THR A 526 21.87 14.73 -42.86
CA THR A 526 22.07 13.30 -42.66
C THR A 526 23.38 13.14 -41.94
N ILE A 527 23.31 12.65 -40.72
CA ILE A 527 24.51 12.52 -39.92
C ILE A 527 24.77 11.06 -39.67
N SER A 528 25.94 10.58 -40.06
CA SER A 528 26.20 9.16 -39.91
C SER A 528 27.27 8.82 -38.90
N ARG A 529 27.15 7.62 -38.32
CA ARG A 529 28.11 6.90 -37.47
C ARG A 529 28.51 7.49 -36.10
N GLY A 530 28.51 8.81 -35.98
CA GLY A 530 28.86 9.53 -34.76
C GLY A 530 30.31 10.06 -34.82
N GLY A 531 30.48 11.36 -34.52
CA GLY A 531 31.78 12.04 -34.55
C GLY A 531 32.03 12.75 -35.88
N LEU A 532 31.22 12.42 -36.86
CA LEU A 532 31.33 12.97 -38.19
C LEU A 532 30.65 14.31 -38.26
N MET A 533 31.28 15.30 -37.63
CA MET A 533 30.65 16.60 -37.52
C MET A 533 30.71 17.40 -38.80
N GLN A 534 29.79 17.06 -39.68
CA GLN A 534 29.61 17.69 -40.97
C GLN A 534 28.87 18.98 -40.75
N CYS A 535 29.00 19.90 -41.69
CA CYS A 535 28.30 21.16 -41.51
C CYS A 535 27.89 21.87 -42.76
N GLU A 536 27.02 22.83 -42.54
CA GLU A 536 26.53 23.75 -43.56
C GLU A 536 26.86 25.18 -43.16
N GLU A 537 26.96 26.07 -44.14
CA GLU A 537 27.22 27.47 -43.85
C GLU A 537 26.24 28.39 -44.55
N LEU A 538 25.71 29.33 -43.78
CA LEU A 538 24.77 30.32 -44.28
C LEU A 538 25.41 31.68 -44.24
N ILE A 539 25.11 32.53 -45.20
CA ILE A 539 25.67 33.87 -45.13
C ILE A 539 24.57 34.89 -44.87
N ALA A 540 24.74 35.65 -43.79
CA ALA A 540 23.78 36.64 -43.33
C ALA A 540 24.07 38.03 -43.86
N TYR A 541 22.98 38.75 -44.12
CA TYR A 541 22.84 40.14 -44.60
C TYR A 541 22.49 41.15 -43.51
N LEU A 542 23.41 42.08 -43.22
CA LEU A 542 23.11 43.10 -42.23
C LEU A 542 22.28 44.20 -42.90
N ARG A 543 21.10 44.51 -42.38
CA ARG A 543 20.27 45.48 -43.08
C ARG A 543 20.84 46.90 -43.14
N ASP A 544 20.49 47.58 -44.23
CA ASP A 544 20.92 48.90 -44.61
C ASP A 544 20.85 49.93 -43.47
N GLU A 545 21.98 50.61 -43.26
CA GLU A 545 22.19 51.63 -42.24
C GLU A 545 21.30 52.85 -42.38
N SER A 546 20.75 53.03 -43.58
CA SER A 546 19.87 54.13 -43.88
C SER A 546 18.47 53.96 -43.29
N GLU A 547 18.13 52.73 -42.89
CA GLU A 547 16.81 52.47 -42.32
C GLU A 547 16.87 52.00 -40.87
N PHE A 548 17.91 51.22 -40.54
CA PHE A 548 18.08 50.60 -39.24
C PHE A 548 19.00 51.35 -38.31
N ARG A 549 18.43 51.97 -37.29
CA ARG A 549 19.20 52.80 -36.37
C ARG A 549 19.96 52.04 -35.27
N ASP A 550 19.82 50.73 -35.22
CA ASP A 550 20.42 49.95 -34.14
C ASP A 550 21.90 49.58 -34.29
N LYS A 551 22.74 49.99 -33.33
CA LYS A 551 24.19 49.73 -33.28
C LYS A 551 24.90 48.82 -32.26
N LEU A 552 24.49 48.56 -31.02
CA LEU A 552 24.84 47.87 -29.79
C LEU A 552 24.07 46.61 -29.47
N THR A 553 22.80 46.56 -29.78
CA THR A 553 22.04 45.38 -29.46
C THR A 553 22.64 44.27 -30.29
N PRO A 554 22.99 43.12 -29.70
CA PRO A 554 23.60 42.00 -30.39
C PRO A 554 22.65 41.34 -31.35
N ILE A 555 23.23 40.72 -32.34
CA ILE A 555 22.50 39.94 -33.31
C ILE A 555 22.60 38.53 -32.80
N THR A 556 21.49 37.91 -32.55
CA THR A 556 21.57 36.58 -32.01
C THR A 556 21.24 35.58 -33.08
N ILE A 557 22.02 34.50 -33.11
CA ILE A 557 21.79 33.44 -34.05
C ILE A 557 21.53 32.12 -33.32
N PHE A 558 20.36 31.54 -33.58
CA PHE A 558 19.94 30.33 -32.91
C PHE A 558 19.72 29.11 -33.77
N MET A 559 20.13 27.99 -33.22
CA MET A 559 19.92 26.70 -33.80
C MET A 559 18.80 25.99 -33.04
N GLU A 560 17.84 25.44 -33.77
CA GLU A 560 16.76 24.65 -33.17
C GLU A 560 16.74 23.24 -33.77
N TYR A 561 16.82 22.24 -32.90
CA TYR A 561 16.93 20.86 -33.37
C TYR A 561 15.83 19.86 -33.00
N ARG A 562 15.51 19.02 -33.99
CA ARG A 562 14.62 17.89 -33.78
C ARG A 562 15.25 16.63 -34.39
N LEU A 563 15.23 15.55 -33.63
CA LEU A 563 15.73 14.26 -34.07
C LEU A 563 14.54 13.61 -34.74
N ASP A 564 14.66 13.09 -35.98
CA ASP A 564 13.43 12.55 -36.56
C ASP A 564 13.18 11.13 -36.08
N TYR A 565 12.09 10.52 -36.51
CA TYR A 565 11.79 9.20 -35.98
C TYR A 565 11.56 8.14 -37.02
N ARG A 566 10.62 8.31 -37.93
CA ARG A 566 10.36 7.23 -38.88
C ARG A 566 11.61 6.95 -39.72
N THR A 567 12.29 8.03 -40.06
CA THR A 567 13.46 8.03 -40.90
C THR A 567 14.72 7.73 -40.13
N ALA A 568 14.59 7.44 -38.83
CA ALA A 568 15.73 7.11 -38.04
C ALA A 568 15.41 5.87 -37.19
N ALA A 569 14.32 5.16 -37.52
CA ALA A 569 13.85 4.00 -36.78
C ALA A 569 14.15 2.70 -37.50
N ASP A 570 14.20 1.60 -36.75
CA ASP A 570 14.40 0.31 -37.40
C ASP A 570 13.10 -0.37 -37.87
N THR A 571 13.22 -1.64 -38.26
CA THR A 571 12.14 -2.43 -38.84
C THR A 571 11.07 -2.88 -37.85
N THR A 572 11.28 -2.68 -36.54
CA THR A 572 10.28 -3.10 -35.57
C THR A 572 9.56 -1.84 -35.07
N GLY A 573 9.91 -0.69 -35.66
CA GLY A 573 9.34 0.59 -35.28
C GLY A 573 10.01 1.13 -34.04
N LEU A 574 11.21 0.65 -33.71
CA LEU A 574 11.81 1.13 -32.50
C LEU A 574 12.61 2.38 -32.81
N GLN A 575 11.93 3.51 -32.66
CA GLN A 575 12.50 4.80 -33.01
C GLN A 575 13.47 5.24 -31.93
N PRO A 576 14.49 6.02 -32.26
CA PRO A 576 15.46 6.62 -31.37
C PRO A 576 14.87 7.79 -30.66
N ILE A 577 15.50 8.16 -29.58
CA ILE A 577 15.15 9.38 -28.88
C ILE A 577 16.46 10.06 -28.51
N LEU A 578 16.48 11.38 -28.37
CA LEU A 578 17.72 12.01 -27.97
C LEU A 578 17.87 11.91 -26.45
N ASN A 579 19.11 11.97 -26.00
CA ASN A 579 19.45 11.93 -24.59
C ASN A 579 18.75 13.05 -23.85
N GLN A 580 18.09 12.70 -22.75
CA GLN A 580 17.31 13.61 -21.92
C GLN A 580 18.08 14.81 -21.35
N PHE A 581 19.41 14.74 -21.32
CA PHE A 581 20.21 15.82 -20.77
C PHE A 581 20.84 16.70 -21.86
N THR A 582 20.49 16.44 -23.13
CA THR A 582 21.06 17.17 -24.26
C THR A 582 20.10 18.25 -24.79
N PRO A 583 20.54 19.53 -24.86
CA PRO A 583 19.76 20.66 -25.35
C PRO A 583 19.60 20.60 -26.85
N ALA A 584 18.53 21.22 -27.36
CA ALA A 584 18.30 21.34 -28.79
C ALA A 584 18.17 22.82 -29.14
N ASN A 585 18.78 23.65 -28.30
CA ASN A 585 18.79 25.10 -28.42
C ASN A 585 20.21 25.61 -28.20
N ILE A 586 20.88 25.91 -29.31
CA ILE A 586 22.30 26.30 -29.32
C ILE A 586 22.46 27.67 -29.96
N SER A 587 23.24 28.58 -29.35
CA SER A 587 23.35 29.90 -29.96
C SER A 587 24.68 30.61 -29.79
N ARG A 588 24.85 31.62 -30.66
CA ARG A 588 26.00 32.51 -30.69
C ARG A 588 25.54 33.96 -30.83
N GLN A 589 26.25 34.90 -30.20
CA GLN A 589 25.89 36.28 -30.42
C GLN A 589 26.96 36.98 -31.21
N ALA A 590 26.52 37.79 -32.16
CA ALA A 590 27.37 38.61 -33.01
C ALA A 590 27.10 40.07 -32.66
N HIS A 591 28.05 40.94 -32.90
CA HIS A 591 27.79 42.34 -32.59
C HIS A 591 28.39 43.20 -33.66
N ILE A 592 27.93 44.42 -33.74
CA ILE A 592 28.47 45.32 -34.73
C ILE A 592 29.30 46.35 -34.02
N LEU A 593 30.43 46.71 -34.61
CA LEU A 593 31.19 47.73 -33.93
C LEU A 593 30.46 49.04 -34.04
N LEU A 594 30.14 49.61 -32.89
CA LEU A 594 29.40 50.85 -32.87
C LEU A 594 30.30 52.01 -33.01
N ASP A 595 30.66 52.36 -34.23
CA ASP A 595 31.51 53.52 -34.37
C ASP A 595 32.67 53.35 -33.36
N CYS A 596 32.68 54.21 -32.31
CA CYS A 596 33.68 54.29 -31.24
C CYS A 596 35.09 54.70 -31.65
N GLY A 597 35.19 55.44 -32.73
CA GLY A 597 36.47 55.96 -33.18
C GLY A 597 37.50 54.87 -33.48
N GLU A 598 38.71 55.31 -33.81
CA GLU A 598 39.82 54.40 -34.10
C GLU A 598 40.28 53.63 -32.86
N ASP A 599 39.98 54.17 -31.68
CA ASP A 599 40.40 53.61 -30.41
C ASP A 599 39.37 52.70 -29.74
N ASN A 600 38.24 52.42 -30.42
CA ASN A 600 37.18 51.56 -29.87
C ASN A 600 36.65 52.01 -28.49
N VAL A 601 36.46 53.32 -28.34
CA VAL A 601 35.88 53.93 -27.15
C VAL A 601 34.73 54.83 -27.61
N CYS A 602 33.55 54.64 -27.06
CA CYS A 602 32.45 55.48 -27.48
C CYS A 602 32.54 56.85 -26.84
N LYS A 603 32.59 57.87 -27.66
CA LYS A 603 32.74 59.27 -27.30
C LYS A 603 31.64 60.11 -27.99
N PRO A 604 30.40 60.10 -27.49
CA PRO A 604 29.24 60.74 -28.05
C PRO A 604 29.33 62.24 -27.90
N LYS A 605 28.62 62.94 -28.75
CA LYS A 605 28.47 64.37 -28.59
C LYS A 605 27.00 64.65 -28.64
N LEU A 606 26.41 64.64 -27.46
CA LEU A 606 24.98 64.73 -27.35
C LEU A 606 24.54 66.15 -27.15
N GLU A 607 23.65 66.61 -28.02
CA GLU A 607 23.10 67.97 -27.94
C GLU A 607 21.59 67.99 -28.22
N VAL A 608 20.88 68.86 -27.52
CA VAL A 608 19.45 69.01 -27.73
C VAL A 608 19.03 70.48 -27.78
N SER A 609 18.10 70.77 -28.69
CA SER A 609 17.53 72.11 -28.82
C SER A 609 16.06 71.99 -29.16
N VAL A 610 15.28 73.06 -28.98
CA VAL A 610 13.87 72.91 -29.27
C VAL A 610 13.22 74.04 -30.10
N ASP A 611 12.10 73.70 -30.76
CA ASP A 611 11.24 74.61 -31.52
C ASP A 611 9.80 74.67 -30.95
N SER A 612 9.39 75.81 -30.42
CA SER A 612 8.04 75.90 -29.87
C SER A 612 6.98 76.15 -30.93
N ASP A 613 5.95 75.29 -31.01
CA ASP A 613 4.90 75.50 -32.02
C ASP A 613 3.93 76.61 -31.57
N GLN A 614 3.74 76.73 -30.25
CA GLN A 614 2.86 77.74 -29.67
C GLN A 614 3.64 78.51 -28.63
N LYS A 615 3.48 79.83 -28.64
CA LYS A 615 4.22 80.66 -27.70
C LYS A 615 3.50 81.03 -26.42
N LYS A 616 2.16 80.90 -26.38
CA LYS A 616 1.48 81.31 -25.16
C LYS A 616 0.51 80.31 -24.58
N ILE A 617 0.50 80.31 -23.25
CA ILE A 617 -0.42 79.57 -22.40
C ILE A 617 -1.35 80.56 -21.73
N TYR A 618 -2.65 80.37 -21.81
CA TYR A 618 -3.52 81.32 -21.17
C TYR A 618 -3.94 80.78 -19.81
N ILE A 619 -4.05 81.66 -18.85
CA ILE A 619 -4.38 81.19 -17.51
C ILE A 619 -5.83 80.92 -17.29
N GLY A 620 -6.13 79.74 -16.76
CA GLY A 620 -7.49 79.39 -16.38
C GLY A 620 -8.12 78.23 -17.13
N ASP A 621 -7.40 77.65 -18.09
CA ASP A 621 -7.94 76.51 -18.84
C ASP A 621 -6.80 75.59 -19.26
N ASP A 622 -7.12 74.51 -19.95
CA ASP A 622 -6.10 73.55 -20.38
C ASP A 622 -5.58 73.92 -21.76
N ASN A 623 -4.38 74.46 -21.79
CA ASN A 623 -3.77 74.98 -23.00
C ASN A 623 -2.86 73.98 -23.65
N PRO A 624 -3.13 73.48 -24.85
CA PRO A 624 -2.29 72.52 -25.47
C PRO A 624 -0.97 73.22 -25.74
N LEU A 625 0.11 72.49 -25.63
CA LEU A 625 1.43 72.98 -25.93
C LEU A 625 2.31 71.90 -26.53
N THR A 626 2.77 72.10 -27.77
CA THR A 626 3.65 71.10 -28.36
C THR A 626 5.01 71.69 -28.63
N LEU A 627 6.01 71.01 -28.10
CA LEU A 627 7.38 71.43 -28.27
C LEU A 627 8.14 70.41 -29.11
N ILE A 628 8.82 70.86 -30.17
CA ILE A 628 9.57 69.90 -30.96
C ILE A 628 10.97 69.83 -30.43
N VAL A 629 11.36 68.65 -30.03
CA VAL A 629 12.65 68.46 -29.43
C VAL A 629 13.57 67.75 -30.39
N LYS A 630 14.72 68.36 -30.64
CA LYS A 630 15.67 67.84 -31.60
C LYS A 630 16.87 67.21 -30.90
N ALA A 631 17.03 65.89 -31.03
CA ALA A 631 18.11 65.13 -30.39
C ALA A 631 19.24 64.81 -31.38
N GLN A 632 20.41 65.43 -31.19
CA GLN A 632 21.54 65.27 -32.10
C GLN A 632 22.61 64.32 -31.56
N ASN A 633 23.35 63.68 -32.48
CA ASN A 633 24.46 62.77 -32.17
C ASN A 633 25.66 63.12 -33.06
N GLN A 634 26.42 64.13 -32.63
CA GLN A 634 27.48 64.74 -33.45
C GLN A 634 28.88 64.11 -33.30
N GLY A 635 28.97 63.14 -32.41
CA GLY A 635 30.20 62.44 -32.09
C GLY A 635 29.98 61.00 -32.44
N GLU A 636 30.40 60.12 -31.54
CA GLU A 636 30.20 58.70 -31.74
C GLU A 636 28.75 58.43 -31.32
N GLY A 637 28.32 57.18 -31.40
CA GLY A 637 26.94 56.82 -31.08
C GLY A 637 26.74 56.75 -29.57
N ALA A 638 25.80 55.95 -29.10
CA ALA A 638 25.54 55.91 -27.66
C ALA A 638 24.82 54.64 -27.21
N TYR A 639 24.95 54.34 -25.92
CA TYR A 639 24.26 53.20 -25.34
C TYR A 639 23.07 53.56 -24.46
N GLU A 640 21.89 53.02 -24.79
CA GLU A 640 20.64 53.28 -24.07
C GLU A 640 20.25 54.74 -24.16
N ALA A 641 20.30 55.27 -25.37
CA ALA A 641 19.93 56.68 -25.60
C ALA A 641 18.47 57.01 -25.25
N GLU A 642 18.28 58.06 -24.45
CA GLU A 642 16.95 58.55 -24.04
C GLU A 642 16.83 60.08 -23.99
N LEU A 643 15.61 60.57 -24.21
CA LEU A 643 15.31 62.01 -24.02
C LEU A 643 14.62 62.22 -22.71
N ILE A 644 15.22 63.02 -21.84
CA ILE A 644 14.67 63.24 -20.52
C ILE A 644 14.24 64.68 -20.36
N VAL A 645 12.97 64.90 -20.04
CA VAL A 645 12.59 66.28 -19.75
C VAL A 645 11.84 66.39 -18.44
N SER A 646 12.26 67.37 -17.65
CA SER A 646 11.64 67.67 -16.37
C SER A 646 10.47 68.62 -16.60
N ILE A 647 9.29 68.10 -16.31
CA ILE A 647 8.02 68.77 -16.57
C ILE A 647 7.19 69.06 -15.32
N PRO A 648 6.81 70.31 -15.03
CA PRO A 648 5.96 70.66 -13.92
C PRO A 648 4.69 69.85 -14.02
N LEU A 649 4.15 69.37 -12.91
CA LEU A 649 2.95 68.53 -12.95
C LEU A 649 1.76 69.24 -13.61
N GLN A 650 1.72 70.56 -13.48
CA GLN A 650 0.67 71.41 -14.02
C GLN A 650 0.55 71.33 -15.55
N ALA A 651 1.63 70.83 -16.22
CA ALA A 651 1.79 70.60 -17.66
C ALA A 651 1.60 69.10 -17.93
N ASP A 652 0.37 68.67 -18.15
CA ASP A 652 0.03 67.26 -18.20
C ASP A 652 0.48 66.62 -19.52
N PHE A 653 1.48 65.76 -19.48
CA PHE A 653 2.03 65.17 -20.71
C PHE A 653 1.07 64.18 -21.34
N ILE A 654 0.81 64.36 -22.62
CA ILE A 654 -0.10 63.50 -23.34
C ILE A 654 0.68 62.41 -24.07
N GLY A 655 1.68 62.83 -24.82
CA GLY A 655 2.45 61.85 -25.59
C GLY A 655 3.28 62.47 -26.69
N VAL A 656 3.86 61.59 -27.52
CA VAL A 656 4.63 62.01 -28.66
C VAL A 656 3.68 62.07 -29.83
N VAL A 657 3.69 63.19 -30.53
CA VAL A 657 2.80 63.44 -31.65
C VAL A 657 3.06 62.50 -32.82
N ARG A 658 2.00 61.86 -33.31
CA ARG A 658 2.14 60.93 -34.44
C ARG A 658 1.39 61.41 -35.67
N ASN A 659 1.08 62.70 -35.67
CA ASN A 659 0.36 63.35 -36.77
C ASN A 659 1.27 64.17 -37.70
N ASN A 660 2.58 63.92 -37.68
CA ASN A 660 3.52 64.65 -38.53
C ASN A 660 4.68 63.73 -38.96
N GLU A 661 4.66 63.33 -40.24
CA GLU A 661 5.62 62.39 -40.81
C GLU A 661 7.07 62.88 -40.80
N ALA A 662 7.27 64.17 -40.58
CA ALA A 662 8.62 64.72 -40.56
C ALA A 662 9.30 64.43 -39.23
N LEU A 663 8.53 63.93 -38.26
CA LEU A 663 9.04 63.64 -36.94
C LEU A 663 9.19 62.15 -36.72
N ALA A 664 10.18 61.80 -35.90
CA ALA A 664 10.42 60.44 -35.47
C ALA A 664 9.28 60.00 -34.59
N ARG A 665 8.92 58.73 -34.68
CA ARG A 665 7.92 58.21 -33.78
C ARG A 665 8.61 57.60 -32.58
N LEU A 666 8.70 58.35 -31.49
CA LEU A 666 9.43 57.86 -30.34
C LEU A 666 8.46 57.40 -29.28
N SER A 667 8.68 56.21 -28.73
CA SER A 667 7.86 55.71 -27.63
C SER A 667 8.12 56.65 -26.47
N CYS A 668 7.14 56.90 -25.60
CA CYS A 668 7.44 57.78 -24.49
C CYS A 668 6.62 57.52 -23.23
N ALA A 669 7.34 57.43 -22.11
CA ALA A 669 6.78 57.16 -20.80
C ALA A 669 6.54 58.43 -19.98
N PHE A 670 5.64 58.33 -19.01
CA PHE A 670 5.48 59.40 -18.02
C PHE A 670 5.55 58.81 -16.64
N LYS A 671 6.38 59.41 -15.79
CA LYS A 671 6.56 58.93 -14.44
C LYS A 671 6.89 60.01 -13.44
N THR A 672 6.77 59.64 -12.18
CA THR A 672 7.22 60.47 -11.09
C THR A 672 8.12 59.61 -10.21
N GLU A 673 9.37 60.02 -10.00
CA GLU A 673 10.29 59.22 -9.20
C GLU A 673 11.20 60.06 -8.32
N ASN A 674 11.22 59.77 -7.02
CA ASN A 674 12.06 60.51 -6.06
C ASN A 674 11.82 62.03 -6.09
N GLN A 675 10.55 62.43 -6.06
CA GLN A 675 10.09 63.83 -6.08
C GLN A 675 10.40 64.57 -7.37
N THR A 676 10.13 63.90 -8.49
CA THR A 676 10.31 64.45 -9.82
C THR A 676 9.06 64.21 -10.64
N ARG A 677 9.00 64.88 -11.80
CA ARG A 677 7.96 64.67 -12.79
C ARG A 677 8.66 64.58 -14.14
N GLN A 678 8.60 63.42 -14.79
CA GLN A 678 9.34 63.29 -16.04
C GLN A 678 8.66 62.61 -17.21
N VAL A 679 9.07 63.09 -18.36
CA VAL A 679 8.74 62.56 -19.67
C VAL A 679 9.97 61.94 -20.28
N VAL A 680 9.87 60.66 -20.68
CA VAL A 680 11.05 59.99 -21.25
C VAL A 680 10.83 59.32 -22.59
N CYS A 681 11.55 59.78 -23.63
CA CYS A 681 11.39 59.17 -24.95
C CYS A 681 12.47 58.15 -25.25
N ASP A 682 12.09 57.12 -25.99
CA ASP A 682 12.96 56.05 -26.48
C ASP A 682 13.62 56.46 -27.79
N LEU A 683 14.92 56.77 -27.74
CA LEU A 683 15.64 57.25 -28.92
C LEU A 683 16.28 56.07 -29.66
N GLY A 684 16.07 54.87 -29.14
CA GLY A 684 16.67 53.64 -29.64
C GLY A 684 17.85 53.31 -28.75
N ASN A 685 17.81 52.16 -28.08
CA ASN A 685 18.91 51.89 -27.17
C ASN A 685 20.29 51.92 -27.86
N PRO A 686 20.52 51.13 -28.89
CA PRO A 686 21.76 51.06 -29.62
C PRO A 686 21.94 52.20 -30.63
N MET A 687 22.21 53.42 -30.17
CA MET A 687 22.26 54.64 -31.02
C MET A 687 23.50 54.77 -31.92
N LYS A 688 23.34 55.18 -33.21
CA LYS A 688 24.50 55.41 -34.13
C LYS A 688 24.86 56.87 -34.30
N ALA A 689 26.13 57.14 -34.60
CA ALA A 689 26.57 58.50 -34.87
C ALA A 689 25.83 59.05 -36.07
N GLY A 690 25.45 60.32 -36.01
CA GLY A 690 24.77 60.97 -37.11
C GLY A 690 23.26 60.89 -37.03
N THR A 691 22.73 60.07 -36.12
CA THR A 691 21.29 59.94 -35.99
C THR A 691 20.66 61.25 -35.57
N GLN A 692 19.60 61.66 -36.26
CA GLN A 692 18.89 62.87 -35.86
C GLN A 692 17.45 62.52 -35.55
N LEU A 693 17.05 62.65 -34.29
CA LEU A 693 15.68 62.31 -33.94
C LEU A 693 14.93 63.52 -33.47
N LEU A 694 13.88 63.84 -34.18
CA LEU A 694 13.08 64.97 -33.83
C LEU A 694 11.73 64.44 -33.42
N ALA A 695 11.15 65.00 -32.37
CA ALA A 695 9.82 64.52 -32.00
C ALA A 695 9.03 65.60 -31.30
N GLY A 696 7.71 65.55 -31.45
CA GLY A 696 6.88 66.51 -30.75
C GLY A 696 6.38 66.00 -29.43
N LEU A 697 6.64 66.76 -28.38
CA LEU A 697 6.16 66.42 -27.05
C LEU A 697 4.95 67.26 -26.75
N ARG A 698 3.79 66.63 -26.64
CA ARG A 698 2.56 67.36 -26.41
C ARG A 698 2.11 67.30 -24.96
N PHE A 699 1.84 68.49 -24.43
CA PHE A 699 1.40 68.75 -23.06
C PHE A 699 0.09 69.52 -23.04
N SER A 700 -0.66 69.38 -21.95
CA SER A 700 -1.85 70.18 -21.68
C SER A 700 -1.57 71.00 -20.42
N VAL A 701 -1.39 72.32 -20.58
CA VAL A 701 -0.98 73.10 -19.44
C VAL A 701 -2.16 73.76 -18.74
N HIS A 702 -2.43 73.29 -17.52
CA HIS A 702 -3.56 73.70 -16.72
C HIS A 702 -3.23 74.98 -15.98
N GLN A 703 -2.23 74.91 -15.10
CA GLN A 703 -1.77 76.11 -14.36
C GLN A 703 -2.84 77.18 -14.05
N GLN A 704 -4.00 76.83 -13.50
CA GLN A 704 -5.09 77.82 -13.33
C GLN A 704 -4.84 78.89 -12.25
N SER A 705 -3.90 78.60 -11.37
CA SER A 705 -3.56 79.44 -10.21
C SER A 705 -2.69 80.64 -10.56
N GLU A 706 -2.49 81.50 -9.56
CA GLU A 706 -1.69 82.72 -9.69
C GLU A 706 -0.19 82.43 -9.74
N MET A 707 0.21 81.82 -10.84
CA MET A 707 1.55 81.34 -11.13
C MET A 707 2.45 82.30 -11.90
N ASP A 708 3.71 81.87 -12.02
CA ASP A 708 4.79 82.57 -12.70
C ASP A 708 4.42 82.90 -14.14
N THR A 709 5.08 83.91 -14.68
CA THR A 709 4.81 84.45 -16.01
C THR A 709 5.13 83.57 -17.22
N SER A 710 5.74 82.41 -17.01
CA SER A 710 6.02 81.47 -18.08
C SER A 710 6.13 80.04 -17.53
N VAL A 711 5.96 79.05 -18.41
CA VAL A 711 6.16 77.65 -17.99
C VAL A 711 7.46 77.14 -18.54
N LYS A 712 8.29 76.59 -17.65
CA LYS A 712 9.62 76.12 -18.04
C LYS A 712 9.76 74.61 -18.12
N PHE A 713 10.32 74.14 -19.23
CA PHE A 713 10.64 72.73 -19.45
C PHE A 713 12.18 72.55 -19.54
N ASP A 714 12.75 71.64 -18.74
CA ASP A 714 14.23 71.42 -18.76
C ASP A 714 14.58 70.16 -19.55
N LEU A 715 15.26 70.31 -20.70
CA LEU A 715 15.48 69.11 -21.53
C LEU A 715 16.94 68.73 -21.74
N GLN A 716 17.18 67.41 -21.70
CA GLN A 716 18.50 66.84 -21.97
C GLN A 716 18.37 65.48 -22.62
N ILE A 717 19.38 65.06 -23.35
CA ILE A 717 19.37 63.70 -23.85
C ILE A 717 20.55 63.02 -23.20
N GLN A 718 20.43 61.72 -22.96
CA GLN A 718 21.49 61.03 -22.26
C GLN A 718 21.65 59.57 -22.60
N SER A 719 22.71 58.99 -22.04
CA SER A 719 23.02 57.58 -22.22
C SER A 719 23.67 56.96 -20.97
N SER A 720 23.99 55.66 -21.09
CA SER A 720 24.61 54.82 -20.07
C SER A 720 26.05 54.48 -20.46
N ASN A 721 26.54 55.28 -21.41
CA ASN A 721 27.84 55.18 -22.05
C ASN A 721 29.03 55.45 -21.12
N LEU A 722 30.19 54.94 -21.53
CA LEU A 722 31.44 55.13 -20.79
C LEU A 722 31.88 56.58 -20.66
N PHE A 723 31.62 57.39 -21.69
CA PHE A 723 32.03 58.78 -21.69
C PHE A 723 30.89 59.72 -22.04
N ASP A 724 30.91 60.94 -21.50
CA ASP A 724 29.96 62.00 -21.88
C ASP A 724 28.50 61.59 -21.86
N LYS A 725 28.07 60.97 -20.76
CA LYS A 725 26.70 60.46 -20.63
C LYS A 725 25.57 61.48 -20.84
N VAL A 726 25.73 62.74 -20.46
CA VAL A 726 24.61 63.67 -20.60
C VAL A 726 24.90 64.91 -21.44
N SER A 727 23.90 65.31 -22.24
CA SER A 727 23.97 66.51 -23.05
C SER A 727 23.80 67.71 -22.14
N PRO A 728 24.16 68.93 -22.58
CA PRO A 728 23.85 70.16 -21.92
C PRO A 728 22.34 70.26 -21.87
N VAL A 729 21.81 70.97 -20.89
CA VAL A 729 20.37 71.18 -20.75
C VAL A 729 19.92 72.40 -21.51
N VAL A 730 18.85 72.24 -22.28
CA VAL A 730 18.27 73.37 -22.97
C VAL A 730 17.05 73.74 -22.15
N SER A 731 16.98 75.00 -21.78
CA SER A 731 15.93 75.53 -20.95
C SER A 731 14.89 76.24 -21.79
N HIS A 732 13.70 75.69 -21.83
CA HIS A 732 12.67 76.25 -22.67
C HIS A 732 11.49 76.86 -21.94
N LYS A 733 11.23 78.13 -22.21
CA LYS A 733 10.11 78.80 -21.55
C LYS A 733 8.99 79.18 -22.51
N VAL A 734 7.76 79.03 -22.04
CA VAL A 734 6.60 79.45 -22.82
C VAL A 734 5.82 80.48 -22.02
N ASP A 735 5.63 81.66 -22.60
CA ASP A 735 4.95 82.76 -21.92
C ASP A 735 3.54 82.40 -21.47
N LEU A 736 3.19 82.89 -20.30
CA LEU A 736 1.86 82.70 -19.72
C LEU A 736 1.15 84.05 -19.86
N ALA A 737 -0.15 84.06 -20.16
CA ALA A 737 -0.83 85.33 -20.32
C ALA A 737 -2.26 85.33 -19.85
N VAL A 738 -2.74 86.52 -19.56
CA VAL A 738 -4.13 86.70 -19.21
C VAL A 738 -4.94 87.01 -20.43
N LEU A 739 -5.89 86.14 -20.73
CA LEU A 739 -6.82 86.27 -21.82
C LEU A 739 -8.18 86.19 -21.21
N ALA A 740 -8.94 87.26 -21.29
CA ALA A 740 -10.21 87.31 -20.61
C ALA A 740 -11.23 88.09 -21.35
N ALA A 741 -11.45 87.78 -22.61
CA ALA A 741 -12.47 88.50 -23.31
C ALA A 741 -13.79 88.41 -22.57
N VAL A 742 -14.48 89.53 -22.49
CA VAL A 742 -15.78 89.61 -21.87
C VAL A 742 -16.74 90.17 -22.86
N GLU A 743 -17.84 89.48 -23.04
CA GLU A 743 -18.85 89.92 -23.96
C GLU A 743 -19.97 90.64 -23.23
N ILE A 744 -20.32 91.81 -23.74
CA ILE A 744 -21.43 92.56 -23.18
C ILE A 744 -22.65 92.36 -24.05
N ARG A 745 -23.70 91.89 -23.42
CA ARG A 745 -24.93 91.60 -24.12
C ARG A 745 -26.08 92.23 -23.40
N GLY A 746 -27.20 92.32 -24.08
CA GLY A 746 -28.38 92.79 -23.44
C GLY A 746 -29.55 92.77 -24.37
N VAL A 747 -30.71 92.91 -23.78
CA VAL A 747 -31.97 92.87 -24.49
C VAL A 747 -33.09 93.52 -23.70
N SER A 748 -34.03 94.12 -24.39
CA SER A 748 -35.22 94.62 -23.70
C SER A 748 -36.21 93.48 -23.80
N SER A 749 -36.76 93.04 -22.67
CA SER A 749 -37.70 91.93 -22.68
C SER A 749 -38.64 92.02 -23.90
N PRO A 750 -39.62 92.96 -24.01
CA PRO A 750 -40.33 93.19 -25.25
C PRO A 750 -39.38 93.96 -26.15
N ASP A 751 -39.43 93.75 -27.44
CA ASP A 751 -38.64 94.58 -28.36
C ASP A 751 -39.34 95.89 -28.71
N HIS A 752 -40.65 95.93 -28.50
CA HIS A 752 -41.46 97.09 -28.85
C HIS A 752 -42.69 97.25 -27.95
N ILE A 753 -43.21 98.46 -27.94
CA ILE A 753 -44.43 98.82 -27.21
C ILE A 753 -45.41 99.57 -28.11
N PHE A 754 -46.68 99.17 -28.08
CA PHE A 754 -47.68 99.91 -28.86
C PHE A 754 -48.39 100.90 -27.95
N LEU A 755 -48.46 102.15 -28.37
CA LEU A 755 -49.07 103.24 -27.63
C LEU A 755 -50.55 103.04 -27.16
N PRO A 756 -51.51 102.50 -27.96
CA PRO A 756 -52.90 102.33 -27.55
C PRO A 756 -53.14 101.13 -26.63
N ILE A 757 -52.58 101.23 -25.44
CA ILE A 757 -52.70 100.22 -24.41
C ILE A 757 -54.12 100.33 -23.86
N PRO A 758 -54.89 99.23 -23.74
CA PRO A 758 -56.23 99.24 -23.19
C PRO A 758 -56.22 99.80 -21.79
N ASN A 759 -57.21 100.63 -21.46
CA ASN A 759 -57.38 101.23 -20.14
C ASN A 759 -56.14 101.95 -19.62
N TRP A 760 -55.43 102.67 -20.50
CA TRP A 760 -54.24 103.40 -20.07
C TRP A 760 -54.60 104.88 -20.09
N GLU A 761 -54.75 105.46 -18.91
CA GLU A 761 -55.22 106.84 -18.78
C GLU A 761 -54.34 107.62 -17.83
N HIS A 762 -54.26 108.92 -18.03
CA HIS A 762 -53.51 109.84 -17.19
C HIS A 762 -54.20 110.11 -15.85
N LYS A 763 -53.40 110.21 -14.79
CA LYS A 763 -53.85 110.56 -13.45
C LYS A 763 -52.90 111.61 -12.90
N GLU A 764 -53.41 112.53 -12.08
CA GLU A 764 -52.56 113.54 -11.45
C GLU A 764 -51.48 112.90 -10.56
N ASN A 765 -51.84 111.80 -9.91
CA ASN A 765 -50.94 111.05 -9.05
C ASN A 765 -51.24 109.57 -9.24
N PRO A 766 -50.62 108.89 -10.22
CA PRO A 766 -50.92 107.52 -10.60
C PRO A 766 -50.49 106.52 -9.55
N GLU A 767 -51.20 105.41 -9.45
CA GLU A 767 -50.81 104.31 -8.56
C GLU A 767 -50.97 102.99 -9.30
N THR A 768 -50.16 102.00 -8.92
CA THR A 768 -50.20 100.69 -9.54
C THR A 768 -49.91 100.77 -11.07
N GLU A 769 -49.54 99.63 -11.65
CA GLU A 769 -49.08 99.59 -13.05
C GLU A 769 -50.04 100.20 -14.01
N GLU A 770 -51.32 99.94 -13.79
CA GLU A 770 -52.36 100.38 -14.68
C GLU A 770 -52.43 101.89 -14.90
N ASP A 771 -52.01 102.73 -13.93
CA ASP A 771 -52.07 104.17 -14.13
C ASP A 771 -50.72 104.77 -14.50
N VAL A 772 -49.72 103.92 -14.73
CA VAL A 772 -48.42 104.43 -15.12
C VAL A 772 -48.19 103.98 -16.54
N GLY A 773 -48.18 102.66 -16.76
CA GLY A 773 -47.93 102.12 -18.08
C GLY A 773 -47.14 100.82 -18.08
N PRO A 774 -46.85 100.27 -19.28
CA PRO A 774 -46.19 99.00 -19.50
C PRO A 774 -44.86 98.90 -18.81
N VAL A 775 -44.56 97.68 -18.34
CA VAL A 775 -43.31 97.45 -17.66
C VAL A 775 -42.36 96.72 -18.58
N VAL A 776 -41.18 97.27 -18.67
CA VAL A 776 -40.14 96.75 -19.51
C VAL A 776 -38.92 96.39 -18.70
N GLN A 777 -38.48 95.15 -18.87
CA GLN A 777 -37.30 94.69 -18.19
C GLN A 777 -36.10 94.72 -19.11
N HIS A 778 -35.11 95.51 -18.75
CA HIS A 778 -33.89 95.65 -19.54
C HIS A 778 -32.77 94.82 -18.95
N ILE A 779 -32.26 93.88 -19.73
CA ILE A 779 -31.23 92.98 -19.27
C ILE A 779 -29.86 93.32 -19.80
N TYR A 780 -28.90 93.45 -18.89
CA TYR A 780 -27.52 93.73 -19.27
C TYR A 780 -26.65 92.59 -18.68
N GLU A 781 -25.72 92.07 -19.47
CA GLU A 781 -24.90 90.94 -19.01
C GLU A 781 -23.42 90.98 -19.39
N LEU A 782 -22.57 90.68 -18.41
CA LEU A 782 -21.13 90.50 -18.70
C LEU A 782 -20.77 89.03 -18.61
N ARG A 783 -20.40 88.47 -19.76
CA ARG A 783 -20.09 87.06 -19.83
C ARG A 783 -18.61 86.82 -20.05
N ASN A 784 -18.01 86.00 -19.21
CA ASN A 784 -16.57 85.75 -19.34
C ASN A 784 -16.27 84.65 -20.35
N ASN A 785 -15.86 85.05 -21.54
CA ASN A 785 -15.62 84.10 -22.62
C ASN A 785 -14.19 83.59 -22.60
N GLY A 786 -13.27 84.46 -22.18
CA GLY A 786 -11.89 84.05 -22.17
C GLY A 786 -11.66 83.15 -20.96
N PRO A 787 -10.58 82.34 -20.96
CA PRO A 787 -10.19 81.43 -19.90
C PRO A 787 -9.82 82.04 -18.56
N SER A 788 -9.40 83.30 -18.53
CA SER A 788 -8.99 83.89 -17.27
C SER A 788 -10.10 84.59 -16.52
N SER A 789 -10.25 84.20 -15.27
CA SER A 789 -11.19 84.76 -14.34
C SER A 789 -10.68 86.12 -13.91
N PHE A 790 -11.51 86.89 -13.22
CA PHE A 790 -11.07 88.18 -12.72
C PHE A 790 -11.69 88.54 -11.39
N SER A 791 -11.07 89.50 -10.69
CA SER A 791 -11.48 89.95 -9.36
C SER A 791 -12.39 91.18 -9.33
N LYS A 792 -12.26 92.05 -10.32
CA LYS A 792 -13.05 93.29 -10.34
C LYS A 792 -13.30 93.87 -11.72
N ALA A 793 -14.53 94.31 -11.91
CA ALA A 793 -14.99 94.99 -13.11
C ALA A 793 -16.12 95.93 -12.76
N MET A 794 -16.39 96.88 -13.64
CA MET A 794 -17.58 97.69 -13.43
C MET A 794 -18.50 97.61 -14.64
N LEU A 795 -19.80 97.63 -14.36
CA LEU A 795 -20.83 97.71 -15.40
C LEU A 795 -21.55 99.05 -15.26
N HIS A 796 -21.37 99.91 -16.25
CA HIS A 796 -21.86 101.27 -16.24
C HIS A 796 -23.09 101.47 -17.11
N LEU A 797 -24.22 101.81 -16.49
CA LEU A 797 -25.44 101.98 -17.24
C LEU A 797 -25.94 103.43 -17.30
N GLN A 798 -26.26 103.87 -18.51
CA GLN A 798 -26.85 105.18 -18.77
C GLN A 798 -28.31 105.04 -19.15
N TRP A 799 -29.20 105.35 -18.21
CA TRP A 799 -30.62 105.19 -18.44
C TRP A 799 -31.30 106.51 -18.89
N PRO A 800 -31.79 106.67 -20.14
CA PRO A 800 -32.34 107.92 -20.63
C PRO A 800 -33.55 108.19 -19.79
N TYR A 801 -33.75 109.41 -19.32
CA TYR A 801 -34.92 109.65 -18.52
C TYR A 801 -35.67 110.91 -18.91
N LYS A 802 -35.00 112.06 -18.92
CA LYS A 802 -35.69 113.32 -19.20
C LYS A 802 -35.47 113.89 -20.58
N TYR A 803 -36.44 113.69 -21.45
CA TYR A 803 -36.36 114.25 -22.79
C TYR A 803 -36.98 115.59 -22.66
N ASN A 804 -36.26 116.64 -22.95
CA ASN A 804 -36.78 117.96 -22.65
C ASN A 804 -37.09 117.88 -21.13
N ASN A 805 -38.34 117.97 -20.72
CA ASN A 805 -38.66 117.90 -19.30
C ASN A 805 -39.59 116.71 -18.98
N ASN A 806 -39.65 115.76 -19.90
CA ASN A 806 -40.47 114.57 -19.83
C ASN A 806 -39.75 113.30 -19.37
N THR A 807 -40.11 112.82 -18.17
CA THR A 807 -39.53 111.64 -17.54
C THR A 807 -40.16 110.36 -18.10
N LEU A 808 -39.42 109.64 -18.93
CA LEU A 808 -39.92 108.48 -19.68
C LEU A 808 -39.93 107.14 -18.96
N LEU A 809 -38.78 106.70 -18.45
CA LEU A 809 -38.71 105.39 -17.84
C LEU A 809 -38.34 105.44 -16.37
N TYR A 810 -39.27 104.99 -15.55
CA TYR A 810 -39.09 104.97 -14.12
C TYR A 810 -38.66 103.63 -13.63
N ILE A 811 -37.49 103.54 -13.03
CA ILE A 811 -37.03 102.23 -12.62
C ILE A 811 -37.75 101.83 -11.37
N LEU A 812 -38.43 100.69 -11.47
CA LEU A 812 -39.20 100.02 -10.44
C LEU A 812 -38.22 99.36 -9.48
N HIS A 813 -37.30 98.58 -10.06
CA HIS A 813 -36.31 97.83 -9.27
C HIS A 813 -35.09 97.36 -10.03
N TYR A 814 -33.94 97.41 -9.35
CA TYR A 814 -32.70 96.84 -9.89
C TYR A 814 -32.54 95.44 -9.35
N ASP A 815 -32.72 94.48 -10.23
CA ASP A 815 -32.68 93.07 -9.88
C ASP A 815 -31.29 92.57 -10.27
N ILE A 816 -30.42 92.43 -9.29
CA ILE A 816 -29.07 92.10 -9.68
C ILE A 816 -28.61 90.84 -9.01
N ASP A 817 -27.74 90.11 -9.70
CA ASP A 817 -27.24 88.87 -9.15
C ASP A 817 -25.78 88.73 -9.47
N GLY A 818 -25.17 87.66 -9.02
CA GLY A 818 -23.75 87.51 -9.19
C GLY A 818 -23.20 88.46 -8.13
N PRO A 819 -21.89 88.67 -8.05
CA PRO A 819 -21.26 89.52 -7.06
C PRO A 819 -21.43 90.96 -7.48
N MET A 820 -22.67 91.44 -7.47
CA MET A 820 -22.95 92.76 -8.00
C MET A 820 -23.62 93.72 -7.03
N ASN A 821 -23.14 94.96 -7.04
CA ASN A 821 -23.69 96.04 -6.22
C ASN A 821 -23.85 97.38 -6.96
N CYS A 822 -25.10 97.83 -7.14
CA CYS A 822 -25.37 99.08 -7.87
C CYS A 822 -25.50 100.31 -6.97
N THR A 823 -24.86 101.39 -7.42
CA THR A 823 -24.95 102.71 -6.80
C THR A 823 -25.48 103.71 -7.83
N SER A 824 -26.46 104.51 -7.43
CA SER A 824 -27.02 105.49 -8.37
C SER A 824 -26.75 106.91 -7.92
N ASP A 825 -26.60 107.83 -8.88
CA ASP A 825 -26.51 109.24 -8.51
C ASP A 825 -27.88 109.89 -8.29
N MET A 826 -28.85 109.52 -9.12
CA MET A 826 -30.20 110.06 -9.09
C MET A 826 -31.12 109.12 -8.34
N GLU A 827 -32.14 109.69 -7.73
CA GLU A 827 -33.15 108.91 -7.03
C GLU A 827 -33.77 107.86 -7.94
N ILE A 828 -33.86 106.64 -7.43
CA ILE A 828 -34.44 105.54 -8.16
C ILE A 828 -35.83 105.32 -7.62
N ASN A 829 -36.76 105.11 -8.53
CA ASN A 829 -38.17 104.95 -8.24
C ASN A 829 -38.76 106.15 -7.46
N PRO A 830 -38.56 107.42 -7.94
CA PRO A 830 -39.08 108.66 -7.37
C PRO A 830 -40.60 108.74 -7.43
N LEU A 831 -41.19 107.92 -8.30
CA LEU A 831 -42.63 107.87 -8.53
C LEU A 831 -43.29 106.98 -7.48
N ARG A 832 -42.48 106.25 -6.69
CA ARG A 832 -42.97 105.34 -5.67
C ARG A 832 -43.85 104.27 -6.25
N ILE A 833 -43.30 103.57 -7.22
CA ILE A 833 -43.98 102.51 -7.89
C ILE A 833 -43.93 101.28 -7.02
N LYS A 834 -45.05 100.96 -6.40
CA LYS A 834 -45.18 99.82 -5.51
C LYS A 834 -45.90 98.72 -6.25
N ILE A 835 -45.27 98.17 -7.27
CA ILE A 835 -45.93 97.19 -8.12
C ILE A 835 -45.43 95.77 -7.90
N SER A 836 -44.13 95.56 -8.02
CA SER A 836 -43.58 94.22 -7.88
C SER A 836 -44.40 93.23 -8.69
N SER A 837 -44.57 92.02 -8.16
CA SER A 837 -45.36 91.01 -8.84
C SER A 837 -44.90 90.79 -10.29
N LEU A 838 -43.59 90.71 -10.47
CA LEU A 838 -42.98 90.50 -11.76
C LEU A 838 -42.15 89.22 -11.72
N ASP A 868 -33.37 115.00 -32.82
CA ASP A 868 -33.14 114.13 -31.69
C ASP A 868 -34.47 113.67 -31.11
N ILE A 869 -35.52 113.83 -31.89
CA ILE A 869 -36.86 113.43 -31.44
C ILE A 869 -37.03 111.93 -31.38
N HIS A 870 -36.61 111.23 -32.43
CA HIS A 870 -36.78 109.77 -32.48
C HIS A 870 -35.91 109.01 -31.50
N THR A 871 -34.61 109.27 -31.51
CA THR A 871 -33.74 108.46 -30.66
C THR A 871 -33.59 109.08 -29.30
N LEU A 872 -34.16 108.42 -28.31
CA LEU A 872 -34.14 108.91 -26.96
C LEU A 872 -32.97 108.30 -26.25
N GLY A 873 -31.79 108.66 -26.72
CA GLY A 873 -30.57 108.12 -26.15
C GLY A 873 -30.11 108.93 -24.97
N CYS A 874 -29.01 108.51 -24.37
CA CYS A 874 -28.44 109.20 -23.21
C CYS A 874 -27.81 110.54 -23.58
N GLY A 875 -27.57 110.73 -24.88
CA GLY A 875 -27.01 111.98 -25.40
C GLY A 875 -28.14 112.95 -25.77
N VAL A 876 -29.37 112.53 -25.55
CA VAL A 876 -30.58 113.27 -25.87
C VAL A 876 -31.40 113.55 -24.62
N ALA A 877 -31.81 112.49 -23.94
CA ALA A 877 -32.60 112.61 -22.72
C ALA A 877 -31.64 112.58 -21.57
N GLN A 878 -31.82 113.42 -20.54
CA GLN A 878 -30.90 113.33 -19.41
C GLN A 878 -31.00 111.93 -18.90
N CYS A 879 -29.88 111.26 -18.69
CA CYS A 879 -29.91 109.89 -18.21
C CYS A 879 -29.51 109.76 -16.75
N LEU A 880 -29.97 108.67 -16.12
CA LEU A 880 -29.52 108.37 -14.77
C LEU A 880 -28.22 107.60 -14.89
N LYS A 881 -27.29 107.88 -13.99
CA LYS A 881 -26.03 107.15 -13.99
C LYS A 881 -26.03 106.06 -12.92
N ILE A 882 -26.00 104.82 -13.39
CA ILE A 882 -26.02 103.68 -12.50
C ILE A 882 -24.72 102.91 -12.65
N VAL A 883 -23.95 102.76 -11.58
CA VAL A 883 -22.71 102.01 -11.75
C VAL A 883 -22.71 100.83 -10.84
N CYS A 884 -22.55 99.67 -11.44
CA CYS A 884 -22.54 98.43 -10.74
C CYS A 884 -21.15 97.87 -10.53
N GLN A 885 -20.80 97.66 -9.30
CA GLN A 885 -19.50 97.09 -9.04
C GLN A 885 -19.69 95.62 -9.29
N VAL A 886 -18.75 94.99 -9.99
CA VAL A 886 -18.83 93.57 -10.26
C VAL A 886 -17.60 92.89 -9.64
N GLY A 887 -17.83 91.94 -8.74
CA GLY A 887 -16.74 91.27 -8.05
C GLY A 887 -16.19 90.07 -8.81
N ARG A 888 -15.57 89.16 -8.08
CA ARG A 888 -14.92 88.05 -8.73
C ARG A 888 -15.82 87.16 -9.56
N LEU A 889 -15.43 86.95 -10.81
CA LEU A 889 -16.19 86.11 -11.71
C LEU A 889 -15.32 85.02 -12.34
N ASP A 890 -15.80 83.79 -12.29
CA ASP A 890 -15.15 82.62 -12.90
C ASP A 890 -15.34 82.63 -14.42
N ARG A 891 -14.45 81.95 -15.16
CA ARG A 891 -14.66 81.87 -16.60
C ARG A 891 -16.01 81.20 -16.84
N GLY A 892 -16.78 81.69 -17.80
CA GLY A 892 -18.08 81.13 -18.13
C GLY A 892 -19.23 81.71 -17.28
N LYS A 893 -18.89 82.52 -16.28
CA LYS A 893 -19.88 83.12 -15.42
C LYS A 893 -20.56 84.30 -16.08
N SER A 894 -21.85 84.45 -15.78
CA SER A 894 -22.67 85.57 -16.23
C SER A 894 -23.03 86.51 -15.10
N ALA A 895 -22.56 87.74 -15.22
CA ALA A 895 -22.83 88.80 -14.26
C ALA A 895 -24.01 89.61 -14.76
N ILE A 896 -25.15 89.54 -14.08
CA ILE A 896 -26.34 90.19 -14.62
C ILE A 896 -26.96 91.32 -13.81
N LEU A 897 -27.37 92.31 -14.59
CA LEU A 897 -28.09 93.50 -14.17
C LEU A 897 -29.42 93.63 -14.87
N TYR A 898 -30.53 93.49 -14.15
CA TYR A 898 -31.82 93.63 -14.79
C TYR A 898 -32.49 94.91 -14.29
N VAL A 899 -32.95 95.75 -15.20
CA VAL A 899 -33.61 96.96 -14.74
C VAL A 899 -35.07 96.91 -15.12
N LYS A 900 -35.92 96.82 -14.09
CA LYS A 900 -37.35 96.71 -14.29
C LYS A 900 -37.89 98.12 -14.20
N SER A 901 -38.57 98.60 -15.25
CA SER A 901 -39.06 99.96 -15.27
C SER A 901 -40.39 100.16 -15.95
N LEU A 902 -41.08 101.23 -15.62
CA LEU A 902 -42.34 101.52 -16.29
C LEU A 902 -42.27 102.71 -17.20
N LEU A 903 -43.04 102.63 -18.28
CA LEU A 903 -43.19 103.72 -19.24
C LEU A 903 -44.34 104.58 -18.78
N TRP A 904 -44.07 105.80 -18.34
CA TRP A 904 -45.16 106.64 -17.83
C TRP A 904 -45.92 107.37 -18.93
N THR A 905 -47.24 107.18 -18.98
CA THR A 905 -48.10 107.77 -20.02
C THR A 905 -47.90 109.22 -20.35
N GLU A 906 -47.74 110.07 -19.35
CA GLU A 906 -47.62 111.50 -19.55
C GLU A 906 -46.50 111.89 -20.50
N THR A 907 -45.41 111.13 -20.49
CA THR A 907 -44.23 111.47 -21.23
C THR A 907 -44.08 110.79 -22.60
N PHE A 908 -45.09 109.99 -22.97
CA PHE A 908 -45.17 109.34 -24.28
C PHE A 908 -46.34 109.94 -25.04
N MET A 909 -47.42 110.26 -24.33
CA MET A 909 -48.60 110.82 -24.96
C MET A 909 -48.41 112.32 -25.14
N ASN A 910 -47.67 112.67 -26.19
CA ASN A 910 -47.34 114.06 -26.47
C ASN A 910 -48.59 114.90 -26.60
N LYS A 911 -48.47 116.19 -26.25
CA LYS A 911 -49.62 117.07 -26.30
C LYS A 911 -49.51 118.11 -27.42
N GLU A 912 -48.29 118.42 -27.79
CA GLU A 912 -47.94 119.47 -28.72
C GLU A 912 -48.41 119.24 -30.17
N ASN A 913 -48.24 118.02 -30.68
CA ASN A 913 -48.61 117.69 -32.05
C ASN A 913 -48.62 116.19 -32.29
N GLN A 914 -49.78 115.54 -32.16
CA GLN A 914 -49.88 114.10 -32.36
C GLN A 914 -48.81 113.36 -31.56
N ASN A 915 -47.97 112.58 -32.23
CA ASN A 915 -46.94 111.82 -31.54
C ASN A 915 -45.84 111.43 -32.52
N HIS A 916 -44.82 110.75 -32.00
CA HIS A 916 -43.67 110.30 -32.77
C HIS A 916 -43.30 108.88 -32.40
N SER A 917 -42.72 108.14 -33.33
CA SER A 917 -42.22 106.84 -32.96
C SER A 917 -40.95 107.12 -32.20
N TYR A 918 -40.68 106.35 -31.17
CA TYR A 918 -39.45 106.55 -30.40
C TYR A 918 -38.60 105.31 -30.25
N SER A 919 -37.31 105.52 -30.17
CA SER A 919 -36.39 104.45 -29.83
C SER A 919 -35.80 104.78 -28.46
N LEU A 920 -36.21 104.01 -27.45
CA LEU A 920 -35.75 104.32 -26.10
C LEU A 920 -34.47 103.57 -25.89
N LYS A 921 -33.36 104.30 -25.80
CA LYS A 921 -32.05 103.66 -25.82
C LYS A 921 -31.15 103.84 -24.62
N SER A 922 -30.86 102.73 -23.98
CA SER A 922 -29.99 102.73 -22.82
C SER A 922 -28.63 102.24 -23.27
N SER A 923 -27.61 102.53 -22.47
CA SER A 923 -26.27 102.08 -22.85
C SER A 923 -25.49 101.48 -21.70
N ALA A 924 -25.04 100.23 -21.90
CA ALA A 924 -24.28 99.53 -20.88
C ALA A 924 -22.83 99.30 -21.34
N SER A 925 -21.90 99.89 -20.60
CA SER A 925 -20.48 99.79 -20.90
C SER A 925 -19.76 99.08 -19.79
N PHE A 926 -18.61 98.50 -20.07
CA PHE A 926 -17.91 97.89 -18.95
C PHE A 926 -16.42 97.99 -19.10
N ASN A 927 -15.76 97.74 -17.97
CA ASN A 927 -14.31 97.71 -17.87
C ASN A 927 -13.82 96.72 -16.82
N VAL A 928 -13.13 95.65 -17.26
CA VAL A 928 -12.55 94.69 -16.32
C VAL A 928 -11.23 95.28 -15.89
N ILE A 929 -11.09 95.47 -14.59
CA ILE A 929 -9.97 96.17 -13.98
C ILE A 929 -8.90 95.29 -13.34
N GLU A 930 -9.34 94.33 -12.53
CA GLU A 930 -8.39 93.56 -11.75
C GLU A 930 -8.53 92.07 -11.89
N PHE A 931 -7.38 91.44 -12.09
CA PHE A 931 -7.25 90.00 -12.17
C PHE A 931 -6.42 89.53 -11.00
N PRO A 932 -6.64 88.30 -10.48
CA PRO A 932 -5.85 87.67 -9.45
C PRO A 932 -4.45 87.36 -9.95
N TYR A 933 -4.27 87.36 -11.28
CA TYR A 933 -3.00 87.03 -11.88
C TYR A 933 -2.09 88.24 -11.88
N LYS A 934 -1.70 88.62 -10.67
CA LYS A 934 -0.96 89.82 -10.34
C LYS A 934 0.38 89.97 -11.03
N ASN A 935 1.06 88.87 -11.30
CA ASN A 935 2.39 88.97 -11.91
C ASN A 935 2.34 88.88 -13.43
N LEU A 936 1.15 88.85 -14.01
CA LEU A 936 1.02 88.70 -15.43
C LEU A 936 0.68 89.99 -16.11
N PRO A 937 0.99 90.16 -17.40
CA PRO A 937 0.50 91.27 -18.18
C PRO A 937 -1.00 91.27 -18.10
N ILE A 938 -1.58 92.43 -17.85
CA ILE A 938 -3.03 92.59 -17.77
C ILE A 938 -3.50 93.72 -18.65
N GLU A 939 -4.49 93.43 -19.47
CA GLU A 939 -5.08 94.45 -20.31
C GLU A 939 -6.47 94.71 -19.78
N ASP A 940 -6.89 95.98 -19.78
CA ASP A 940 -8.26 96.30 -19.40
C ASP A 940 -9.17 95.63 -20.41
N ILE A 941 -10.27 95.08 -19.97
CA ILE A 941 -11.18 94.49 -20.97
C ILE A 941 -12.36 95.42 -21.07
N THR A 942 -12.58 96.02 -22.24
CA THR A 942 -13.67 96.98 -22.34
C THR A 942 -14.53 96.78 -23.56
N ASN A 943 -15.79 97.19 -23.44
CA ASN A 943 -16.75 97.19 -24.57
C ASN A 943 -18.07 97.86 -24.17
N SER A 944 -19.02 97.93 -25.11
CA SER A 944 -20.38 98.41 -24.79
C SER A 944 -21.49 97.87 -25.72
N THR A 945 -22.70 97.79 -25.16
CA THR A 945 -23.93 97.38 -25.87
C THR A 945 -25.11 98.30 -25.64
N LEU A 946 -25.82 98.57 -26.72
CA LEU A 946 -27.02 99.38 -26.65
C LEU A 946 -28.24 98.48 -26.60
N VAL A 947 -29.18 98.85 -25.76
CA VAL A 947 -30.43 98.11 -25.61
C VAL A 947 -31.61 99.04 -25.85
N THR A 948 -32.43 98.72 -26.85
CA THR A 948 -33.54 99.59 -27.20
C THR A 948 -34.91 98.95 -27.27
N THR A 949 -35.92 99.81 -27.08
CA THR A 949 -37.32 99.44 -27.27
C THR A 949 -37.96 100.39 -28.29
N ASN A 950 -38.67 99.81 -29.25
CA ASN A 950 -39.35 100.61 -30.28
C ASN A 950 -40.77 100.93 -29.85
N VAL A 951 -41.03 102.20 -29.56
CA VAL A 951 -42.35 102.61 -29.08
C VAL A 951 -43.08 103.29 -30.25
N THR A 952 -44.15 102.67 -30.71
CA THR A 952 -44.89 103.11 -31.89
C THR A 952 -46.37 103.07 -31.58
N GLY B 1 -37.54 48.31 7.29
CA GLY B 1 -38.48 47.45 6.58
C GLY B 1 -37.75 46.42 5.73
N PRO B 2 -37.44 46.75 4.46
CA PRO B 2 -36.82 45.91 3.45
C PRO B 2 -35.41 45.49 3.85
N ASN B 3 -35.23 44.19 4.11
CA ASN B 3 -33.98 43.62 4.58
C ASN B 3 -33.65 42.25 4.00
N ILE B 4 -32.74 42.23 3.04
CA ILE B 4 -32.25 41.02 2.37
C ILE B 4 -33.32 40.10 1.76
N CYS B 5 -34.07 39.41 2.61
CA CYS B 5 -34.98 38.39 2.15
C CYS B 5 -36.25 38.98 1.56
N THR B 6 -36.35 40.29 1.63
CA THR B 6 -37.36 41.13 1.04
C THR B 6 -37.35 40.93 -0.48
N THR B 7 -36.15 40.69 -1.03
CA THR B 7 -36.07 40.45 -2.45
C THR B 7 -35.58 39.03 -2.74
N ARG B 8 -34.92 38.38 -1.76
CA ARG B 8 -34.38 37.05 -1.98
C ARG B 8 -35.23 35.87 -1.49
N GLY B 9 -36.13 36.11 -0.54
CA GLY B 9 -36.95 35.04 0.01
C GLY B 9 -38.43 35.17 -0.30
N VAL B 10 -38.88 36.27 -0.91
CA VAL B 10 -40.31 36.46 -1.07
C VAL B 10 -40.90 35.49 -2.08
N SER B 11 -40.09 35.07 -3.04
CA SER B 11 -40.50 34.12 -4.04
C SER B 11 -40.54 32.72 -3.49
N SER B 12 -40.01 32.50 -2.29
CA SER B 12 -40.01 31.16 -1.78
C SER B 12 -40.03 31.02 -0.30
N CYS B 13 -41.01 30.20 0.02
CA CYS B 13 -41.42 29.76 1.31
C CYS B 13 -40.26 29.14 2.11
N GLN B 14 -39.35 28.47 1.40
CA GLN B 14 -38.18 27.83 2.00
C GLN B 14 -36.93 28.69 1.85
N GLN B 15 -36.81 29.41 0.73
CA GLN B 15 -35.58 30.16 0.45
C GLN B 15 -35.37 31.23 1.48
N CYS B 16 -36.43 31.78 1.93
CA CYS B 16 -36.34 32.80 2.92
C CYS B 16 -35.69 32.32 4.24
N LEU B 17 -35.81 31.01 4.58
CA LEU B 17 -35.20 30.46 5.79
C LEU B 17 -33.72 30.31 5.49
N ALA B 18 -33.47 29.87 4.25
CA ALA B 18 -32.12 29.63 3.73
C ALA B 18 -31.28 30.90 3.63
N VAL B 19 -31.91 32.01 3.29
CA VAL B 19 -31.18 33.25 3.12
C VAL B 19 -30.81 33.97 4.44
N SER B 20 -31.72 34.12 5.39
CA SER B 20 -31.34 34.83 6.63
C SER B 20 -32.10 34.44 7.90
N PRO B 21 -31.40 34.29 9.05
CA PRO B 21 -31.94 33.90 10.35
C PRO B 21 -32.86 34.96 10.95
N MET B 22 -32.80 36.19 10.44
CA MET B 22 -33.61 37.24 11.04
C MET B 22 -34.97 37.43 10.40
N CYS B 23 -35.26 36.67 9.35
CA CYS B 23 -36.47 36.86 8.57
C CYS B 23 -37.61 35.98 9.04
N ALA B 24 -38.87 36.39 8.78
CA ALA B 24 -40.05 35.64 9.23
C ALA B 24 -41.13 35.67 8.17
N TRP B 25 -42.07 34.73 8.20
CA TRP B 25 -43.07 34.68 7.16
C TRP B 25 -44.41 34.50 7.73
N CYS B 26 -45.27 35.45 7.48
CA CYS B 26 -46.60 35.38 8.02
C CYS B 26 -47.40 34.37 7.25
N SER B 27 -48.56 34.06 7.78
CA SER B 27 -49.46 33.15 7.14
C SER B 27 -50.87 33.49 7.52
N ASP B 28 -51.80 32.65 7.11
CA ASP B 28 -53.23 32.79 7.39
C ASP B 28 -53.75 34.19 7.05
N GLU B 29 -53.30 34.74 5.93
CA GLU B 29 -53.69 36.07 5.48
C GLU B 29 -53.44 37.19 6.48
N ALA B 30 -52.44 37.09 7.38
CA ALA B 30 -52.18 38.19 8.32
C ALA B 30 -51.86 39.48 7.58
N LEU B 31 -51.11 39.35 6.52
CA LEU B 31 -50.72 40.46 5.70
C LEU B 31 -50.78 40.00 4.27
N PRO B 32 -51.99 39.82 3.72
CA PRO B 32 -52.28 39.09 2.50
C PRO B 32 -51.80 39.85 1.30
N LEU B 33 -50.48 39.82 1.11
CA LEU B 33 -49.76 40.55 0.08
C LEU B 33 -49.96 42.04 0.36
N GLY B 34 -49.90 42.38 1.65
CA GLY B 34 -50.10 43.75 2.12
C GLY B 34 -49.18 44.75 1.41
N SER B 35 -47.87 44.48 1.45
CA SER B 35 -46.81 45.30 0.85
C SER B 35 -45.42 44.77 1.21
N PRO B 36 -44.94 44.83 2.47
CA PRO B 36 -43.69 44.22 2.87
C PRO B 36 -43.90 42.73 2.92
N ARG B 37 -42.85 41.99 2.66
CA ARG B 37 -42.89 40.55 2.77
C ARG B 37 -41.59 40.09 3.38
N CYS B 38 -41.63 39.03 4.17
CA CYS B 38 -40.42 38.44 4.71
C CYS B 38 -39.64 39.38 5.69
N ASP B 39 -38.99 40.40 5.12
CA ASP B 39 -38.23 41.42 5.86
C ASP B 39 -37.51 40.82 7.04
N LEU B 40 -37.72 41.40 8.22
CA LEU B 40 -37.23 40.88 9.48
C LEU B 40 -38.45 40.52 10.32
N LYS B 41 -38.27 39.61 11.28
CA LYS B 41 -39.36 39.24 12.20
C LYS B 41 -40.15 40.44 12.66
N GLU B 42 -39.43 41.41 13.23
CA GLU B 42 -39.99 42.61 13.83
C GLU B 42 -40.76 43.51 12.87
N ASN B 43 -40.39 43.51 11.60
CA ASN B 43 -41.06 44.42 10.68
C ASN B 43 -42.43 43.86 10.36
N LEU B 44 -42.52 42.54 10.18
CA LEU B 44 -43.84 41.95 9.93
C LEU B 44 -44.66 41.98 11.21
N LEU B 45 -44.01 41.71 12.35
CA LEU B 45 -44.66 41.71 13.65
C LEU B 45 -45.39 43.01 13.87
N LYS B 46 -44.72 44.13 13.60
CA LYS B 46 -45.38 45.42 13.72
C LYS B 46 -46.48 45.57 12.68
N ASP B 47 -46.23 45.16 11.42
CA ASP B 47 -47.23 45.29 10.37
C ASP B 47 -48.23 44.12 10.35
N ASN B 48 -49.03 44.07 11.43
CA ASN B 48 -50.10 43.11 11.69
C ASN B 48 -49.74 41.63 11.73
N CYS B 49 -48.48 41.23 11.94
CA CYS B 49 -48.20 39.80 11.96
C CYS B 49 -47.68 39.33 13.29
N ALA B 50 -48.05 39.99 14.37
CA ALA B 50 -47.61 39.58 15.69
C ALA B 50 -47.96 38.11 16.08
N PRO B 51 -49.14 37.53 15.72
CA PRO B 51 -49.53 36.17 16.06
C PRO B 51 -48.56 35.13 15.49
N GLU B 52 -48.48 33.98 16.14
CA GLU B 52 -47.57 32.93 15.69
C GLU B 52 -48.01 32.22 14.41
N SER B 53 -47.94 32.97 13.32
CA SER B 53 -48.24 32.56 11.97
C SER B 53 -46.97 32.90 11.24
N ILE B 54 -46.14 33.70 11.93
CA ILE B 54 -44.85 34.19 11.42
C ILE B 54 -43.82 33.12 11.16
N GLU B 55 -44.03 31.96 11.80
CA GLU B 55 -43.20 30.79 11.66
C GLU B 55 -41.75 31.25 11.57
N PHE B 56 -41.24 31.68 12.72
CA PHE B 56 -39.92 32.23 12.80
C PHE B 56 -38.84 31.44 13.53
N PRO B 57 -38.38 30.29 13.00
CA PRO B 57 -37.21 29.63 13.48
C PRO B 57 -36.02 30.52 13.21
N VAL B 58 -35.04 30.43 14.05
CA VAL B 58 -33.76 31.09 13.92
C VAL B 58 -32.78 29.98 14.18
N SER B 59 -31.52 30.14 13.83
CA SER B 59 -30.54 29.14 14.22
C SER B 59 -30.41 29.21 15.75
N GLU B 60 -30.26 28.07 16.45
CA GLU B 60 -30.15 28.06 17.92
C GLU B 60 -29.10 27.11 18.49
N ALA B 61 -28.46 27.55 19.56
CA ALA B 61 -27.52 26.75 20.34
C ALA B 61 -28.01 26.65 21.78
N ARG B 62 -28.53 25.49 22.18
CA ARG B 62 -29.06 25.36 23.54
C ARG B 62 -28.49 24.10 24.17
N VAL B 63 -28.44 24.05 25.50
CA VAL B 63 -27.96 22.85 26.16
C VAL B 63 -29.12 22.22 26.92
N LEU B 64 -29.35 20.93 26.66
CA LEU B 64 -30.46 20.16 27.24
C LEU B 64 -30.10 19.64 28.62
N GLU B 65 -28.86 19.21 28.76
CA GLU B 65 -28.34 18.65 30.01
C GLU B 65 -26.87 19.01 30.16
N ASP B 66 -26.51 19.50 31.35
CA ASP B 66 -25.18 19.95 31.72
C ASP B 66 -24.67 19.49 33.09
N ARG B 67 -24.83 18.22 33.44
CA ARG B 67 -24.39 17.78 34.76
C ARG B 67 -22.92 18.17 34.92
N PRO B 68 -22.53 18.76 36.05
CA PRO B 68 -21.20 19.24 36.30
C PRO B 68 -20.16 18.15 36.27
N LEU B 69 -18.98 18.53 35.79
CA LEU B 69 -17.78 17.72 35.70
C LEU B 69 -17.23 17.47 37.12
N SER B 70 -16.78 16.24 37.38
CA SER B 70 -16.26 15.83 38.69
C SER B 70 -14.77 16.05 38.90
N ASP B 71 -14.40 16.22 40.18
CA ASP B 71 -13.00 16.40 40.55
C ASP B 71 -12.25 15.07 40.82
N LYS B 72 -12.94 14.09 41.43
CA LYS B 72 -12.29 12.84 41.81
C LYS B 72 -13.11 11.62 41.40
N GLY B 73 -12.39 10.58 41.02
CA GLY B 73 -12.99 9.31 40.60
C GLY B 73 -13.69 8.58 41.71
N SER B 74 -13.35 8.95 42.94
CA SER B 74 -13.91 8.40 44.15
C SER B 74 -15.27 9.00 44.48
N GLY B 75 -15.66 10.04 43.75
CA GLY B 75 -16.92 10.72 43.99
C GLY B 75 -18.09 9.91 43.44
N ASP B 76 -18.39 8.81 44.11
CA ASP B 76 -19.44 7.88 43.66
C ASP B 76 -20.83 8.44 43.98
N SER B 77 -21.85 7.58 43.88
CA SER B 77 -23.25 8.01 43.97
C SER B 77 -23.53 8.79 42.68
N SER B 78 -23.65 10.11 42.72
CA SER B 78 -23.85 10.81 41.45
C SER B 78 -22.74 10.38 40.52
N GLN B 79 -23.08 9.97 39.29
CA GLN B 79 -22.07 9.48 38.38
C GLN B 79 -20.89 10.41 38.18
N VAL B 80 -19.67 9.87 38.36
CA VAL B 80 -18.49 10.68 38.15
C VAL B 80 -18.56 11.10 36.72
N THR B 81 -18.46 12.40 36.50
CA THR B 81 -18.60 12.94 35.17
C THR B 81 -17.27 13.48 34.64
N GLN B 82 -16.90 13.04 33.42
CA GLN B 82 -15.62 13.45 32.83
C GLN B 82 -15.69 14.67 31.89
N VAL B 83 -16.88 15.00 31.40
CA VAL B 83 -17.02 16.09 30.44
C VAL B 83 -18.09 17.03 30.98
N SER B 84 -18.16 18.26 30.50
CA SER B 84 -19.20 19.14 31.01
C SER B 84 -20.59 19.01 30.30
N PRO B 85 -20.89 19.49 29.05
CA PRO B 85 -22.21 19.30 28.47
C PRO B 85 -22.49 17.82 28.33
N GLN B 86 -23.76 17.42 28.46
CA GLN B 86 -24.15 16.01 28.29
C GLN B 86 -25.04 15.84 27.07
N ARG B 87 -25.99 16.75 26.91
CA ARG B 87 -26.95 16.73 25.81
C ARG B 87 -27.14 18.15 25.31
N ILE B 88 -27.05 18.30 24.01
CA ILE B 88 -27.14 19.58 23.33
C ILE B 88 -28.20 19.64 22.27
N ALA B 89 -28.93 20.75 22.23
CA ALA B 89 -29.93 20.93 21.19
C ALA B 89 -29.44 21.91 20.13
N LEU B 90 -29.36 21.43 18.90
CA LEU B 90 -28.90 22.27 17.83
C LEU B 90 -29.93 22.44 16.72
N ARG B 91 -30.22 23.70 16.43
CA ARG B 91 -31.15 23.99 15.37
C ARG B 91 -30.46 24.83 14.31
N LEU B 92 -30.37 24.27 13.12
CA LEU B 92 -29.73 24.94 12.01
C LEU B 92 -30.72 25.30 10.94
N ARG B 93 -30.37 26.27 10.15
CA ARG B 93 -31.16 26.65 9.00
C ARG B 93 -30.14 26.38 7.90
N PRO B 94 -30.50 26.30 6.63
CA PRO B 94 -29.60 26.02 5.53
C PRO B 94 -28.42 26.97 5.46
N ASP B 95 -27.29 26.41 5.11
CA ASP B 95 -26.04 27.15 4.94
C ASP B 95 -25.69 28.06 6.12
N ASP B 96 -25.85 27.55 7.34
CA ASP B 96 -25.52 28.27 8.55
C ASP B 96 -24.87 27.35 9.57
N SER B 97 -24.49 27.91 10.72
CA SER B 97 -23.83 27.15 11.79
C SER B 97 -23.98 27.73 13.18
N LYS B 98 -23.78 26.87 14.19
CA LYS B 98 -23.73 27.34 15.57
C LYS B 98 -22.56 26.75 16.36
N ASN B 99 -22.05 27.57 17.27
CA ASN B 99 -20.94 27.17 18.13
C ASN B 99 -21.33 26.60 19.48
N PHE B 100 -20.49 25.67 19.93
CA PHE B 100 -20.58 25.01 21.22
C PHE B 100 -19.18 24.69 21.70
N SER B 101 -19.04 24.09 22.86
CA SER B 101 -17.71 23.72 23.32
C SER B 101 -17.74 22.41 24.09
N ILE B 102 -16.59 21.74 24.14
CA ILE B 102 -16.49 20.50 24.87
C ILE B 102 -15.37 20.61 25.90
N GLN B 103 -15.73 20.60 27.17
CA GLN B 103 -14.74 20.66 28.24
C GLN B 103 -14.51 19.24 28.71
N VAL B 104 -13.24 18.80 28.66
CA VAL B 104 -12.93 17.43 29.07
C VAL B 104 -11.82 17.45 30.12
N ARG B 105 -12.04 16.76 31.24
CA ARG B 105 -11.00 16.73 32.25
C ARG B 105 -10.40 15.37 32.41
N GLN B 106 -9.09 15.35 32.61
CA GLN B 106 -8.42 14.10 32.92
C GLN B 106 -8.62 13.84 34.41
N VAL B 107 -9.84 13.55 34.77
CA VAL B 107 -10.23 13.29 36.14
C VAL B 107 -9.46 12.08 36.59
N GLU B 108 -9.17 11.92 37.84
CA GLU B 108 -8.53 10.66 38.17
C GLU B 108 -9.63 9.56 38.11
N ASP B 109 -10.15 9.19 36.85
CA ASP B 109 -11.24 8.18 36.60
C ASP B 109 -11.70 7.84 35.12
N TYR B 110 -10.99 8.19 34.03
CA TYR B 110 -11.63 7.78 32.76
C TYR B 110 -11.56 6.24 32.61
N PRO B 111 -12.56 5.56 32.01
CA PRO B 111 -12.66 4.12 31.83
C PRO B 111 -11.59 3.47 30.99
N VAL B 112 -11.31 2.23 31.33
CA VAL B 112 -10.30 1.48 30.64
C VAL B 112 -10.74 0.15 30.07
N ASP B 113 -10.46 0.00 28.80
CA ASP B 113 -10.70 -1.23 28.09
C ASP B 113 -9.36 -1.94 27.88
N ILE B 114 -9.13 -3.04 28.59
CA ILE B 114 -7.87 -3.73 28.50
C ILE B 114 -8.03 -5.16 27.96
N TYR B 115 -7.17 -5.49 27.02
CA TYR B 115 -7.21 -6.75 26.30
C TYR B 115 -5.94 -7.52 26.63
N TYR B 116 -6.05 -8.73 27.16
CA TYR B 116 -4.85 -9.47 27.49
C TYR B 116 -4.52 -10.45 26.37
N LEU B 117 -3.52 -10.11 25.53
CA LEU B 117 -3.13 -10.93 24.39
C LEU B 117 -1.89 -11.74 24.74
N MET B 118 -2.07 -13.05 24.87
CA MET B 118 -1.02 -13.92 25.37
C MET B 118 -0.27 -14.79 24.36
N ASP B 119 1.03 -14.92 24.62
CA ASP B 119 1.92 -15.87 23.97
C ASP B 119 1.59 -17.27 24.44
N LEU B 120 1.14 -18.12 23.53
CA LEU B 120 0.73 -19.47 23.89
C LEU B 120 1.75 -20.53 23.50
N SER B 121 3.00 -20.12 23.37
CA SER B 121 4.13 -21.03 23.16
C SER B 121 4.33 -21.84 24.43
N TYR B 122 4.81 -23.07 24.29
CA TYR B 122 5.04 -24.01 25.38
C TYR B 122 5.72 -23.43 26.63
N SER B 123 6.70 -22.53 26.47
CA SER B 123 7.42 -21.98 27.63
C SER B 123 6.51 -21.20 28.58
N MET B 124 5.32 -20.82 28.11
CA MET B 124 4.36 -20.05 28.86
C MET B 124 3.31 -20.90 29.59
N LYS B 125 3.44 -22.23 29.59
CA LYS B 125 2.42 -23.01 30.29
C LYS B 125 2.29 -22.62 31.78
N ASP B 126 3.40 -22.21 32.39
CA ASP B 126 3.42 -21.85 33.81
C ASP B 126 2.86 -20.45 34.03
N ASP B 127 2.78 -19.67 32.95
CA ASP B 127 2.30 -18.32 33.01
C ASP B 127 0.81 -18.41 32.96
N LEU B 128 0.28 -19.32 32.14
CA LEU B 128 -1.16 -19.46 32.06
C LEU B 128 -1.65 -19.83 33.46
N TRP B 129 -0.88 -20.68 34.15
CA TRP B 129 -1.21 -21.04 35.52
C TRP B 129 -1.14 -19.83 36.47
N SER B 130 -0.07 -19.06 36.43
CA SER B 130 0.09 -17.90 37.32
C SER B 130 -1.04 -16.88 37.13
N ILE B 131 -1.38 -16.64 35.86
CA ILE B 131 -2.38 -15.71 35.37
C ILE B 131 -3.79 -16.06 35.88
N GLN B 132 -3.99 -17.26 36.46
CA GLN B 132 -5.30 -17.66 36.99
C GLN B 132 -5.81 -16.74 38.10
N ASN B 133 -4.91 -15.92 38.69
CA ASN B 133 -5.30 -14.96 39.71
C ASN B 133 -5.52 -13.52 39.16
N LEU B 134 -5.28 -13.34 37.86
CA LEU B 134 -5.43 -12.03 37.24
C LEU B 134 -6.82 -11.83 36.75
N GLY B 135 -7.08 -10.65 36.22
CA GLY B 135 -8.43 -10.26 35.82
C GLY B 135 -9.08 -9.66 37.04
N THR B 136 -9.28 -10.51 38.03
CA THR B 136 -9.82 -10.09 39.31
C THR B 136 -8.85 -9.16 40.01
N LYS B 137 -7.58 -9.55 40.11
CA LYS B 137 -6.63 -8.70 40.81
C LYS B 137 -6.23 -7.50 39.97
N LEU B 138 -6.15 -7.68 38.65
CA LEU B 138 -5.74 -6.57 37.78
C LEU B 138 -6.76 -5.46 37.93
N ALA B 139 -8.04 -5.81 37.76
CA ALA B 139 -9.10 -4.84 37.86
C ALA B 139 -9.14 -4.21 39.22
N THR B 140 -8.90 -5.01 40.28
CA THR B 140 -8.96 -4.48 41.63
C THR B 140 -7.95 -3.36 41.81
N GLN B 141 -6.71 -3.54 41.36
CA GLN B 141 -5.75 -2.45 41.53
C GLN B 141 -6.15 -1.25 40.66
N MET B 142 -6.65 -1.52 39.45
CA MET B 142 -7.11 -0.51 38.51
C MET B 142 -8.32 0.28 38.99
N ARG B 143 -9.05 -0.22 39.99
CA ARG B 143 -10.19 0.48 40.56
C ARG B 143 -9.78 1.85 41.11
N LYS B 144 -8.49 2.01 41.42
CA LYS B 144 -7.98 3.25 41.96
C LYS B 144 -7.61 4.24 40.86
N LEU B 145 -7.68 3.79 39.61
CA LEU B 145 -7.32 4.58 38.46
C LEU B 145 -8.64 5.03 37.85
N THR B 146 -9.61 4.09 37.83
CA THR B 146 -10.97 4.29 37.34
C THR B 146 -11.95 3.30 37.94
N SER B 147 -13.20 3.71 38.08
CA SER B 147 -14.22 2.83 38.61
C SER B 147 -14.76 1.87 37.55
N ASN B 148 -14.41 2.09 36.28
CA ASN B 148 -14.96 1.25 35.22
C ASN B 148 -13.87 0.67 34.31
N LEU B 149 -13.60 -0.62 34.50
CA LEU B 149 -12.60 -1.32 33.72
C LEU B 149 -13.12 -2.66 33.24
N ARG B 150 -12.86 -2.95 31.97
CA ARG B 150 -13.28 -4.22 31.37
C ARG B 150 -12.06 -5.02 30.94
N ILE B 151 -12.12 -6.34 31.07
CA ILE B 151 -10.99 -7.19 30.65
C ILE B 151 -11.35 -8.27 29.65
N GLY B 152 -10.59 -8.35 28.56
CA GLY B 152 -10.76 -9.44 27.57
C GLY B 152 -9.51 -10.31 27.49
N PHE B 153 -9.49 -11.25 26.55
CA PHE B 153 -8.37 -12.18 26.38
C PHE B 153 -8.27 -12.82 24.98
N GLY B 154 -7.04 -12.96 24.51
CA GLY B 154 -6.79 -13.66 23.26
C GLY B 154 -5.40 -14.25 23.27
N ALA B 155 -5.01 -14.85 22.17
CA ALA B 155 -3.73 -15.50 22.13
C ALA B 155 -3.13 -15.66 20.75
N PHE B 156 -1.82 -15.85 20.74
CA PHE B 156 -1.16 -16.13 19.49
C PHE B 156 -0.10 -17.21 19.59
N VAL B 157 -0.02 -17.98 18.50
CA VAL B 157 0.97 -19.05 18.41
C VAL B 157 1.71 -19.13 17.08
N ASP B 158 1.55 -18.11 16.24
CA ASP B 158 2.15 -18.00 14.90
C ASP B 158 1.38 -18.74 13.81
N LYS B 159 1.65 -18.33 12.57
CA LYS B 159 0.98 -18.82 11.37
C LYS B 159 1.13 -20.32 11.20
N PRO B 160 0.03 -21.09 11.04
CA PRO B 160 0.02 -22.53 10.92
C PRO B 160 0.41 -22.98 9.53
N VAL B 161 1.63 -22.64 9.17
CA VAL B 161 2.16 -22.98 7.86
C VAL B 161 3.51 -23.65 7.97
N SER B 162 3.80 -24.46 6.95
CA SER B 162 5.00 -25.27 6.79
C SER B 162 6.28 -24.89 7.59
N PRO B 163 6.98 -23.77 7.34
CA PRO B 163 8.23 -23.41 8.01
C PRO B 163 8.15 -22.86 9.43
N TYR B 164 6.96 -22.56 9.95
CA TYR B 164 6.93 -21.90 11.26
C TYR B 164 6.43 -22.90 12.28
N MET B 165 5.42 -23.60 11.81
CA MET B 165 4.73 -24.66 12.48
C MET B 165 5.66 -25.83 12.37
N TYR B 166 5.65 -26.72 13.32
CA TYR B 166 6.40 -27.87 12.93
C TYR B 166 5.53 -28.36 11.77
N ILE B 167 6.05 -28.38 10.55
CA ILE B 167 5.40 -28.65 9.23
C ILE B 167 4.33 -29.77 9.08
N SER B 168 3.99 -30.45 10.15
CA SER B 168 3.26 -31.68 10.18
C SER B 168 4.10 -32.60 9.36
N PRO B 169 5.41 -32.77 9.68
CA PRO B 169 6.24 -33.61 8.89
C PRO B 169 5.59 -35.02 8.97
N PRO B 170 5.39 -35.61 10.15
CA PRO B 170 4.43 -36.61 10.51
C PRO B 170 3.12 -36.00 10.94
N GLU B 171 2.15 -36.87 11.11
CA GLU B 171 0.91 -36.61 11.82
C GLU B 171 1.09 -36.15 13.26
N ALA B 172 2.19 -36.56 13.85
CA ALA B 172 2.50 -36.35 15.24
C ALA B 172 2.51 -34.90 15.65
N LEU B 173 2.71 -34.00 14.70
CA LEU B 173 2.76 -32.60 15.05
C LEU B 173 1.43 -31.89 14.76
N GLU B 174 0.38 -32.67 14.45
CA GLU B 174 -0.95 -32.09 14.24
C GLU B 174 -1.62 -31.83 15.58
N ASN B 175 -1.08 -32.46 16.61
CA ASN B 175 -1.50 -32.32 17.99
C ASN B 175 -0.21 -32.66 18.77
N PRO B 176 0.77 -31.72 18.84
CA PRO B 176 2.16 -31.83 19.31
C PRO B 176 2.40 -32.17 20.80
N CYS B 177 3.71 -32.22 21.14
CA CYS B 177 4.33 -32.53 22.42
C CYS B 177 4.29 -34.02 22.80
N TYR B 178 4.01 -34.83 21.79
CA TYR B 178 4.04 -36.29 21.81
C TYR B 178 5.50 -36.74 22.01
N ASP B 179 6.42 -35.79 21.78
CA ASP B 179 7.85 -35.96 21.82
C ASP B 179 8.37 -35.98 23.25
N MET B 180 7.63 -35.36 24.17
CA MET B 180 8.13 -35.20 25.53
C MET B 180 7.26 -35.80 26.64
N LYS B 181 6.40 -36.80 26.34
CA LYS B 181 5.44 -37.41 27.30
C LYS B 181 4.30 -36.45 27.70
N THR B 182 3.97 -35.47 26.88
CA THR B 182 2.88 -34.58 27.23
C THR B 182 2.03 -34.38 26.01
N THR B 183 1.04 -33.52 26.13
CA THR B 183 0.23 -33.14 25.00
C THR B 183 0.11 -31.63 25.01
N CYS B 184 -0.04 -31.05 23.84
CA CYS B 184 -0.25 -29.63 23.70
C CYS B 184 -1.01 -29.35 22.41
N LEU B 185 -1.34 -28.10 22.16
CA LEU B 185 -2.15 -27.69 21.02
C LEU B 185 -1.43 -27.50 19.69
N PRO B 186 -2.16 -27.55 18.57
CA PRO B 186 -1.71 -27.21 17.24
C PRO B 186 -1.55 -25.71 17.11
N MET B 187 -0.83 -25.31 16.09
CA MET B 187 -0.65 -23.91 15.78
C MET B 187 -1.91 -23.34 15.10
N PHE B 188 -2.28 -22.12 15.48
CA PHE B 188 -3.46 -21.43 14.94
C PHE B 188 -3.29 -19.96 14.51
N GLY B 189 -2.09 -19.40 14.42
CA GLY B 189 -2.05 -17.97 14.14
C GLY B 189 -2.60 -17.17 15.31
N TYR B 190 -3.65 -16.38 15.06
CA TYR B 190 -4.27 -15.55 16.10
C TYR B 190 -5.69 -15.96 16.46
N LYS B 191 -5.91 -16.11 17.77
CA LYS B 191 -7.20 -16.49 18.32
C LYS B 191 -7.75 -15.45 19.28
N HIS B 192 -9.05 -15.31 19.26
CA HIS B 192 -9.72 -14.44 20.20
C HIS B 192 -10.61 -15.30 21.10
N VAL B 193 -10.53 -15.10 22.42
CA VAL B 193 -11.27 -15.94 23.36
C VAL B 193 -12.39 -15.23 24.09
N LEU B 194 -12.02 -14.18 24.80
CA LEU B 194 -12.92 -13.44 25.67
C LEU B 194 -13.02 -12.00 25.20
N THR B 195 -14.23 -11.51 24.96
CA THR B 195 -14.35 -10.12 24.56
C THR B 195 -14.21 -9.32 25.83
N LEU B 196 -14.02 -8.02 25.76
CA LEU B 196 -13.98 -7.31 27.03
C LEU B 196 -15.27 -7.35 27.78
N THR B 197 -15.12 -7.63 29.06
CA THR B 197 -16.25 -7.65 29.97
C THR B 197 -15.96 -7.00 31.30
N ASP B 198 -17.00 -6.45 31.91
CA ASP B 198 -16.91 -5.89 33.25
C ASP B 198 -16.85 -7.00 34.29
N GLN B 199 -17.29 -8.19 33.88
CA GLN B 199 -17.26 -9.34 34.74
C GLN B 199 -15.90 -10.00 34.61
N VAL B 200 -14.90 -9.31 35.14
CA VAL B 200 -13.49 -9.64 35.00
C VAL B 200 -13.10 -10.98 35.60
N THR B 201 -13.98 -11.55 36.41
CA THR B 201 -13.74 -12.86 37.01
C THR B 201 -13.80 -13.94 35.93
N ARG B 202 -14.40 -13.59 34.78
CA ARG B 202 -14.44 -14.48 33.65
C ARG B 202 -13.04 -14.74 33.14
N PHE B 203 -12.14 -13.74 33.22
CA PHE B 203 -10.80 -13.93 32.73
C PHE B 203 -10.11 -15.01 33.55
N ASN B 204 -10.23 -14.96 34.88
CA ASN B 204 -9.60 -15.97 35.69
C ASN B 204 -9.97 -17.36 35.16
N GLU B 205 -11.27 -17.57 34.91
CA GLU B 205 -11.71 -18.86 34.38
C GLU B 205 -11.23 -19.14 32.96
N GLU B 206 -11.29 -18.13 32.08
CA GLU B 206 -10.90 -18.35 30.70
C GLU B 206 -9.42 -18.66 30.54
N VAL B 207 -8.55 -18.06 31.37
CA VAL B 207 -7.16 -18.41 31.20
C VAL B 207 -6.92 -19.81 31.72
N LYS B 208 -7.59 -20.22 32.82
CA LYS B 208 -7.43 -21.58 33.35
C LYS B 208 -7.75 -22.62 32.28
N LYS B 209 -8.78 -22.33 31.48
CA LYS B 209 -9.23 -23.18 30.37
C LYS B 209 -8.21 -23.33 29.22
N GLN B 210 -7.21 -22.45 29.14
CA GLN B 210 -6.23 -22.46 28.06
C GLN B 210 -5.02 -23.33 28.30
N SER B 211 -4.39 -23.72 27.22
CA SER B 211 -3.13 -24.43 27.27
C SER B 211 -2.35 -24.12 26.02
N VAL B 212 -1.05 -24.31 26.11
CA VAL B 212 -0.05 -24.02 25.06
C VAL B 212 -0.02 -24.94 23.87
N SER B 213 0.73 -24.49 22.84
CA SER B 213 1.01 -25.18 21.57
C SER B 213 2.52 -25.16 21.22
N ARG B 214 2.91 -25.81 20.12
CA ARG B 214 4.34 -25.84 19.73
C ARG B 214 4.70 -25.12 18.44
N ASN B 215 5.80 -24.38 18.56
CA ASN B 215 6.38 -23.55 17.51
C ASN B 215 7.80 -24.00 17.18
N ARG B 216 8.08 -24.28 15.91
CA ARG B 216 9.44 -24.66 15.53
C ARG B 216 10.31 -23.40 15.40
N ASP B 217 9.76 -22.42 14.69
CA ASP B 217 10.43 -21.16 14.42
C ASP B 217 10.29 -20.29 15.66
N ALA B 218 11.42 -19.92 16.27
CA ALA B 218 11.38 -19.15 17.51
C ALA B 218 10.61 -17.82 17.42
N PRO B 219 10.72 -16.99 16.35
CA PRO B 219 10.00 -15.75 16.20
C PRO B 219 8.50 -15.95 16.31
N GLU B 220 7.84 -15.06 17.03
CA GLU B 220 6.40 -15.12 17.24
C GLU B 220 5.54 -14.39 16.25
N GLY B 221 4.30 -14.82 16.19
CA GLY B 221 3.29 -14.25 15.30
C GLY B 221 2.55 -13.09 15.91
N GLY B 222 3.20 -12.54 16.92
CA GLY B 222 2.68 -11.48 17.72
C GLY B 222 2.27 -10.27 16.92
N PHE B 223 2.96 -9.96 15.81
CA PHE B 223 2.53 -8.81 15.04
C PHE B 223 1.20 -9.01 14.33
N ASP B 224 0.82 -10.24 14.00
CA ASP B 224 -0.49 -10.41 13.38
C ASP B 224 -1.52 -10.26 14.45
N ALA B 225 -1.21 -10.84 15.60
CA ALA B 225 -2.09 -10.81 16.73
C ALA B 225 -2.34 -9.41 17.24
N ILE B 226 -1.29 -8.59 17.29
CA ILE B 226 -1.45 -7.23 17.72
C ILE B 226 -2.29 -6.48 16.74
N MET B 227 -1.96 -6.58 15.45
CA MET B 227 -2.72 -5.82 14.48
C MET B 227 -4.19 -6.25 14.50
N GLN B 228 -4.49 -7.55 14.59
CA GLN B 228 -5.88 -7.92 14.61
C GLN B 228 -6.56 -7.47 15.89
N ALA B 229 -5.88 -7.57 17.02
CA ALA B 229 -6.46 -7.10 18.27
C ALA B 229 -6.72 -5.58 18.20
N THR B 230 -5.81 -4.86 17.54
CA THR B 230 -5.86 -3.41 17.33
C THR B 230 -7.02 -3.00 16.41
N VAL B 231 -7.17 -3.74 15.30
CA VAL B 231 -8.14 -3.48 14.26
C VAL B 231 -9.57 -4.03 14.47
N CYS B 232 -9.73 -5.26 14.96
CA CYS B 232 -11.05 -5.90 15.08
C CYS B 232 -11.90 -5.45 16.29
N ASP B 233 -12.32 -4.18 16.26
CA ASP B 233 -13.09 -3.54 17.33
C ASP B 233 -14.33 -4.31 17.76
N GLU B 234 -15.02 -4.86 16.76
CA GLU B 234 -16.29 -5.57 16.86
C GLU B 234 -16.26 -6.85 17.70
N LYS B 235 -15.09 -7.45 17.89
CA LYS B 235 -15.02 -8.67 18.68
C LYS B 235 -14.17 -8.44 19.91
N ILE B 236 -13.20 -7.53 19.80
CA ILE B 236 -12.34 -7.34 20.93
C ILE B 236 -13.13 -6.69 22.06
N GLY B 237 -14.16 -5.89 21.70
CA GLY B 237 -15.01 -5.26 22.68
C GLY B 237 -14.52 -3.86 23.02
N TRP B 238 -13.92 -3.18 22.05
CA TRP B 238 -13.48 -1.82 22.37
C TRP B 238 -14.63 -0.85 22.32
N ARG B 239 -14.85 -0.14 23.41
CA ARG B 239 -15.88 0.87 23.43
C ARG B 239 -15.16 2.16 23.13
N ASN B 240 -15.60 2.91 22.13
CA ASN B 240 -14.88 4.13 21.78
C ASN B 240 -14.77 5.02 22.99
N ASP B 241 -15.78 4.93 23.83
CA ASP B 241 -15.90 5.64 25.04
C ASP B 241 -15.07 4.96 26.19
N ALA B 242 -13.82 4.57 25.89
CA ALA B 242 -12.89 3.90 26.84
C ALA B 242 -11.45 3.89 26.28
N SER B 243 -10.43 3.89 27.17
CA SER B 243 -9.05 3.82 26.65
C SER B 243 -8.75 2.44 26.23
N HIS B 244 -8.05 2.26 25.13
CA HIS B 244 -7.74 0.92 24.68
C HIS B 244 -6.31 0.52 24.96
N LEU B 245 -6.15 -0.43 25.88
CA LEU B 245 -4.83 -0.94 26.23
C LEU B 245 -4.65 -2.36 25.74
N LEU B 246 -3.83 -2.52 24.71
CA LEU B 246 -3.60 -3.85 24.18
C LEU B 246 -2.36 -4.37 24.83
N VAL B 247 -2.50 -5.41 25.63
CA VAL B 247 -1.36 -5.94 26.33
C VAL B 247 -0.83 -7.13 25.60
N PHE B 248 0.40 -7.04 25.18
CA PHE B 248 1.06 -8.09 24.46
C PHE B 248 2.03 -8.79 25.39
N THR B 249 1.75 -10.04 25.73
CA THR B 249 2.57 -10.76 26.70
C THR B 249 3.42 -11.82 26.00
N THR B 250 4.75 -11.72 26.13
CA THR B 250 5.61 -12.68 25.41
C THR B 250 7.01 -12.93 25.92
N ASP B 251 7.52 -14.11 25.54
CA ASP B 251 8.89 -14.52 25.84
C ASP B 251 9.75 -14.69 24.59
N ALA B 252 9.37 -14.07 23.49
CA ALA B 252 10.20 -14.21 22.30
C ALA B 252 10.05 -13.10 21.29
N LYS B 253 11.10 -12.96 20.49
CA LYS B 253 11.20 -12.00 19.39
C LYS B 253 10.09 -12.24 18.39
N THR B 254 9.58 -11.19 17.74
CA THR B 254 8.54 -11.37 16.73
C THR B 254 9.08 -11.58 15.32
N HIS B 255 8.19 -12.14 14.52
CA HIS B 255 8.30 -12.38 13.08
C HIS B 255 7.79 -11.09 12.40
N ILE B 256 8.43 -10.61 11.32
CA ILE B 256 7.96 -9.34 10.70
C ILE B 256 7.62 -9.44 9.21
N ALA B 257 7.09 -8.34 8.65
CA ALA B 257 6.66 -8.30 7.25
C ALA B 257 7.79 -8.71 6.32
N LEU B 258 7.41 -9.46 5.30
CA LEU B 258 8.23 -10.06 4.29
C LEU B 258 9.09 -11.24 4.78
N ASP B 259 9.05 -11.57 6.09
CA ASP B 259 9.75 -12.78 6.51
C ASP B 259 8.94 -13.95 6.05
N GLY B 260 7.62 -13.70 5.93
CA GLY B 260 6.58 -14.64 5.53
C GLY B 260 6.88 -15.31 4.19
N ARG B 261 7.83 -14.74 3.44
CA ARG B 261 8.22 -15.31 2.17
C ARG B 261 8.61 -16.77 2.34
N LEU B 262 9.20 -17.15 3.48
CA LEU B 262 9.62 -18.53 3.64
C LEU B 262 8.47 -19.55 3.58
N ALA B 263 7.24 -19.11 3.83
CA ALA B 263 6.06 -19.99 3.79
C ALA B 263 5.30 -19.83 2.49
N GLY B 264 5.83 -19.04 1.57
CA GLY B 264 5.11 -18.76 0.36
C GLY B 264 4.09 -17.66 0.62
N ILE B 265 4.29 -16.88 1.68
CA ILE B 265 3.35 -15.84 1.97
C ILE B 265 3.92 -14.54 1.51
N VAL B 266 3.31 -14.03 0.46
CA VAL B 266 3.75 -12.84 -0.22
C VAL B 266 2.65 -11.81 -0.38
N GLN B 267 1.48 -12.12 0.15
CA GLN B 267 0.35 -11.22 0.01
C GLN B 267 0.56 -10.03 0.95
N PRO B 268 0.43 -8.79 0.49
CA PRO B 268 0.61 -7.62 1.32
C PRO B 268 -0.47 -7.63 2.37
N ASN B 269 -0.12 -7.13 3.53
CA ASN B 269 -1.05 -7.00 4.63
C ASN B 269 -1.75 -5.66 4.52
N ASP B 270 -3.07 -5.65 4.34
CA ASP B 270 -3.80 -4.41 4.13
C ASP B 270 -4.22 -3.74 5.44
N GLY B 271 -3.86 -4.33 6.58
CA GLY B 271 -4.22 -3.81 7.90
C GLY B 271 -5.70 -3.99 8.22
N GLN B 272 -6.33 -5.01 7.63
CA GLN B 272 -7.75 -5.25 7.80
C GLN B 272 -8.04 -6.36 8.79
N CYS B 273 -9.26 -6.36 9.31
CA CYS B 273 -9.76 -7.43 10.17
C CYS B 273 -10.07 -8.70 9.40
N HIS B 274 -9.50 -9.82 9.84
CA HIS B 274 -9.77 -11.09 9.18
C HIS B 274 -10.23 -12.18 10.16
N VAL B 275 -10.74 -11.75 11.32
CA VAL B 275 -11.20 -12.68 12.33
C VAL B 275 -12.66 -13.07 12.05
N GLY B 276 -12.91 -14.35 11.84
CA GLY B 276 -14.23 -14.84 11.49
C GLY B 276 -15.10 -15.24 12.69
N SER B 277 -16.20 -15.93 12.39
CA SER B 277 -17.21 -16.37 13.39
C SER B 277 -16.67 -17.36 14.42
N ASP B 278 -15.53 -17.95 14.11
CA ASP B 278 -14.85 -18.89 14.99
C ASP B 278 -13.86 -18.16 15.89
N ASN B 279 -13.87 -16.82 15.83
CA ASN B 279 -12.95 -15.96 16.57
C ASN B 279 -11.52 -16.34 16.23
N HIS B 280 -11.30 -16.59 14.95
CA HIS B 280 -10.01 -16.98 14.42
C HIS B 280 -9.61 -16.20 13.17
N TYR B 281 -8.32 -15.84 13.11
CA TYR B 281 -7.74 -15.13 11.97
C TYR B 281 -7.56 -16.07 10.78
N SER B 282 -8.47 -15.97 9.81
CA SER B 282 -8.51 -16.90 8.68
C SER B 282 -7.42 -16.60 7.67
N ALA B 283 -6.84 -15.43 7.79
CA ALA B 283 -5.79 -14.95 6.92
C ALA B 283 -4.42 -15.46 7.38
N SER B 284 -4.39 -16.25 8.46
CA SER B 284 -3.15 -16.76 9.04
C SER B 284 -2.29 -17.60 8.10
N THR B 285 -2.85 -18.11 7.00
CA THR B 285 -2.07 -18.92 6.08
C THR B 285 -1.86 -18.23 4.72
N THR B 286 -2.40 -17.02 4.53
CA THR B 286 -2.25 -16.38 3.21
C THR B 286 -1.69 -14.97 3.26
N MET B 287 -1.92 -14.26 4.35
CA MET B 287 -1.47 -12.88 4.45
C MET B 287 -0.17 -12.79 5.23
N ASP B 288 0.69 -11.87 4.82
CA ASP B 288 1.95 -11.66 5.50
C ASP B 288 1.75 -10.87 6.77
N TYR B 289 2.84 -10.64 7.48
CA TYR B 289 2.83 -9.89 8.70
C TYR B 289 2.68 -8.43 8.40
N PRO B 290 2.04 -7.65 9.28
CA PRO B 290 1.95 -6.24 9.15
C PRO B 290 3.31 -5.68 9.45
N SER B 291 3.58 -4.54 8.86
CA SER B 291 4.77 -3.78 9.06
C SER B 291 4.64 -2.87 10.27
N LEU B 292 5.75 -2.27 10.67
CA LEU B 292 5.76 -1.31 11.76
C LEU B 292 4.91 -0.11 11.32
N GLY B 293 4.95 0.20 10.02
CA GLY B 293 4.17 1.27 9.42
C GLY B 293 2.68 1.03 9.60
N LEU B 294 2.20 -0.15 9.20
CA LEU B 294 0.77 -0.48 9.34
C LEU B 294 0.33 -0.49 10.79
N MET B 295 1.18 -1.03 11.69
CA MET B 295 0.79 -1.07 13.09
C MET B 295 0.61 0.35 13.57
N THR B 296 1.58 1.21 13.25
CA THR B 296 1.53 2.58 13.73
C THR B 296 0.29 3.27 13.23
N GLU B 297 0.01 3.16 11.93
CA GLU B 297 -1.14 3.84 11.37
C GLU B 297 -2.44 3.37 12.00
N LYS B 298 -2.62 2.06 12.16
CA LYS B 298 -3.89 1.58 12.68
C LYS B 298 -4.06 1.86 14.16
N LEU B 299 -3.00 1.71 14.95
CA LEU B 299 -3.20 1.96 16.37
C LEU B 299 -3.34 3.44 16.64
N SER B 300 -2.70 4.30 15.83
CA SER B 300 -2.83 5.72 16.01
C SER B 300 -4.24 6.16 15.59
N GLN B 301 -4.65 5.76 14.37
CA GLN B 301 -5.94 6.11 13.80
C GLN B 301 -7.11 5.72 14.69
N LYS B 302 -7.02 4.54 15.28
CA LYS B 302 -8.07 4.00 16.11
C LYS B 302 -7.85 4.18 17.63
N ASN B 303 -6.84 4.97 18.04
CA ASN B 303 -6.54 5.20 19.46
C ASN B 303 -6.27 4.00 20.40
N ILE B 304 -5.43 3.08 19.91
CA ILE B 304 -4.97 1.91 20.65
C ILE B 304 -3.57 2.08 21.16
N ASN B 305 -3.36 1.92 22.44
CA ASN B 305 -2.00 1.99 22.94
C ASN B 305 -1.52 0.56 23.13
N LEU B 306 -0.27 0.28 22.75
CA LEU B 306 0.20 -1.08 22.96
C LEU B 306 1.11 -1.10 24.18
N ILE B 307 0.95 -2.14 24.98
CA ILE B 307 1.80 -2.37 26.13
C ILE B 307 2.56 -3.66 25.87
N PHE B 308 3.88 -3.59 25.90
CA PHE B 308 4.63 -4.80 25.68
C PHE B 308 5.12 -5.36 27.01
N ALA B 309 4.48 -6.46 27.40
CA ALA B 309 4.73 -7.21 28.62
C ALA B 309 5.73 -8.28 28.24
N VAL B 310 6.97 -7.89 28.11
CA VAL B 310 7.96 -8.76 27.52
C VAL B 310 9.08 -9.12 28.46
N THR B 311 9.46 -10.39 28.46
CA THR B 311 10.51 -10.81 29.38
C THR B 311 11.84 -10.13 29.03
N GLU B 312 12.72 -10.05 30.04
CA GLU B 312 13.98 -9.31 29.96
C GLU B 312 14.92 -9.61 28.81
N ASN B 313 15.06 -10.88 28.46
CA ASN B 313 16.01 -11.30 27.44
C ASN B 313 15.75 -10.81 26.01
N VAL B 314 14.54 -10.33 25.73
CA VAL B 314 14.26 -9.86 24.37
C VAL B 314 13.83 -8.39 24.34
N VAL B 315 13.99 -7.69 25.47
CA VAL B 315 13.53 -6.30 25.57
C VAL B 315 14.19 -5.42 24.52
N ASN B 316 15.45 -5.66 24.21
CA ASN B 316 16.09 -4.80 23.23
C ASN B 316 15.33 -4.72 21.90
N LEU B 317 14.68 -5.82 21.46
CA LEU B 317 13.98 -5.71 20.20
C LEU B 317 12.67 -4.99 20.39
N TYR B 318 12.01 -5.24 21.51
CA TYR B 318 10.73 -4.59 21.71
C TYR B 318 10.87 -3.11 21.93
N GLN B 319 11.92 -2.68 22.64
CA GLN B 319 12.09 -1.25 22.83
C GLN B 319 12.41 -0.60 21.50
N ASN B 320 13.24 -1.26 20.67
CA ASN B 320 13.56 -0.68 19.38
C ASN B 320 12.35 -0.69 18.44
N TYR B 321 11.47 -1.70 18.56
CA TYR B 321 10.27 -1.67 17.75
C TYR B 321 9.40 -0.51 18.20
N SER B 322 9.26 -0.30 19.50
CA SER B 322 8.44 0.80 20.04
C SER B 322 8.91 2.15 19.51
N GLU B 323 10.22 2.32 19.38
CA GLU B 323 10.73 3.58 18.84
C GLU B 323 10.16 3.81 17.42
N LEU B 324 9.89 2.72 16.68
CA LEU B 324 9.33 2.79 15.34
C LEU B 324 7.81 2.55 15.32
N ILE B 325 7.20 2.46 16.49
CA ILE B 325 5.76 2.30 16.68
C ILE B 325 5.35 3.35 17.76
N PRO B 326 5.36 4.64 17.43
CA PRO B 326 5.20 5.71 18.38
C PRO B 326 3.86 5.63 19.07
N GLY B 327 3.85 6.00 20.33
CA GLY B 327 2.66 5.99 21.16
C GLY B 327 2.61 4.74 22.04
N THR B 328 3.45 3.75 21.74
CA THR B 328 3.47 2.51 22.53
C THR B 328 4.46 2.56 23.69
N THR B 329 4.36 1.56 24.59
CA THR B 329 5.27 1.45 25.74
C THR B 329 5.73 0.00 26.01
N VAL B 330 6.97 -0.14 26.48
CA VAL B 330 7.55 -1.46 26.74
C VAL B 330 8.08 -1.59 28.18
N GLY B 331 7.64 -2.63 28.89
CA GLY B 331 8.07 -2.88 30.25
C GLY B 331 8.83 -4.20 30.33
N VAL B 332 9.07 -4.69 31.55
CA VAL B 332 9.79 -5.94 31.69
C VAL B 332 8.93 -6.92 32.48
N LEU B 333 8.69 -8.05 31.87
CA LEU B 333 7.85 -9.08 32.45
C LEU B 333 8.65 -10.15 33.21
N SER B 334 8.16 -10.50 34.38
CA SER B 334 8.69 -11.57 35.21
C SER B 334 8.48 -12.90 34.52
N MET B 335 9.37 -13.87 34.73
CA MET B 335 9.15 -15.17 34.10
C MET B 335 7.87 -15.87 34.56
N ASP B 336 7.36 -15.55 35.75
CA ASP B 336 6.11 -16.15 36.23
C ASP B 336 4.91 -15.23 35.97
N SER B 337 5.12 -14.15 35.21
CA SER B 337 4.13 -13.12 34.88
C SER B 337 3.34 -12.55 36.06
N SER B 338 3.85 -12.69 37.29
CA SER B 338 3.13 -12.19 38.44
C SER B 338 3.08 -10.69 38.50
N ASN B 339 3.96 -10.03 37.73
CA ASN B 339 4.00 -8.59 37.76
C ASN B 339 3.16 -7.95 36.66
N VAL B 340 2.32 -8.72 35.94
CA VAL B 340 1.51 -8.05 34.91
C VAL B 340 0.64 -7.01 35.58
N LEU B 341 0.09 -7.31 36.76
CA LEU B 341 -0.75 -6.34 37.42
C LEU B 341 -0.05 -4.98 37.54
N GLN B 342 1.18 -4.98 38.06
CA GLN B 342 1.93 -3.75 38.26
C GLN B 342 2.44 -3.17 36.95
N LEU B 343 2.80 -4.05 36.01
CA LEU B 343 3.33 -3.66 34.71
C LEU B 343 2.28 -2.80 34.03
N ILE B 344 1.02 -3.27 34.04
CA ILE B 344 -0.10 -2.57 33.44
C ILE B 344 -0.48 -1.31 34.16
N VAL B 345 -0.55 -1.32 35.49
CA VAL B 345 -0.93 -0.11 36.18
C VAL B 345 0.09 0.98 35.87
N ASP B 346 1.38 0.63 35.90
CA ASP B 346 2.43 1.57 35.58
C ASP B 346 2.33 1.98 34.10
N ALA B 347 2.15 1.01 33.19
CA ALA B 347 2.08 1.34 31.77
C ALA B 347 0.95 2.32 31.49
N TYR B 348 -0.20 2.12 32.14
CA TYR B 348 -1.32 3.02 31.99
C TYR B 348 -0.92 4.42 32.46
N GLY B 349 -0.34 4.52 33.66
CA GLY B 349 0.08 5.82 34.17
C GLY B 349 1.05 6.52 33.21
N LYS B 350 1.96 5.76 32.57
CA LYS B 350 2.90 6.32 31.60
C LYS B 350 2.20 6.81 30.34
N ILE B 351 1.22 6.05 29.85
CA ILE B 351 0.44 6.39 28.67
C ILE B 351 -0.35 7.71 28.83
N ARG B 352 -0.93 7.92 30.00
CA ARG B 352 -1.82 9.07 30.26
C ARG B 352 -1.32 10.51 30.11
N SER B 353 -1.21 10.95 28.83
CA SER B 353 -0.89 12.34 28.48
C SER B 353 -1.72 12.93 27.29
N LYS B 354 -2.81 12.26 26.83
CA LYS B 354 -3.57 12.73 25.65
C LYS B 354 -5.09 12.83 25.80
N VAL B 355 -5.68 13.82 25.15
CA VAL B 355 -7.11 13.89 25.04
C VAL B 355 -7.48 14.14 23.58
N GLU B 356 -8.33 13.27 23.07
CA GLU B 356 -8.75 13.30 21.67
C GLU B 356 -10.20 12.96 21.51
N LEU B 357 -10.90 13.70 20.65
CA LEU B 357 -12.31 13.48 20.40
C LEU B 357 -12.59 12.82 19.06
N GLU B 358 -13.66 12.06 19.05
CA GLU B 358 -14.18 11.36 17.89
C GLU B 358 -15.67 11.59 17.79
N VAL B 359 -16.16 11.86 16.59
CA VAL B 359 -17.59 12.07 16.48
C VAL B 359 -18.24 10.91 15.76
N ARG B 360 -19.11 10.21 16.46
CA ARG B 360 -19.74 9.05 15.88
C ARG B 360 -21.08 9.41 15.25
N ASP B 361 -21.42 8.66 14.22
CA ASP B 361 -22.67 8.77 13.49
C ASP B 361 -22.93 10.16 12.93
N LEU B 362 -21.88 10.78 12.39
CA LEU B 362 -22.04 12.08 11.76
C LEU B 362 -22.49 11.87 10.30
N PRO B 363 -23.56 12.56 9.84
CA PRO B 363 -24.10 12.55 8.48
C PRO B 363 -23.22 13.36 7.55
N GLU B 364 -23.26 13.01 6.27
CA GLU B 364 -22.50 13.68 5.22
C GLU B 364 -22.76 15.18 5.02
N GLU B 365 -23.95 15.66 5.33
CA GLU B 365 -24.28 17.08 5.15
C GLU B 365 -23.73 18.02 6.24
N LEU B 366 -23.23 17.50 7.38
CA LEU B 366 -22.82 18.43 8.43
C LEU B 366 -21.32 18.34 8.69
N SER B 367 -20.69 19.50 8.78
CA SER B 367 -19.26 19.61 9.04
C SER B 367 -18.97 20.15 10.44
N LEU B 368 -18.16 19.41 11.21
CA LEU B 368 -17.77 19.84 12.55
C LEU B 368 -16.32 20.31 12.59
N SER B 369 -16.13 21.61 12.73
CA SER B 369 -14.80 22.20 12.75
C SER B 369 -14.30 22.41 14.17
N PHE B 370 -13.09 21.96 14.46
CA PHE B 370 -12.53 22.09 15.81
C PHE B 370 -11.32 23.03 15.94
N ASN B 371 -11.30 23.73 17.09
CA ASN B 371 -10.21 24.59 17.57
C ASN B 371 -9.88 24.14 18.99
N ALA B 372 -8.71 23.52 19.19
CA ALA B 372 -8.44 22.90 20.49
C ALA B 372 -7.59 23.76 21.45
N THR B 373 -8.09 23.98 22.67
CA THR B 373 -7.31 24.78 23.60
C THR B 373 -6.35 23.88 24.32
N CYS B 374 -5.12 23.90 23.83
CA CYS B 374 -4.04 23.06 24.35
C CYS B 374 -3.27 23.69 25.50
N LEU B 375 -3.28 25.02 25.58
CA LEU B 375 -2.54 25.72 26.61
C LEU B 375 -3.12 27.08 26.89
N ASN B 376 -3.35 27.39 28.17
CA ASN B 376 -3.89 28.68 28.56
C ASN B 376 -5.15 28.97 27.75
N ASN B 377 -5.13 30.00 26.92
CA ASN B 377 -6.28 30.38 26.12
C ASN B 377 -5.98 30.38 24.62
N GLU B 378 -4.94 29.64 24.22
CA GLU B 378 -4.54 29.54 22.82
C GLU B 378 -5.17 28.33 22.17
N VAL B 379 -5.77 28.52 21.00
CA VAL B 379 -6.39 27.39 20.31
C VAL B 379 -5.74 27.11 18.98
N ILE B 380 -5.53 25.84 18.72
CA ILE B 380 -4.96 25.42 17.46
C ILE B 380 -6.06 24.80 16.58
N PRO B 381 -6.35 25.36 15.39
CA PRO B 381 -7.38 24.91 14.48
C PRO B 381 -7.02 23.58 13.86
N GLY B 382 -8.03 22.80 13.52
CA GLY B 382 -7.82 21.55 12.82
C GLY B 382 -7.50 20.40 13.76
N LEU B 383 -7.67 20.62 15.06
CA LEU B 383 -7.37 19.56 16.00
C LEU B 383 -8.55 19.04 16.76
N LYS B 384 -8.55 17.72 16.87
CA LYS B 384 -9.52 17.01 17.66
C LYS B 384 -8.82 16.55 18.93
N SER B 385 -7.59 17.01 19.12
CA SER B 385 -6.80 16.57 20.26
C SER B 385 -5.76 17.55 20.78
N CYS B 386 -5.36 17.28 22.03
CA CYS B 386 -4.27 17.96 22.72
C CYS B 386 -3.34 16.99 23.42
N MET B 387 -2.04 17.26 23.31
CA MET B 387 -1.01 16.43 23.94
C MET B 387 -0.35 17.15 25.09
N GLY B 388 0.24 16.38 26.00
CA GLY B 388 1.07 16.96 27.07
C GLY B 388 0.27 17.34 28.31
N LEU B 389 -0.78 16.59 28.59
CA LEU B 389 -1.62 16.86 29.76
C LEU B 389 -1.26 15.95 30.92
N LYS B 390 -1.49 16.40 32.14
CA LYS B 390 -1.29 15.56 33.32
C LYS B 390 -2.64 15.19 33.93
N ILE B 391 -2.65 14.17 34.78
CA ILE B 391 -3.91 13.84 35.43
C ILE B 391 -4.33 15.04 36.27
N GLY B 392 -5.60 15.39 36.14
CA GLY B 392 -6.22 16.52 36.79
C GLY B 392 -6.35 17.77 35.89
N ASP B 393 -5.65 17.76 34.76
CA ASP B 393 -5.68 18.85 33.79
C ASP B 393 -6.90 18.80 32.90
N THR B 394 -7.25 19.93 32.32
CA THR B 394 -8.37 20.03 31.41
C THR B 394 -7.96 20.50 30.03
N VAL B 395 -8.84 20.21 29.07
CA VAL B 395 -8.75 20.70 27.69
C VAL B 395 -10.08 21.30 27.29
N SER B 396 -10.04 22.33 26.47
CA SER B 396 -11.30 22.92 26.00
C SER B 396 -11.37 23.01 24.48
N PHE B 397 -12.32 22.29 23.90
CA PHE B 397 -12.45 22.29 22.45
C PHE B 397 -13.61 23.17 21.99
N SER B 398 -13.34 24.05 21.04
CA SER B 398 -14.37 24.92 20.46
C SER B 398 -14.84 24.31 19.16
N ILE B 399 -16.14 24.06 19.06
CA ILE B 399 -16.67 23.37 17.89
C ILE B 399 -17.75 24.14 17.11
N GLU B 400 -17.57 24.21 15.79
CA GLU B 400 -18.56 24.85 14.92
C GLU B 400 -19.34 23.82 14.12
N ALA B 401 -20.65 23.77 14.33
CA ALA B 401 -21.52 22.82 13.64
C ALA B 401 -22.24 23.44 12.46
N LYS B 402 -21.74 23.17 11.24
CA LYS B 402 -22.28 23.80 10.03
C LYS B 402 -23.00 22.84 9.09
N VAL B 403 -24.13 23.29 8.55
CA VAL B 403 -24.88 22.46 7.60
C VAL B 403 -24.83 22.98 6.18
N ARG B 404 -24.57 22.07 5.27
CA ARG B 404 -24.54 22.40 3.86
C ARG B 404 -25.90 22.09 3.23
N GLY B 405 -26.49 23.06 2.52
CA GLY B 405 -27.77 22.83 1.88
C GLY B 405 -28.91 22.63 2.87
N CYS B 406 -29.89 21.80 2.50
CA CYS B 406 -31.11 21.59 3.27
C CYS B 406 -31.46 20.11 3.48
N PRO B 407 -30.77 19.39 4.38
CA PRO B 407 -30.87 17.96 4.64
C PRO B 407 -32.27 17.63 5.09
N GLN B 408 -32.70 16.41 4.85
CA GLN B 408 -34.02 15.93 5.24
C GLN B 408 -34.38 16.20 6.69
N GLU B 409 -35.66 16.46 6.92
CA GLU B 409 -36.25 16.80 8.22
C GLU B 409 -36.31 15.66 9.25
N LYS B 410 -35.14 15.14 9.58
CA LYS B 410 -35.01 14.06 10.54
C LYS B 410 -34.06 14.53 11.63
N GLU B 411 -34.28 14.07 12.87
CA GLU B 411 -33.36 14.41 13.93
C GLU B 411 -32.21 13.44 13.95
N LYS B 412 -30.99 13.98 13.96
CA LYS B 412 -29.80 13.14 14.02
C LYS B 412 -29.08 13.31 15.33
N SER B 413 -28.45 12.25 15.80
CA SER B 413 -27.67 12.31 17.04
C SER B 413 -26.19 12.19 16.76
N PHE B 414 -25.49 13.27 17.01
CA PHE B 414 -24.05 13.34 16.80
C PHE B 414 -23.40 13.06 18.12
N THR B 415 -22.61 12.00 18.20
CA THR B 415 -22.03 11.74 19.51
C THR B 415 -20.61 12.20 19.55
N ILE B 416 -20.34 13.20 20.38
CA ILE B 416 -19.00 13.73 20.44
C ILE B 416 -18.37 13.22 21.72
N LYS B 417 -17.41 12.33 21.57
CA LYS B 417 -16.85 11.69 22.75
C LYS B 417 -15.33 11.76 22.72
N PRO B 418 -14.67 11.94 23.87
CA PRO B 418 -13.27 11.73 23.99
C PRO B 418 -13.07 10.23 23.76
N VAL B 419 -11.97 9.86 23.15
CA VAL B 419 -11.67 8.45 22.95
C VAL B 419 -11.05 8.09 24.26
N GLY B 420 -11.55 7.07 24.89
CA GLY B 420 -11.02 6.89 26.21
C GLY B 420 -12.08 7.02 27.28
N PHE B 421 -13.12 7.80 26.99
CA PHE B 421 -14.07 8.15 28.02
C PHE B 421 -15.51 7.71 27.81
N LYS B 422 -16.16 7.24 28.88
CA LYS B 422 -17.55 6.80 28.84
C LYS B 422 -18.48 7.94 28.47
N ASP B 423 -18.27 9.05 29.16
CA ASP B 423 -19.11 10.19 28.95
C ASP B 423 -18.96 10.77 27.57
N SER B 424 -20.05 11.23 27.02
CA SER B 424 -20.05 11.84 25.71
C SER B 424 -21.12 12.89 25.60
N LEU B 425 -20.99 13.74 24.61
CA LEU B 425 -21.98 14.76 24.34
C LEU B 425 -22.90 14.35 23.24
N ILE B 426 -24.18 14.33 23.51
CA ILE B 426 -25.09 13.99 22.44
C ILE B 426 -25.69 15.24 21.88
N VAL B 427 -25.38 15.53 20.63
CA VAL B 427 -25.90 16.73 20.05
C VAL B 427 -27.04 16.29 19.14
N GLN B 428 -28.23 16.77 19.46
CA GLN B 428 -29.46 16.45 18.74
C GLN B 428 -29.66 17.54 17.70
N VAL B 429 -29.62 17.17 16.44
CA VAL B 429 -29.65 18.18 15.39
C VAL B 429 -30.85 18.09 14.44
N THR B 430 -31.53 19.22 14.29
CA THR B 430 -32.66 19.33 13.35
C THR B 430 -32.44 20.50 12.39
N PHE B 431 -33.22 20.53 11.29
CA PHE B 431 -33.04 21.59 10.29
C PHE B 431 -34.30 22.38 9.96
N ASP B 432 -34.24 23.65 10.30
CA ASP B 432 -35.33 24.61 10.12
C ASP B 432 -35.34 25.23 8.74
N CYS B 433 -35.75 24.43 7.77
CA CYS B 433 -35.85 24.85 6.38
C CYS B 433 -37.26 24.57 6.00
N ASP B 434 -37.74 23.53 6.66
CA ASP B 434 -39.07 22.99 6.50
C ASP B 434 -39.80 23.25 7.78
N CYS B 435 -40.84 24.05 7.65
CA CYS B 435 -41.60 24.50 8.79
C CYS B 435 -43.04 24.73 8.32
N ALA B 436 -43.89 25.23 9.22
CA ALA B 436 -45.33 25.35 9.01
C ALA B 436 -45.74 26.10 7.77
N CYS B 437 -44.99 27.12 7.37
CA CYS B 437 -45.33 27.89 6.20
C CYS B 437 -45.59 27.07 4.96
N GLN B 438 -44.85 25.95 4.80
CA GLN B 438 -45.01 25.14 3.60
C GLN B 438 -46.35 24.45 3.54
N ALA B 439 -46.87 24.05 4.70
CA ALA B 439 -48.14 23.34 4.79
C ALA B 439 -49.28 24.33 4.69
N GLN B 440 -49.05 25.51 5.22
CA GLN B 440 -50.07 26.53 5.27
C GLN B 440 -50.20 27.32 3.96
N ALA B 441 -50.70 26.62 2.96
CA ALA B 441 -50.87 27.21 1.64
C ALA B 441 -52.05 26.62 0.91
N GLU B 442 -52.90 27.49 0.38
CA GLU B 442 -54.10 27.12 -0.36
C GLU B 442 -54.22 27.97 -1.63
N PRO B 443 -53.44 27.67 -2.69
CA PRO B 443 -53.33 28.47 -3.91
C PRO B 443 -54.69 28.93 -4.42
N ASN B 444 -55.52 27.97 -4.85
CA ASN B 444 -56.91 28.21 -5.26
C ASN B 444 -57.16 29.35 -6.26
N SER B 445 -56.33 29.53 -7.30
CA SER B 445 -56.62 30.61 -8.26
C SER B 445 -56.60 32.00 -7.62
N HIS B 446 -57.76 32.44 -7.13
CA HIS B 446 -57.97 33.75 -6.53
C HIS B 446 -57.12 33.86 -5.26
N ARG B 447 -57.24 34.98 -4.52
CA ARG B 447 -56.47 35.32 -3.30
C ARG B 447 -55.20 36.14 -3.59
N CYS B 448 -54.66 36.05 -4.80
CA CYS B 448 -53.57 36.95 -5.20
C CYS B 448 -54.20 38.24 -5.71
N ASN B 449 -54.85 38.95 -4.79
CA ASN B 449 -55.68 40.11 -5.10
C ASN B 449 -56.63 39.73 -6.22
N ASN B 450 -56.66 40.53 -7.29
CA ASN B 450 -57.52 40.25 -8.43
C ASN B 450 -56.69 39.50 -9.46
N GLY B 451 -56.79 38.20 -9.49
CA GLY B 451 -55.93 37.44 -10.38
C GLY B 451 -56.13 35.94 -10.25
N ASN B 452 -55.17 35.22 -10.81
CA ASN B 452 -55.10 33.78 -10.88
C ASN B 452 -53.66 33.33 -10.68
N GLY B 453 -53.37 32.76 -9.54
CA GLY B 453 -52.03 32.36 -9.19
C GLY B 453 -52.06 31.49 -7.97
N THR B 454 -51.01 31.57 -7.16
CA THR B 454 -50.91 30.78 -5.96
C THR B 454 -50.70 31.72 -4.79
N PHE B 455 -50.64 31.17 -3.58
CA PHE B 455 -50.39 31.96 -2.40
C PHE B 455 -49.76 31.06 -1.38
N GLU B 456 -48.64 31.50 -0.83
CA GLU B 456 -47.98 30.69 0.16
C GLU B 456 -47.12 31.52 1.09
N CYS B 457 -47.04 31.13 2.33
CA CYS B 457 -46.07 31.68 3.26
C CYS B 457 -46.16 33.22 3.34
N GLY B 458 -47.40 33.71 3.37
CA GLY B 458 -47.77 35.11 3.54
C GLY B 458 -47.73 35.99 2.29
N VAL B 459 -47.30 35.44 1.17
CA VAL B 459 -47.17 36.19 -0.06
C VAL B 459 -47.81 35.53 -1.26
N CYS B 460 -48.42 36.31 -2.13
CA CYS B 460 -48.98 35.65 -3.30
C CYS B 460 -47.85 35.32 -4.24
N ARG B 461 -48.07 34.36 -5.09
CA ARG B 461 -47.08 34.09 -6.09
C ARG B 461 -47.77 33.72 -7.39
N GLU C 1 20.64 -52.02 7.68
CA GLU C 1 19.34 -52.62 7.93
C GLU C 1 19.07 -52.74 9.42
N VAL C 2 17.92 -52.25 9.86
CA VAL C 2 17.53 -52.30 11.26
C VAL C 2 17.32 -53.69 11.83
N GLN C 3 17.98 -53.95 12.96
CA GLN C 3 17.83 -55.22 13.66
C GLN C 3 17.51 -55.04 15.14
N LEU C 4 16.38 -55.62 15.57
CA LEU C 4 15.94 -55.57 16.96
C LEU C 4 15.76 -56.97 17.51
N GLU C 5 16.38 -57.26 18.66
CA GLU C 5 16.23 -58.59 19.26
C GLU C 5 15.97 -58.56 20.76
N GLU C 6 14.74 -58.96 21.12
CA GLU C 6 14.27 -59.02 22.50
C GLU C 6 14.73 -60.29 23.17
N SER C 7 14.93 -60.25 24.48
CA SER C 7 15.25 -61.42 25.26
C SER C 7 14.90 -61.24 26.74
N GLY C 8 14.91 -62.36 27.47
CA GLY C 8 14.63 -62.31 28.92
C GLY C 8 13.21 -62.68 29.33
N GLY C 9 12.38 -63.15 28.39
CA GLY C 9 11.02 -63.52 28.76
C GLY C 9 11.05 -64.88 29.48
N GLY C 10 9.96 -65.24 30.13
CA GLY C 10 9.87 -66.51 30.81
C GLY C 10 8.72 -66.56 31.81
N LEU C 11 8.70 -67.60 32.64
CA LEU C 11 7.65 -67.79 33.64
C LEU C 11 7.98 -67.13 34.97
N VAL C 12 7.08 -66.24 35.37
CA VAL C 12 7.14 -65.40 36.54
C VAL C 12 5.97 -65.69 37.48
N LYS C 13 6.23 -65.90 38.76
CA LYS C 13 5.12 -66.12 39.67
C LYS C 13 4.45 -64.76 39.91
N PRO C 14 3.11 -64.68 40.09
CA PRO C 14 2.37 -63.46 40.34
C PRO C 14 2.97 -62.71 41.52
N GLY C 15 3.07 -61.40 41.33
CA GLY C 15 3.64 -60.49 42.32
C GLY C 15 5.15 -60.34 42.13
N GLY C 16 5.74 -61.14 41.22
CA GLY C 16 7.17 -61.12 40.98
C GLY C 16 7.65 -60.04 40.04
N SER C 17 8.88 -60.21 39.58
CA SER C 17 9.56 -59.24 38.72
C SER C 17 10.35 -59.94 37.63
N LEU C 18 10.61 -59.20 36.56
CA LEU C 18 11.34 -59.71 35.40
C LEU C 18 11.94 -58.60 34.53
N LYS C 19 13.21 -58.72 34.14
CA LYS C 19 13.77 -57.70 33.25
C LYS C 19 13.87 -58.17 31.80
N LEU C 20 13.29 -57.42 30.88
CA LEU C 20 13.42 -57.75 29.47
C LEU C 20 14.43 -56.81 28.87
N SER C 21 15.10 -57.27 27.85
CA SER C 21 16.04 -56.40 27.16
C SER C 21 15.83 -56.55 25.68
N CYS C 22 16.27 -55.55 24.93
CA CYS C 22 16.24 -55.67 23.50
C CYS C 22 17.41 -54.96 22.88
N ALA C 23 18.26 -55.77 22.27
CA ALA C 23 19.47 -55.28 21.64
C ALA C 23 19.11 -54.64 20.34
N ALA C 24 19.85 -53.64 19.93
CA ALA C 24 19.58 -53.06 18.64
C ALA C 24 20.85 -52.70 17.88
N SER C 25 20.77 -52.80 16.57
CA SER C 25 21.87 -52.45 15.68
C SER C 25 21.39 -52.08 14.28
N GLY C 26 22.28 -51.52 13.46
CA GLY C 26 21.97 -51.14 12.08
C GLY C 26 21.42 -49.73 11.95
N PHE C 27 21.36 -49.00 13.07
CA PHE C 27 20.86 -47.65 13.09
C PHE C 27 21.42 -46.82 14.23
N ALA C 28 21.23 -45.52 14.14
CA ALA C 28 21.66 -44.60 15.19
C ALA C 28 20.71 -44.66 16.37
N PHE C 29 20.82 -45.70 17.19
CA PHE C 29 19.90 -45.98 18.30
C PHE C 29 19.53 -44.75 19.13
N SER C 30 20.49 -43.88 19.44
CA SER C 30 20.27 -42.68 20.27
C SER C 30 19.48 -41.56 19.56
N SER C 31 19.21 -41.72 18.27
CA SER C 31 18.47 -40.76 17.48
C SER C 31 16.97 -41.10 17.34
N TYR C 32 16.55 -42.25 17.89
CA TYR C 32 15.15 -42.69 17.76
C TYR C 32 14.50 -43.02 19.09
N ASP C 33 13.21 -42.73 19.18
CA ASP C 33 12.43 -43.12 20.34
C ASP C 33 12.20 -44.63 20.27
N MET C 34 12.07 -45.28 21.43
CA MET C 34 11.81 -46.72 21.46
C MET C 34 10.61 -47.07 22.30
N SER C 35 9.94 -48.15 21.95
CA SER C 35 8.82 -48.58 22.76
C SER C 35 8.62 -50.06 22.84
N TRP C 36 7.82 -50.45 23.84
CA TRP C 36 7.40 -51.83 23.98
C TRP C 36 5.91 -51.91 23.77
N VAL C 37 5.52 -52.90 22.98
CA VAL C 37 4.15 -53.25 22.63
C VAL C 37 3.99 -54.72 22.94
N ARG C 38 2.89 -55.10 23.55
CA ARG C 38 2.73 -56.51 23.85
C ARG C 38 1.50 -57.08 23.19
N GLN C 39 1.58 -58.35 22.84
CA GLN C 39 0.46 -59.05 22.24
C GLN C 39 -0.16 -60.01 23.24
N ILE C 40 -1.37 -59.66 23.61
CA ILE C 40 -2.22 -60.31 24.60
C ILE C 40 -2.71 -61.60 23.98
N PRO C 41 -2.83 -62.73 24.70
CA PRO C 41 -3.36 -64.02 24.20
C PRO C 41 -4.62 -63.94 23.29
N GLU C 42 -5.37 -62.83 23.33
CA GLU C 42 -6.57 -62.62 22.53
C GLU C 42 -6.18 -62.10 21.12
N LYS C 43 -4.87 -61.94 20.93
CA LYS C 43 -4.13 -61.43 19.77
C LYS C 43 -4.25 -59.93 19.60
N ARG C 44 -4.71 -59.26 20.64
CA ARG C 44 -4.78 -57.82 20.69
C ARG C 44 -3.43 -57.19 20.98
N LEU C 45 -3.09 -56.16 20.23
CA LEU C 45 -1.85 -55.46 20.51
C LEU C 45 -2.14 -54.34 21.49
N GLU C 46 -1.25 -54.18 22.46
CA GLU C 46 -1.34 -53.10 23.42
C GLU C 46 -0.02 -52.42 23.58
N TRP C 47 -0.04 -51.11 23.48
CA TRP C 47 1.19 -50.38 23.71
C TRP C 47 1.45 -50.41 25.20
N VAL C 48 2.70 -50.60 25.63
CA VAL C 48 3.03 -50.66 27.06
C VAL C 48 3.79 -49.43 27.55
N ALA C 49 4.90 -49.13 26.89
CA ALA C 49 5.74 -48.01 27.34
C ALA C 49 6.59 -47.43 26.21
N LYS C 50 6.93 -46.14 26.33
CA LYS C 50 7.81 -45.45 25.38
C LYS C 50 8.87 -44.64 26.10
N VAL C 51 10.08 -44.67 25.56
CA VAL C 51 11.19 -43.87 26.08
C VAL C 51 11.74 -42.99 24.94
N SER C 52 11.92 -41.69 25.22
CA SER C 52 12.41 -40.79 24.19
C SER C 52 13.85 -41.11 23.80
N SER C 53 14.27 -40.61 22.64
CA SER C 53 15.62 -40.88 22.12
C SER C 53 16.76 -40.58 23.09
N GLY C 54 16.64 -39.52 23.89
CA GLY C 54 17.67 -39.19 24.85
C GLY C 54 17.44 -39.82 26.22
N GLY C 55 16.33 -40.53 26.36
CA GLY C 55 15.90 -41.18 27.59
C GLY C 55 15.20 -40.27 28.60
N GLY C 56 15.08 -38.99 28.28
CA GLY C 56 14.49 -37.97 29.15
C GLY C 56 13.02 -38.12 29.48
N SER C 57 12.22 -38.60 28.54
CA SER C 57 10.79 -38.69 28.78
C SER C 57 10.29 -40.10 28.58
N THR C 58 9.59 -40.61 29.58
CA THR C 58 9.04 -41.96 29.51
C THR C 58 7.55 -42.04 29.79
N TYR C 59 6.78 -42.61 28.86
CA TYR C 59 5.34 -42.69 29.05
C TYR C 59 4.89 -44.15 29.13
N TYR C 60 3.96 -44.42 30.06
CA TYR C 60 3.45 -45.76 30.29
C TYR C 60 1.95 -45.88 30.20
N LEU C 61 1.50 -47.07 29.84
CA LEU C 61 0.09 -47.42 29.85
C LEU C 61 -0.41 -47.24 31.30
N ASP C 62 -1.58 -46.64 31.47
CA ASP C 62 -2.16 -46.36 32.79
C ASP C 62 -2.22 -47.55 33.75
N THR C 63 -2.45 -48.75 33.24
CA THR C 63 -2.60 -49.94 34.08
C THR C 63 -1.25 -50.63 34.34
N VAL C 64 -0.19 -50.05 33.80
CA VAL C 64 1.21 -50.47 33.88
C VAL C 64 2.01 -49.55 34.83
N GLN C 65 1.74 -48.27 34.71
CA GLN C 65 2.41 -47.22 35.45
C GLN C 65 2.49 -47.50 36.96
N GLY C 66 3.70 -47.35 37.48
CA GLY C 66 4.00 -47.58 38.89
C GLY C 66 4.55 -48.99 39.12
N ARG C 67 4.41 -49.88 38.13
CA ARG C 67 4.91 -51.23 38.25
C ARG C 67 6.08 -51.44 37.30
N PHE C 68 5.95 -50.90 36.08
CA PHE C 68 7.02 -51.10 35.09
C PHE C 68 7.90 -49.87 34.91
N THR C 69 9.17 -50.12 34.58
CA THR C 69 10.10 -49.06 34.18
C THR C 69 10.72 -49.34 32.81
N ILE C 70 10.68 -48.35 31.93
CA ILE C 70 11.30 -48.48 30.61
C ILE C 70 12.53 -47.59 30.67
N SER C 71 13.64 -48.09 30.16
CA SER C 71 14.89 -47.34 30.18
C SER C 71 15.79 -47.81 29.06
N ARG C 72 16.86 -47.06 28.81
CA ARG C 72 17.75 -47.44 27.73
C ARG C 72 19.18 -47.06 27.99
N ASP C 73 20.09 -47.83 27.43
CA ASP C 73 21.49 -47.50 27.46
C ASP C 73 21.94 -47.23 26.03
N ASN C 74 22.14 -45.95 25.72
CA ASN C 74 22.47 -45.55 24.36
C ASN C 74 23.91 -45.85 23.96
N ALA C 75 24.75 -46.27 24.93
CA ALA C 75 26.12 -46.61 24.61
C ALA C 75 26.16 -48.08 24.24
N LYS C 76 25.36 -48.87 24.96
CA LYS C 76 25.27 -50.32 24.77
C LYS C 76 24.22 -50.71 23.72
N ASN C 77 23.55 -49.70 23.16
CA ASN C 77 22.50 -49.89 22.16
C ASN C 77 21.50 -50.93 22.61
N THR C 78 21.09 -50.83 23.87
CA THR C 78 20.15 -51.80 24.41
C THR C 78 18.98 -51.13 25.16
N LEU C 79 17.78 -51.58 24.85
CA LEU C 79 16.54 -51.12 25.48
C LEU C 79 16.13 -52.06 26.59
N TYR C 80 15.63 -51.53 27.71
CA TYR C 80 15.20 -52.40 28.79
C TYR C 80 13.77 -52.13 29.28
N LEU C 81 13.14 -53.18 29.83
CA LEU C 81 11.85 -53.03 30.51
C LEU C 81 11.87 -53.85 31.79
N GLN C 82 11.83 -53.16 32.92
CA GLN C 82 11.87 -53.83 34.22
C GLN C 82 10.47 -53.90 34.76
N MET C 83 9.96 -55.11 34.85
CA MET C 83 8.60 -55.31 35.30
C MET C 83 8.65 -55.73 36.77
N SER C 84 7.59 -55.43 37.52
CA SER C 84 7.48 -55.80 38.93
C SER C 84 6.02 -55.92 39.26
N SER C 85 5.70 -56.53 40.39
CA SER C 85 4.32 -56.70 40.83
C SER C 85 3.45 -57.20 39.68
N LEU C 86 3.97 -58.22 38.95
CA LEU C 86 3.27 -58.71 37.75
C LEU C 86 1.98 -59.48 38.07
N ASN C 87 0.95 -59.23 37.25
CA ASN C 87 -0.32 -59.96 37.43
C ASN C 87 -0.59 -60.86 36.22
N SER C 88 -1.69 -61.60 36.21
CA SER C 88 -2.01 -62.48 35.08
C SER C 88 -2.26 -61.71 33.79
N GLU C 89 -2.68 -60.45 33.94
CA GLU C 89 -2.97 -59.52 32.86
C GLU C 89 -1.73 -59.16 32.06
N ASP C 90 -0.56 -59.39 32.65
CA ASP C 90 0.69 -59.05 32.01
C ASP C 90 1.24 -60.16 31.12
N THR C 91 0.55 -61.33 31.07
CA THR C 91 1.02 -62.39 30.17
C THR C 91 0.85 -61.92 28.74
N ALA C 92 1.93 -61.97 27.96
CA ALA C 92 1.90 -61.50 26.57
C ALA C 92 3.21 -61.75 25.84
N MET C 93 3.19 -61.67 24.51
CA MET C 93 4.45 -61.60 23.78
C MET C 93 4.90 -60.17 23.74
N TYR C 94 6.07 -59.89 24.25
CA TYR C 94 6.55 -58.52 24.29
C TYR C 94 7.46 -58.22 23.12
N TYR C 95 7.15 -57.13 22.44
CA TYR C 95 7.92 -56.70 21.29
C TYR C 95 8.48 -55.30 21.48
N CYS C 96 9.72 -55.17 21.13
CA CYS C 96 10.40 -53.90 21.10
C CYS C 96 10.14 -53.28 19.76
N ALA C 97 10.01 -51.96 19.70
CA ALA C 97 9.85 -51.34 18.39
C ALA C 97 10.47 -49.94 18.31
N ARG C 98 10.91 -49.60 17.09
CA ARG C 98 11.47 -48.29 16.76
C ARG C 98 10.41 -47.39 16.22
N HIS C 99 10.39 -46.17 16.70
CA HIS C 99 9.43 -45.23 16.20
C HIS C 99 9.84 -44.38 15.02
N ASN C 100 8.81 -44.02 14.31
CA ASN C 100 8.82 -43.02 13.28
C ASN C 100 7.63 -42.15 13.45
N TYR C 101 7.84 -41.20 14.33
CA TYR C 101 6.90 -40.16 14.68
C TYR C 101 5.49 -40.62 14.97
N GLY C 102 5.37 -41.55 15.90
CA GLY C 102 4.10 -42.10 16.34
C GLY C 102 3.81 -43.48 15.76
N SER C 103 4.47 -43.85 14.66
CA SER C 103 4.28 -45.18 14.10
C SER C 103 5.33 -46.09 14.71
N PHE C 104 5.12 -47.40 14.66
CA PHE C 104 6.12 -48.36 15.10
C PHE C 104 6.72 -48.92 13.80
N ALA C 105 7.73 -48.25 13.26
CA ALA C 105 8.22 -48.59 11.93
C ALA C 105 8.89 -49.96 11.87
N TYR C 106 9.62 -50.30 12.91
CA TYR C 106 10.34 -51.58 12.94
C TYR C 106 10.10 -52.30 14.24
N TRP C 107 9.87 -53.60 14.15
CA TRP C 107 9.56 -54.44 15.30
C TRP C 107 10.56 -55.56 15.48
N GLY C 108 10.70 -56.03 16.71
CA GLY C 108 11.54 -57.19 16.97
C GLY C 108 10.78 -58.48 16.69
N GLN C 109 11.27 -59.60 17.26
CA GLN C 109 10.67 -60.91 16.97
C GLN C 109 9.70 -61.35 18.05
N GLY C 110 9.93 -60.84 19.26
CA GLY C 110 9.09 -61.10 20.42
C GLY C 110 9.63 -62.08 21.46
N THR C 111 9.47 -61.70 22.73
CA THR C 111 9.88 -62.53 23.85
C THR C 111 8.64 -62.82 24.72
N LEU C 112 8.35 -64.10 24.96
CA LEU C 112 7.12 -64.44 25.68
C LEU C 112 7.24 -64.43 27.20
N VAL C 113 6.34 -63.70 27.83
CA VAL C 113 6.28 -63.60 29.28
C VAL C 113 5.01 -64.23 29.81
N THR C 114 5.16 -65.19 30.72
CA THR C 114 4.00 -65.87 31.30
C THR C 114 3.92 -65.60 32.78
N VAL C 115 2.77 -65.11 33.24
CA VAL C 115 2.65 -64.87 34.66
C VAL C 115 1.63 -65.86 35.18
N SER C 116 2.09 -66.74 36.07
CA SER C 116 1.27 -67.85 36.56
C SER C 116 1.87 -68.55 37.75
N ALA C 117 1.02 -69.05 38.64
CA ALA C 117 1.49 -69.78 39.81
C ALA C 117 1.88 -71.23 39.50
N ALA C 118 1.61 -71.65 38.26
CA ALA C 118 1.93 -72.98 37.77
C ALA C 118 3.43 -73.19 37.76
N LYS C 119 3.88 -74.42 37.99
CA LYS C 119 5.32 -74.69 37.95
C LYS C 119 5.76 -75.12 36.56
N THR C 120 7.03 -74.88 36.26
CA THR C 120 7.59 -75.35 35.01
C THR C 120 7.51 -76.87 34.97
N THR C 121 6.96 -77.38 33.87
CA THR C 121 6.80 -78.82 33.67
C THR C 121 7.27 -79.20 32.26
N PRO C 122 8.10 -80.25 32.07
CA PRO C 122 8.51 -80.71 30.75
C PRO C 122 7.34 -81.44 30.13
N PRO C 123 7.23 -81.52 28.80
CA PRO C 123 6.22 -82.30 28.11
C PRO C 123 6.49 -83.78 28.19
N SER C 124 5.42 -84.55 28.17
CA SER C 124 5.51 -85.98 28.00
C SER C 124 5.20 -86.19 26.54
N VAL C 125 6.04 -86.90 25.81
CA VAL C 125 5.73 -87.00 24.40
C VAL C 125 5.35 -88.41 24.03
N TYR C 126 4.26 -88.54 23.28
CA TYR C 126 3.80 -89.87 22.91
C TYR C 126 3.75 -89.97 21.41
N PRO C 127 4.08 -91.11 20.81
CA PRO C 127 3.96 -91.32 19.40
C PRO C 127 2.52 -91.54 19.02
N LEU C 128 2.18 -91.16 17.81
CA LEU C 128 0.91 -91.47 17.24
C LEU C 128 1.19 -92.29 15.99
N ALA C 129 0.80 -93.55 16.03
CA ALA C 129 1.04 -94.47 14.93
C ALA C 129 -0.31 -95.04 14.55
N PRO C 130 -0.55 -95.40 13.30
CA PRO C 130 -1.80 -95.95 12.85
C PRO C 130 -2.10 -97.29 13.47
N GLY C 131 -3.37 -97.54 13.67
CA GLY C 131 -3.79 -98.83 14.18
C GLY C 131 -3.53 -99.84 13.08
N SER C 132 -3.35 -101.09 13.45
CA SER C 132 -3.11 -102.13 12.47
C SER C 132 -4.03 -101.97 11.27
N THR C 136 -3.97 -98.98 4.48
CA THR C 136 -3.03 -99.04 3.38
C THR C 136 -3.39 -98.07 2.27
N ASN C 137 -2.46 -97.19 1.94
CA ASN C 137 -2.61 -96.17 0.93
C ASN C 137 -1.23 -95.78 0.43
N SER C 138 -1.17 -94.83 -0.52
CA SER C 138 0.10 -94.32 -1.04
C SER C 138 0.88 -93.51 0.01
N MET C 139 0.18 -92.95 0.99
CA MET C 139 0.81 -92.18 2.06
C MET C 139 0.24 -92.57 3.43
N VAL C 140 1.08 -92.46 4.44
CA VAL C 140 0.71 -92.73 5.82
C VAL C 140 0.92 -91.52 6.74
N THR C 141 -0.09 -91.24 7.58
CA THR C 141 -0.03 -90.12 8.52
C THR C 141 0.47 -90.62 9.86
N LEU C 142 1.50 -89.96 10.36
CA LEU C 142 2.13 -90.25 11.65
C LEU C 142 2.09 -89.00 12.52
N GLY C 143 2.28 -89.13 13.82
CA GLY C 143 2.40 -87.91 14.61
C GLY C 143 2.97 -88.11 16.00
N CYS C 144 2.83 -87.07 16.79
CA CYS C 144 3.28 -87.07 18.16
C CYS C 144 2.46 -86.11 18.98
N LEU C 145 2.09 -86.57 20.15
CA LEU C 145 1.33 -85.79 21.09
C LEU C 145 2.28 -85.26 22.14
N VAL C 146 2.29 -83.95 22.31
CA VAL C 146 3.17 -83.31 23.27
C VAL C 146 2.32 -82.77 24.41
N LYS C 147 2.30 -83.50 25.51
CA LYS C 147 1.33 -83.17 26.52
C LYS C 147 1.85 -82.81 27.90
N GLY C 148 1.19 -81.85 28.52
CA GLY C 148 1.46 -81.53 29.90
C GLY C 148 2.63 -80.60 30.15
N TYR C 149 2.91 -79.67 29.24
CA TYR C 149 4.08 -78.81 29.50
C TYR C 149 3.69 -77.41 29.94
N PHE C 150 4.62 -76.74 30.60
CA PHE C 150 4.35 -75.36 30.98
C PHE C 150 5.63 -74.62 31.31
N PRO C 151 5.82 -73.39 30.83
CA PRO C 151 5.06 -72.50 29.97
C PRO C 151 5.34 -72.76 28.50
N GLU C 152 4.70 -72.00 27.63
CA GLU C 152 5.06 -71.99 26.21
C GLU C 152 6.35 -71.23 26.04
N PRO C 153 7.07 -71.41 24.92
CA PRO C 153 6.90 -72.29 23.75
C PRO C 153 7.49 -73.70 23.82
N VAL C 154 7.05 -74.54 22.87
CA VAL C 154 7.63 -75.84 22.51
C VAL C 154 7.86 -75.94 20.99
N THR C 155 9.05 -76.43 20.60
CA THR C 155 9.40 -76.58 19.19
C THR C 155 9.45 -78.03 18.71
N VAL C 156 8.74 -78.32 17.63
CA VAL C 156 8.71 -79.68 17.13
C VAL C 156 9.20 -79.78 15.68
N THR C 157 10.18 -80.66 15.47
CA THR C 157 10.71 -80.92 14.14
C THR C 157 10.67 -82.43 13.89
N TRP C 158 10.79 -82.82 12.63
CA TRP C 158 10.77 -84.24 12.32
C TRP C 158 12.12 -84.64 11.71
N ASN C 159 12.69 -85.73 12.21
CA ASN C 159 14.00 -86.21 11.77
C ASN C 159 15.03 -85.07 11.81
N SER C 160 14.99 -84.32 12.90
CA SER C 160 15.85 -83.19 13.23
C SER C 160 15.84 -82.07 12.20
N GLY C 161 14.73 -81.91 11.49
CA GLY C 161 14.57 -80.85 10.50
C GLY C 161 14.67 -81.38 9.08
N SER C 162 15.11 -82.64 8.92
CA SER C 162 15.22 -83.28 7.61
C SER C 162 13.84 -83.38 6.94
N LEU C 163 12.80 -83.74 7.72
CA LEU C 163 11.46 -83.85 7.17
C LEU C 163 10.72 -82.56 7.44
N SER C 164 10.44 -81.83 6.38
CA SER C 164 9.75 -80.55 6.50
C SER C 164 8.42 -80.57 5.77
N SER C 165 8.31 -81.46 4.78
CA SER C 165 7.12 -81.58 3.96
C SER C 165 6.14 -82.50 4.65
N GLY C 166 4.86 -82.17 4.56
CA GLY C 166 3.83 -83.01 5.14
C GLY C 166 3.65 -82.78 6.62
N VAL C 167 4.37 -81.80 7.17
CA VAL C 167 4.36 -81.47 8.58
C VAL C 167 3.37 -80.39 8.96
N HIS C 168 2.59 -80.66 10.00
CA HIS C 168 1.61 -79.72 10.53
C HIS C 168 1.75 -79.68 12.05
N THR C 169 2.13 -78.53 12.59
CA THR C 169 2.26 -78.44 14.05
C THR C 169 1.12 -77.58 14.50
N PHE C 170 0.37 -78.09 15.44
CA PHE C 170 -0.82 -77.41 15.91
C PHE C 170 -0.46 -76.50 17.07
N PRO C 171 -1.11 -75.34 17.23
CA PRO C 171 -0.90 -74.46 18.35
C PRO C 171 -1.34 -75.14 19.62
N ALA C 172 -0.65 -74.85 20.72
CA ALA C 172 -0.97 -75.46 21.99
C ALA C 172 -2.30 -75.00 22.56
N VAL C 173 -2.96 -75.93 23.23
CA VAL C 173 -4.19 -75.71 23.94
C VAL C 173 -3.90 -75.78 25.42
N LEU C 174 -4.33 -74.77 26.16
CA LEU C 174 -4.08 -74.76 27.59
C LEU C 174 -5.26 -75.33 28.35
N GLN C 175 -4.99 -76.39 29.09
CA GLN C 175 -5.99 -77.04 29.90
C GLN C 175 -5.47 -77.18 31.33
N SER C 176 -6.10 -76.49 32.27
CA SER C 176 -5.72 -76.59 33.68
C SER C 176 -4.23 -76.38 33.97
N ASP C 177 -3.67 -75.27 33.50
CA ASP C 177 -2.27 -74.91 33.69
C ASP C 177 -1.24 -75.78 32.99
N LEU C 178 -1.67 -76.65 32.08
CA LEU C 178 -0.71 -77.37 31.26
C LEU C 178 -1.08 -77.26 29.78
N TYR C 179 -0.08 -77.18 28.93
CA TYR C 179 -0.32 -77.09 27.50
C TYR C 179 -0.21 -78.42 26.81
N THR C 180 -1.06 -78.60 25.79
CA THR C 180 -0.99 -79.77 24.93
C THR C 180 -0.99 -79.36 23.46
N LEU C 181 -0.04 -79.90 22.70
CA LEU C 181 0.00 -79.67 21.26
C LEU C 181 0.22 -80.99 20.58
N SER C 182 -0.08 -81.04 19.31
CA SER C 182 0.24 -82.23 18.58
C SER C 182 0.88 -81.81 17.28
N SER C 183 1.53 -82.77 16.65
CA SER C 183 2.19 -82.56 15.38
C SER C 183 2.02 -83.77 14.50
N SER C 184 1.70 -83.54 13.24
CA SER C 184 1.54 -84.64 12.31
C SER C 184 2.56 -84.54 11.20
N VAL C 185 2.87 -85.69 10.61
CA VAL C 185 3.70 -85.75 9.42
C VAL C 185 3.17 -86.81 8.45
N THR C 186 3.01 -86.44 7.19
CA THR C 186 2.61 -87.39 6.17
C THR C 186 3.83 -87.85 5.37
N VAL C 187 4.04 -89.15 5.30
CA VAL C 187 5.19 -89.69 4.57
C VAL C 187 4.68 -90.77 3.59
N PRO C 188 5.42 -91.13 2.53
CA PRO C 188 5.06 -92.20 1.61
C PRO C 188 4.91 -93.49 2.39
N SER C 189 3.90 -94.29 2.05
CA SER C 189 3.70 -95.54 2.77
C SER C 189 4.84 -96.52 2.55
N SER C 190 5.51 -96.39 1.40
CA SER C 190 6.63 -97.24 1.03
C SER C 190 7.89 -96.98 1.84
N THR C 191 7.93 -95.88 2.60
CA THR C 191 9.12 -95.55 3.39
C THR C 191 8.85 -95.70 4.88
N TRP C 192 7.72 -96.24 5.30
CA TRP C 192 7.41 -96.33 6.74
C TRP C 192 6.69 -97.62 7.11
N PRO C 193 7.30 -98.50 7.90
CA PRO C 193 8.51 -98.41 8.72
C PRO C 193 9.88 -98.62 8.07
N SER C 194 9.97 -98.71 6.75
CA SER C 194 11.27 -98.98 6.15
C SER C 194 12.31 -97.93 6.56
N GLU C 195 11.90 -96.66 6.65
CA GLU C 195 12.78 -95.60 7.08
C GLU C 195 12.24 -95.12 8.43
N THR C 196 13.12 -94.69 9.32
CA THR C 196 12.66 -94.19 10.61
C THR C 196 12.18 -92.75 10.55
N VAL C 197 11.06 -92.52 11.23
CA VAL C 197 10.48 -91.20 11.44
C VAL C 197 10.50 -90.94 12.95
N THR C 198 11.19 -89.87 13.34
CA THR C 198 11.37 -89.45 14.74
C THR C 198 10.86 -88.04 14.98
N CYS C 199 10.08 -87.89 16.06
CA CYS C 199 9.57 -86.57 16.47
C CYS C 199 10.53 -85.94 17.46
N ASN C 200 11.03 -84.77 17.15
CA ASN C 200 12.02 -84.10 18.00
C ASN C 200 11.40 -82.90 18.74
N VAL C 201 11.22 -83.01 20.06
CA VAL C 201 10.52 -81.96 20.80
C VAL C 201 11.40 -81.18 21.80
N ALA C 202 11.51 -79.87 21.60
CA ALA C 202 12.32 -79.04 22.51
C ALA C 202 11.47 -78.11 23.38
N HIS C 203 11.78 -78.07 24.67
CA HIS C 203 11.10 -77.21 25.64
C HIS C 203 12.10 -76.35 26.44
N PRO C 204 12.58 -75.20 25.89
CA PRO C 204 13.61 -74.32 26.43
C PRO C 204 13.42 -73.93 27.89
N ALA C 205 12.18 -73.77 28.34
CA ALA C 205 11.88 -73.38 29.72
C ALA C 205 12.41 -74.38 30.75
N SER C 206 12.52 -75.65 30.36
CA SER C 206 12.95 -76.71 31.25
C SER C 206 14.20 -77.36 30.69
N SER C 207 14.81 -76.72 29.68
CA SER C 207 16.01 -77.22 29.00
C SER C 207 15.88 -78.70 28.65
N THR C 208 14.70 -79.09 28.17
CA THR C 208 14.44 -80.48 27.89
C THR C 208 14.19 -80.78 26.43
N LYS C 209 14.84 -81.81 25.92
CA LYS C 209 14.62 -82.19 24.54
C LYS C 209 14.40 -83.70 24.43
N VAL C 210 13.29 -84.09 23.80
CA VAL C 210 12.98 -85.51 23.67
C VAL C 210 12.79 -85.97 22.23
N ASP C 211 13.55 -87.00 21.88
CA ASP C 211 13.50 -87.62 20.56
C ASP C 211 12.62 -88.87 20.60
N LYS C 212 11.49 -88.87 19.91
CA LYS C 212 10.60 -90.02 19.98
C LYS C 212 10.36 -90.72 18.65
N LYS C 213 10.81 -91.97 18.56
CA LYS C 213 10.66 -92.73 17.32
C LYS C 213 9.23 -93.22 17.19
N ILE C 214 8.71 -93.20 15.97
CA ILE C 214 7.38 -93.74 15.75
C ILE C 214 7.51 -95.12 15.16
N VAL C 215 6.94 -96.09 15.85
CA VAL C 215 7.05 -97.45 15.41
C VAL C 215 5.65 -97.97 15.19
N PRO C 216 5.44 -98.97 14.33
CA PRO C 216 4.18 -99.63 14.05
C PRO C 216 3.58 -100.27 15.28
N ARG C 217 2.26 -100.30 15.33
CA ARG C 217 1.53 -100.94 16.41
C ARG C 217 1.26 -102.40 16.07
N LEU D 2 -9.65 -42.97 24.95
CA LEU D 2 -9.94 -43.28 23.55
C LEU D 2 -10.12 -44.75 23.30
N VAL D 3 -11.05 -45.03 22.40
CA VAL D 3 -11.37 -46.37 21.95
C VAL D 3 -11.30 -46.43 20.45
N MET D 4 -10.59 -47.44 19.95
CA MET D 4 -10.48 -47.66 18.52
C MET D 4 -11.31 -48.88 18.14
N THR D 5 -12.32 -48.65 17.34
CA THR D 5 -13.20 -49.73 16.91
C THR D 5 -12.77 -50.11 15.52
N GLN D 6 -12.55 -51.39 15.26
CA GLN D 6 -12.12 -51.75 13.93
C GLN D 6 -13.00 -52.85 13.38
N THR D 7 -13.54 -52.59 12.19
CA THR D 7 -14.40 -53.53 11.53
C THR D 7 -14.00 -53.72 10.08
N PRO D 8 -14.33 -54.87 9.49
CA PRO D 8 -14.96 -56.06 10.03
C PRO D 8 -13.94 -56.79 10.88
N ALA D 9 -14.38 -57.61 11.85
CA ALA D 9 -13.45 -58.44 12.61
C ALA D 9 -12.74 -59.49 11.76
N THR D 10 -13.47 -60.06 10.81
CA THR D 10 -12.96 -61.08 9.92
C THR D 10 -13.34 -60.73 8.50
N LEU D 11 -12.55 -61.22 7.55
CA LEU D 11 -12.78 -60.96 6.14
C LEU D 11 -12.39 -62.12 5.22
N SER D 12 -13.32 -62.61 4.40
CA SER D 12 -13.00 -63.70 3.48
C SER D 12 -12.98 -63.19 2.05
N VAL D 13 -11.79 -63.12 1.46
CA VAL D 13 -11.67 -62.55 0.13
C VAL D 13 -11.01 -63.44 -0.90
N THR D 14 -11.69 -63.65 -2.01
CA THR D 14 -11.17 -64.46 -3.11
C THR D 14 -10.07 -63.68 -3.81
N PRO D 15 -8.97 -64.28 -4.26
CA PRO D 15 -7.91 -63.59 -4.95
C PRO D 15 -8.45 -62.85 -6.15
N GLY D 16 -7.98 -61.62 -6.30
CA GLY D 16 -8.36 -60.73 -7.38
C GLY D 16 -9.49 -59.78 -6.98
N ASP D 17 -10.18 -60.07 -5.87
CA ASP D 17 -11.25 -59.18 -5.42
C ASP D 17 -10.65 -58.09 -4.54
N SER D 18 -11.37 -57.00 -4.35
CA SER D 18 -10.85 -55.89 -3.53
C SER D 18 -11.60 -55.77 -2.20
N VAL D 19 -10.88 -55.33 -1.17
CA VAL D 19 -11.47 -55.16 0.17
C VAL D 19 -11.15 -53.83 0.80
N SER D 20 -11.83 -53.53 1.90
CA SER D 20 -11.51 -52.36 2.69
C SER D 20 -11.79 -52.61 4.14
N LEU D 21 -11.00 -51.97 4.98
CA LEU D 21 -11.10 -52.03 6.43
C LEU D 21 -11.48 -50.66 6.95
N SER D 22 -12.22 -50.62 8.05
CA SER D 22 -12.63 -49.33 8.65
C SER D 22 -12.32 -49.15 10.14
N CYS D 23 -11.63 -48.07 10.38
CA CYS D 23 -11.14 -47.58 11.66
C CYS D 23 -11.93 -46.40 12.24
N ARG D 24 -12.53 -46.60 13.42
CA ARG D 24 -13.33 -45.55 14.03
C ARG D 24 -12.77 -45.09 15.38
N ALA D 25 -12.52 -43.78 15.49
CA ALA D 25 -12.00 -43.22 16.74
C ALA D 25 -13.12 -42.50 17.47
N SER D 26 -13.17 -42.66 18.80
CA SER D 26 -14.19 -41.99 19.63
C SER D 26 -14.10 -40.44 19.66
N GLN D 27 -12.94 -39.90 19.30
CA GLN D 27 -12.69 -38.47 19.22
C GLN D 27 -11.90 -38.23 17.96
N SER D 28 -11.65 -36.97 17.60
CA SER D 28 -10.82 -36.71 16.43
C SER D 28 -9.35 -36.94 16.70
N ILE D 29 -8.70 -37.70 15.83
CA ILE D 29 -7.29 -37.96 15.93
C ILE D 29 -6.56 -37.40 14.69
N SER D 30 -7.09 -36.30 14.10
CA SER D 30 -6.44 -35.64 12.94
C SER D 30 -6.00 -36.69 11.93
N ASN D 31 -4.71 -36.75 11.56
CA ASN D 31 -4.27 -37.82 10.66
C ASN D 31 -3.36 -38.80 11.42
N HIS D 32 -3.41 -38.76 12.76
CA HIS D 32 -2.57 -39.60 13.64
C HIS D 32 -3.04 -41.04 13.70
N LEU D 33 -3.04 -41.69 12.56
CA LEU D 33 -3.51 -43.07 12.44
C LEU D 33 -2.62 -43.88 11.50
N HIS D 34 -2.13 -45.00 12.01
CA HIS D 34 -1.23 -45.87 11.25
C HIS D 34 -1.86 -47.23 11.03
N TRP D 35 -1.44 -47.95 9.98
CA TRP D 35 -1.91 -49.32 9.75
C TRP D 35 -0.75 -50.29 9.67
N TYR D 36 -0.98 -51.48 10.24
CA TYR D 36 -0.03 -52.58 10.30
C TYR D 36 -0.58 -53.90 9.79
N GLN D 37 0.31 -54.78 9.34
CA GLN D 37 -0.05 -56.16 8.96
C GLN D 37 0.73 -57.18 9.77
N GLN D 38 0.09 -58.28 10.18
CA GLN D 38 0.78 -59.32 10.90
C GLN D 38 0.44 -60.75 10.41
N LYS D 39 1.46 -61.43 9.91
CA LYS D 39 1.33 -62.79 9.38
C LYS D 39 1.66 -63.80 10.48
N SER D 40 1.27 -65.06 10.28
CA SER D 40 1.49 -66.10 11.29
C SER D 40 2.93 -66.29 11.76
N HIS D 41 3.10 -66.30 13.09
CA HIS D 41 4.37 -66.44 13.81
C HIS D 41 5.38 -65.34 13.47
N GLU D 42 4.89 -64.20 12.97
CA GLU D 42 5.71 -63.04 12.65
C GLU D 42 5.20 -61.82 13.41
N SER D 43 6.07 -60.81 13.54
CA SER D 43 5.73 -59.55 14.20
C SER D 43 4.96 -58.62 13.25
N PRO D 44 4.21 -57.59 13.75
CA PRO D 44 3.53 -56.57 12.97
C PRO D 44 4.49 -55.72 12.14
N ARG D 45 4.03 -55.30 10.95
CA ARG D 45 4.81 -54.41 10.09
C ARG D 45 4.00 -53.21 9.66
N LEU D 46 4.62 -52.04 9.67
CA LEU D 46 3.92 -50.83 9.25
C LEU D 46 3.63 -50.86 7.74
N LEU D 47 2.36 -50.67 7.39
CA LEU D 47 1.90 -50.63 5.99
C LEU D 47 1.75 -49.22 5.48
N ILE D 48 0.99 -48.44 6.26
CA ILE D 48 0.64 -47.06 5.97
C ILE D 48 0.88 -46.25 7.23
N LYS D 49 1.46 -45.08 7.09
CA LYS D 49 1.62 -44.23 8.25
C LYS D 49 0.88 -42.92 8.01
N TYR D 50 0.51 -42.24 9.07
CA TYR D 50 -0.09 -40.91 8.95
C TYR D 50 -1.30 -40.88 7.98
N ALA D 51 -2.21 -41.85 8.14
CA ALA D 51 -3.48 -42.07 7.45
C ALA D 51 -3.41 -42.36 5.94
N SER D 52 -2.39 -41.86 5.23
CA SER D 52 -2.30 -42.13 3.80
C SER D 52 -0.89 -42.27 3.23
N GLN D 53 0.17 -42.16 4.04
CA GLN D 53 1.49 -42.22 3.45
C GLN D 53 2.03 -43.64 3.51
N SER D 54 2.36 -44.23 2.36
CA SER D 54 2.82 -45.63 2.39
C SER D 54 4.26 -45.67 2.83
N ILE D 55 4.93 -46.83 2.80
CA ILE D 55 6.27 -46.77 3.42
C ILE D 55 7.53 -46.94 2.54
N SER D 56 7.88 -48.15 2.08
CA SER D 56 9.09 -48.28 1.23
C SER D 56 9.15 -49.44 0.25
N GLY D 57 8.31 -50.44 0.48
CA GLY D 57 8.37 -51.69 -0.25
C GLY D 57 7.03 -52.32 -0.04
N ILE D 58 6.12 -51.46 0.37
CA ILE D 58 4.72 -51.81 0.54
C ILE D 58 4.07 -51.53 -0.82
N PRO D 59 3.32 -52.49 -1.40
CA PRO D 59 2.63 -52.37 -2.68
C PRO D 59 1.61 -51.23 -2.68
N SER D 60 1.42 -50.62 -3.86
CA SER D 60 0.47 -49.50 -4.10
C SER D 60 -0.96 -49.93 -3.88
N ARG D 61 -1.15 -51.25 -3.89
CA ARG D 61 -2.43 -51.89 -3.71
C ARG D 61 -2.99 -51.53 -2.37
N PHE D 62 -2.11 -51.23 -1.40
CA PHE D 62 -2.49 -50.85 -0.06
C PHE D 62 -2.59 -49.34 0.00
N SER D 63 -3.77 -48.83 0.28
CA SER D 63 -3.95 -47.39 0.28
C SER D 63 -4.83 -46.93 1.42
N GLY D 64 -4.25 -46.09 2.29
CA GLY D 64 -4.97 -45.59 3.45
C GLY D 64 -5.68 -44.29 3.11
N SER D 65 -6.73 -43.99 3.85
CA SER D 65 -7.48 -42.74 3.65
C SER D 65 -8.32 -42.32 4.85
N GLY D 66 -8.51 -41.03 5.02
CA GLY D 66 -9.41 -40.57 6.07
C GLY D 66 -8.76 -39.62 7.04
N SER D 67 -9.59 -39.02 7.88
CA SER D 67 -9.15 -38.06 8.87
C SER D 67 -10.11 -37.97 10.05
N GLY D 68 -9.60 -37.47 11.16
CA GLY D 68 -10.43 -37.21 12.31
C GLY D 68 -10.89 -38.50 12.96
N THR D 69 -12.12 -38.87 12.68
CA THR D 69 -12.73 -40.01 13.32
C THR D 69 -12.89 -41.24 12.45
N ASP D 70 -12.74 -41.11 11.14
CA ASP D 70 -13.00 -42.25 10.27
C ASP D 70 -11.93 -42.50 9.23
N PHE D 71 -11.28 -43.65 9.34
CA PHE D 71 -10.18 -43.99 8.45
C PHE D 71 -10.38 -45.34 7.77
N THR D 72 -9.85 -45.49 6.58
CA THR D 72 -9.90 -46.77 5.93
C THR D 72 -8.56 -47.21 5.39
N LEU D 73 -8.50 -48.51 5.13
CA LEU D 73 -7.39 -49.15 4.45
C LEU D 73 -7.97 -49.99 3.36
N SER D 74 -7.66 -49.65 2.12
CA SER D 74 -8.18 -50.41 1.00
C SER D 74 -7.09 -51.29 0.47
N ILE D 75 -7.47 -52.49 0.03
CA ILE D 75 -6.49 -53.37 -0.59
C ILE D 75 -7.06 -53.80 -1.94
N ASN D 76 -6.43 -53.35 -3.00
CA ASN D 76 -6.95 -53.71 -4.30
C ASN D 76 -6.41 -55.05 -4.75
N SER D 77 -7.24 -55.82 -5.45
CA SER D 77 -6.80 -57.09 -6.03
C SER D 77 -6.05 -57.96 -5.04
N VAL D 78 -6.71 -58.37 -3.97
CA VAL D 78 -6.06 -59.10 -2.90
C VAL D 78 -5.36 -60.36 -3.41
N GLU D 79 -4.12 -60.54 -2.94
CA GLU D 79 -3.24 -61.65 -3.28
C GLU D 79 -3.25 -62.70 -2.17
N THR D 80 -2.82 -63.93 -2.46
CA THR D 80 -2.75 -64.96 -1.41
C THR D 80 -1.92 -64.48 -0.23
N GLU D 81 -0.81 -63.83 -0.53
CA GLU D 81 0.14 -63.33 0.42
C GLU D 81 -0.38 -62.21 1.33
N ASP D 82 -1.60 -61.71 1.07
CA ASP D 82 -2.17 -60.65 1.89
C ASP D 82 -2.90 -61.20 3.10
N PHE D 83 -2.92 -62.53 3.26
CA PHE D 83 -3.58 -63.17 4.39
C PHE D 83 -2.95 -62.62 5.66
N GLY D 84 -3.69 -62.63 6.76
CA GLY D 84 -3.10 -62.19 8.04
C GLY D 84 -3.90 -61.10 8.73
N MET D 85 -3.46 -60.72 9.93
CA MET D 85 -4.17 -59.72 10.70
C MET D 85 -3.80 -58.30 10.31
N TYR D 86 -4.75 -57.41 10.39
CA TYR D 86 -4.48 -56.00 10.17
C TYR D 86 -4.87 -55.19 11.38
N PHE D 87 -4.07 -54.20 11.71
CA PHE D 87 -4.38 -53.35 12.86
C PHE D 87 -4.22 -51.89 12.56
N CYS D 88 -5.13 -51.10 13.08
CA CYS D 88 -4.94 -49.67 13.02
C CYS D 88 -4.38 -49.23 14.36
N GLN D 89 -3.67 -48.12 14.39
CA GLN D 89 -3.17 -47.56 15.65
C GLN D 89 -3.18 -46.04 15.68
N GLN D 90 -3.65 -45.54 16.80
CA GLN D 90 -3.81 -44.14 17.16
C GLN D 90 -2.61 -43.57 17.89
N SER D 91 -2.06 -42.46 17.39
CA SER D 91 -0.89 -41.80 17.99
C SER D 91 -1.10 -40.35 18.44
N ASN D 92 -2.37 -39.95 18.58
CA ASN D 92 -2.82 -38.62 18.98
C ASN D 92 -2.75 -38.34 20.46
N SER D 93 -3.19 -39.28 21.26
CA SER D 93 -3.28 -39.04 22.69
C SER D 93 -2.99 -40.29 23.48
N TRP D 94 -2.38 -40.05 24.62
CA TRP D 94 -1.93 -41.09 25.52
C TRP D 94 -3.06 -41.80 26.27
N PRO D 95 -2.96 -43.14 26.37
CA PRO D 95 -2.00 -44.09 25.83
C PRO D 95 -2.21 -44.28 24.36
N HIS D 96 -1.20 -44.77 23.65
CA HIS D 96 -1.45 -45.10 22.25
C HIS D 96 -2.42 -46.27 22.25
N THR D 97 -3.31 -46.33 21.27
CA THR D 97 -4.24 -47.45 21.21
C THR D 97 -4.31 -48.11 19.84
N PHE D 98 -4.65 -49.40 19.86
CA PHE D 98 -4.82 -50.20 18.65
C PHE D 98 -6.27 -50.60 18.49
N GLY D 99 -6.67 -50.84 17.27
CA GLY D 99 -8.02 -51.32 17.01
C GLY D 99 -8.02 -52.79 17.35
N GLY D 100 -9.21 -53.40 17.41
CA GLY D 100 -9.33 -54.82 17.72
C GLY D 100 -8.56 -55.72 16.74
N GLY D 101 -8.48 -55.29 15.49
CA GLY D 101 -7.78 -55.99 14.44
C GLY D 101 -8.73 -56.78 13.53
N THR D 102 -8.35 -56.91 12.27
CA THR D 102 -9.14 -57.63 11.27
C THR D 102 -8.38 -58.82 10.77
N LYS D 103 -9.00 -59.99 10.78
CA LYS D 103 -8.32 -61.16 10.26
C LYS D 103 -8.69 -61.38 8.80
N LEU D 104 -7.73 -61.21 7.89
CA LEU D 104 -7.98 -61.37 6.46
C LEU D 104 -7.65 -62.81 6.08
N GLU D 105 -8.61 -63.46 5.48
CA GLU D 105 -8.51 -64.83 5.03
C GLU D 105 -8.62 -64.84 3.51
N ILE D 106 -8.04 -65.83 2.88
CA ILE D 106 -8.10 -65.94 1.43
C ILE D 106 -9.11 -66.99 1.04
N LYS D 107 -10.04 -66.65 0.15
CA LYS D 107 -11.04 -67.61 -0.28
C LYS D 107 -10.51 -68.45 -1.43
N ARG D 108 -10.69 -69.75 -1.34
CA ARG D 108 -10.21 -70.73 -2.30
C ARG D 108 -11.20 -71.86 -2.47
N ALA D 109 -10.92 -72.75 -3.40
CA ALA D 109 -11.80 -73.89 -3.64
C ALA D 109 -11.95 -74.73 -2.38
N ASP D 110 -13.16 -75.22 -2.20
CA ASP D 110 -13.47 -76.07 -1.07
C ASP D 110 -12.62 -77.33 -1.14
N ALA D 111 -12.25 -77.86 0.01
CA ALA D 111 -11.47 -79.08 0.06
C ALA D 111 -11.87 -79.91 1.27
N ALA D 112 -12.16 -81.20 1.02
CA ALA D 112 -12.50 -82.11 2.11
C ALA D 112 -11.24 -82.36 2.91
N PRO D 113 -11.32 -82.57 4.23
CA PRO D 113 -10.19 -82.93 5.07
C PRO D 113 -9.73 -84.36 4.89
N THR D 114 -8.45 -84.56 5.16
CA THR D 114 -7.88 -85.89 5.27
C THR D 114 -7.97 -86.21 6.73
N VAL D 115 -8.68 -87.27 7.08
CA VAL D 115 -8.88 -87.55 8.49
C VAL D 115 -8.20 -88.86 8.87
N SER D 116 -7.44 -88.83 9.97
CA SER D 116 -6.70 -90.01 10.47
C SER D 116 -6.79 -90.15 11.99
N ILE D 117 -7.19 -91.36 12.44
CA ILE D 117 -7.40 -91.64 13.88
C ILE D 117 -6.30 -92.46 14.52
N PHE D 118 -5.81 -91.97 15.66
CA PHE D 118 -4.76 -92.64 16.38
C PHE D 118 -5.20 -93.09 17.78
N PRO D 119 -4.89 -94.34 18.18
CA PRO D 119 -5.15 -94.91 19.49
C PRO D 119 -4.10 -94.37 20.46
N PRO D 120 -4.32 -94.42 21.78
CA PRO D 120 -3.35 -94.12 22.80
C PRO D 120 -2.13 -95.02 22.66
N SER D 121 -0.94 -94.46 22.92
CA SER D 121 0.30 -95.22 22.87
C SER D 121 0.43 -96.08 24.12
N SER D 122 1.28 -97.11 24.08
CA SER D 122 1.50 -97.94 25.25
C SER D 122 2.17 -97.16 26.37
N GLU D 123 2.97 -96.17 25.99
CA GLU D 123 3.67 -95.29 26.88
C GLU D 123 2.74 -94.42 27.71
N GLN D 124 1.63 -93.99 27.10
CA GLN D 124 0.68 -93.14 27.81
C GLN D 124 -0.16 -93.99 28.75
N LEU D 125 -0.55 -95.17 28.27
CA LEU D 125 -1.39 -96.08 29.04
C LEU D 125 -0.62 -96.51 30.30
N THR D 126 0.70 -96.68 30.19
CA THR D 126 1.59 -97.04 31.29
C THR D 126 1.47 -96.06 32.46
N SER D 127 1.34 -94.77 32.15
CA SER D 127 1.26 -93.69 33.13
C SER D 127 -0.17 -93.50 33.67
N GLY D 128 -1.13 -94.27 33.15
CA GLY D 128 -2.52 -94.21 33.54
C GLY D 128 -3.45 -93.32 32.72
N GLY D 129 -3.02 -92.77 31.58
CA GLY D 129 -3.94 -91.94 30.81
C GLY D 129 -4.21 -92.50 29.43
N ALA D 130 -5.13 -91.88 28.70
CA ALA D 130 -5.41 -92.32 27.34
C ALA D 130 -5.96 -91.20 26.46
N SER D 131 -5.19 -90.79 25.44
CA SER D 131 -5.59 -89.72 24.55
C SER D 131 -5.79 -90.27 23.15
N VAL D 132 -7.00 -90.13 22.63
CA VAL D 132 -7.29 -90.64 21.30
C VAL D 132 -7.16 -89.40 20.40
N VAL D 133 -6.34 -89.48 19.36
CA VAL D 133 -6.07 -88.27 18.57
C VAL D 133 -6.55 -88.34 17.12
N CYS D 134 -7.21 -87.27 16.69
CA CYS D 134 -7.69 -87.17 15.32
C CYS D 134 -7.14 -85.97 14.56
N PHE D 135 -6.51 -86.22 13.42
CA PHE D 135 -6.00 -85.11 12.63
C PHE D 135 -6.90 -84.93 11.41
N LEU D 136 -7.21 -83.68 11.09
CA LEU D 136 -8.05 -83.31 9.96
C LEU D 136 -7.27 -82.30 9.12
N ASN D 137 -6.58 -82.78 8.08
CA ASN D 137 -5.67 -81.91 7.35
C ASN D 137 -6.16 -81.42 5.99
N ASN D 138 -5.61 -80.27 5.58
CA ASN D 138 -5.80 -79.66 4.25
C ASN D 138 -7.24 -79.42 3.77
N PHE D 139 -8.07 -78.82 4.62
CA PHE D 139 -9.46 -78.55 4.26
C PHE D 139 -9.77 -77.06 4.08
N TYR D 140 -10.83 -76.78 3.37
CA TYR D 140 -11.31 -75.41 3.21
C TYR D 140 -12.81 -75.46 2.91
N PRO D 141 -13.67 -74.59 3.48
CA PRO D 141 -13.57 -73.52 4.48
C PRO D 141 -13.13 -73.99 5.84
N LYS D 142 -12.67 -73.07 6.67
CA LYS D 142 -12.20 -73.37 8.02
C LYS D 142 -13.27 -73.98 8.95
N ASP D 143 -14.55 -73.81 8.64
CA ASP D 143 -15.61 -74.28 9.51
C ASP D 143 -15.96 -75.75 9.36
N ILE D 144 -15.60 -76.50 10.38
CA ILE D 144 -15.80 -77.94 10.49
C ILE D 144 -16.40 -78.29 11.85
N ASN D 145 -17.20 -79.32 11.91
CA ASN D 145 -17.73 -79.76 13.20
C ASN D 145 -17.18 -81.14 13.55
N VAL D 146 -16.38 -81.20 14.62
CA VAL D 146 -15.78 -82.49 14.96
C VAL D 146 -16.39 -83.06 16.23
N LYS D 147 -16.84 -84.30 16.12
CA LYS D 147 -17.44 -84.99 17.23
C LYS D 147 -16.76 -86.31 17.54
N TRP D 148 -16.78 -86.68 18.81
CA TRP D 148 -16.28 -87.97 19.21
C TRP D 148 -17.39 -88.84 19.72
N LYS D 149 -17.35 -90.10 19.31
CA LYS D 149 -18.33 -91.05 19.79
C LYS D 149 -17.63 -92.26 20.40
N ILE D 150 -18.06 -92.63 21.60
CA ILE D 150 -17.51 -93.79 22.26
C ILE D 150 -18.63 -94.82 22.36
N ASP D 151 -18.45 -95.96 21.70
CA ASP D 151 -19.46 -97.00 21.57
C ASP D 151 -20.78 -96.39 21.04
N GLY D 152 -20.65 -95.45 20.11
CA GLY D 152 -21.75 -94.75 19.47
C GLY D 152 -22.30 -93.54 20.23
N SER D 153 -21.82 -93.29 21.45
CA SER D 153 -22.32 -92.18 22.27
C SER D 153 -21.44 -90.93 22.25
N GLU D 154 -22.04 -89.79 21.91
CA GLU D 154 -21.33 -88.52 21.83
C GLU D 154 -20.66 -88.11 23.14
N ARG D 155 -19.40 -87.70 23.05
CA ARG D 155 -18.59 -87.27 24.19
C ARG D 155 -18.03 -85.85 23.99
N GLN D 156 -18.21 -84.99 25.01
CA GLN D 156 -17.61 -83.65 24.96
C GLN D 156 -16.48 -83.50 25.99
N ASN D 157 -16.67 -84.12 27.15
CA ASN D 157 -15.70 -83.99 28.22
C ASN D 157 -14.34 -84.51 27.78
N GLY D 158 -13.31 -83.72 28.00
CA GLY D 158 -11.96 -84.13 27.66
C GLY D 158 -11.55 -83.88 26.20
N VAL D 159 -12.43 -83.30 25.37
CA VAL D 159 -12.05 -83.08 23.97
C VAL D 159 -11.47 -81.69 23.70
N LEU D 160 -10.21 -81.66 23.26
CA LEU D 160 -9.48 -80.43 22.97
C LEU D 160 -9.19 -80.23 21.50
N ASN D 161 -9.63 -79.12 20.94
CA ASN D 161 -9.40 -78.86 19.52
C ASN D 161 -8.42 -77.71 19.30
N SER D 162 -7.64 -77.81 18.22
CA SER D 162 -6.72 -76.76 17.81
C SER D 162 -6.64 -76.64 16.30
N TRP D 163 -6.80 -75.42 15.79
CA TRP D 163 -6.76 -75.17 14.36
C TRP D 163 -5.47 -74.48 14.01
N THR D 164 -4.90 -74.83 12.87
CA THR D 164 -3.70 -74.14 12.43
C THR D 164 -4.15 -72.86 11.75
N ASP D 165 -3.22 -71.93 11.55
CA ASP D 165 -3.60 -70.75 10.80
C ASP D 165 -3.56 -71.15 9.34
N GLN D 166 -4.23 -70.39 8.49
CA GLN D 166 -4.30 -70.69 7.07
C GLN D 166 -2.89 -70.79 6.46
N ASP D 167 -2.67 -71.90 5.74
CA ASP D 167 -1.39 -72.22 5.08
C ASP D 167 -0.99 -71.18 4.03
N SER D 168 0.23 -70.65 4.12
CA SER D 168 0.69 -69.63 3.18
C SER D 168 0.89 -70.10 1.73
N LYS D 169 0.94 -71.42 1.48
CA LYS D 169 1.13 -71.92 0.13
C LYS D 169 -0.21 -72.31 -0.51
N ASP D 170 -0.95 -73.20 0.16
CA ASP D 170 -2.19 -73.73 -0.40
C ASP D 170 -3.47 -73.09 0.13
N SER D 171 -3.35 -72.17 1.08
CA SER D 171 -4.47 -71.50 1.73
C SER D 171 -5.55 -72.44 2.30
N THR D 172 -5.11 -73.54 2.89
CA THR D 172 -5.98 -74.51 3.53
C THR D 172 -5.77 -74.52 5.03
N TYR D 173 -6.64 -75.23 5.72
CA TYR D 173 -6.56 -75.36 7.16
C TYR D 173 -6.38 -76.79 7.62
N SER D 174 -5.78 -76.94 8.77
CA SER D 174 -5.68 -78.24 9.41
C SER D 174 -6.18 -78.09 10.85
N MET D 175 -6.75 -79.14 11.40
CA MET D 175 -7.18 -79.13 12.80
C MET D 175 -6.79 -80.44 13.50
N SER D 176 -6.57 -80.35 14.79
CA SER D 176 -6.28 -81.51 15.62
C SER D 176 -7.23 -81.62 16.80
N SER D 177 -7.91 -82.78 16.90
CA SER D 177 -8.89 -83.00 17.96
C SER D 177 -8.44 -84.14 18.88
N THR D 178 -8.18 -83.83 20.14
CA THR D 178 -7.72 -84.83 21.09
C THR D 178 -8.73 -85.13 22.19
N LEU D 179 -9.07 -86.41 22.31
CA LEU D 179 -9.99 -86.91 23.32
C LEU D 179 -9.23 -87.52 24.47
N THR D 180 -9.16 -86.85 25.62
CA THR D 180 -8.37 -87.39 26.72
C THR D 180 -9.20 -87.93 27.87
N LEU D 181 -8.99 -89.22 28.10
CA LEU D 181 -9.63 -90.06 29.09
C LEU D 181 -8.64 -90.64 30.11
N THR D 182 -9.16 -91.27 31.15
CA THR D 182 -8.34 -92.02 32.10
C THR D 182 -8.17 -93.43 31.52
N LYS D 183 -6.99 -94.05 31.66
CA LYS D 183 -6.80 -95.41 31.11
C LYS D 183 -7.93 -96.37 31.51
N ASP D 184 -8.35 -96.33 32.77
CA ASP D 184 -9.40 -97.21 33.27
C ASP D 184 -10.73 -97.00 32.55
N GLU D 185 -11.03 -95.76 32.14
CA GLU D 185 -12.26 -95.44 31.42
C GLU D 185 -12.13 -95.94 30.00
N TYR D 186 -10.95 -95.75 29.43
CA TYR D 186 -10.64 -96.12 28.07
C TYR D 186 -10.94 -97.61 27.88
N GLU D 187 -10.49 -98.41 28.85
CA GLU D 187 -10.63 -99.86 28.83
C GLU D 187 -12.05 -100.37 29.09
N ARG D 188 -13.02 -99.46 29.26
CA ARG D 188 -14.41 -99.86 29.43
C ARG D 188 -15.18 -99.77 28.11
N HIS D 189 -14.52 -99.31 27.04
CA HIS D 189 -15.23 -99.12 25.77
C HIS D 189 -14.51 -99.77 24.61
N ASN D 190 -15.26 -100.13 23.57
CA ASN D 190 -14.64 -100.80 22.45
C ASN D 190 -14.39 -99.92 21.24
N SER D 191 -15.38 -99.11 20.88
CA SER D 191 -15.25 -98.35 19.64
C SER D 191 -15.10 -96.84 19.79
N TYR D 192 -14.00 -96.33 19.24
CA TYR D 192 -13.70 -94.90 19.25
C TYR D 192 -13.79 -94.32 17.84
N THR D 193 -14.73 -93.39 17.65
CA THR D 193 -14.94 -92.79 16.32
C THR D 193 -14.82 -91.28 16.26
N CYS D 194 -14.10 -90.83 15.25
CA CYS D 194 -13.89 -89.44 14.92
C CYS D 194 -14.83 -89.04 13.80
N GLU D 195 -15.76 -88.11 14.06
CA GLU D 195 -16.71 -87.71 13.03
C GLU D 195 -16.53 -86.26 12.59
N ALA D 196 -16.27 -86.04 11.30
CA ALA D 196 -16.07 -84.69 10.78
C ALA D 196 -17.17 -84.24 9.83
N THR D 197 -17.95 -83.25 10.26
CA THR D 197 -19.03 -82.73 9.42
C THR D 197 -18.52 -81.48 8.75
N HIS D 198 -18.59 -81.47 7.44
CA HIS D 198 -18.06 -80.38 6.66
C HIS D 198 -18.72 -80.33 5.30
N LYS D 199 -18.68 -79.14 4.70
CA LYS D 199 -19.11 -78.93 3.34
C LYS D 199 -18.27 -79.88 2.51
N THR D 200 -18.61 -80.03 1.23
CA THR D 200 -17.98 -80.95 0.26
C THR D 200 -18.50 -82.39 0.39
N SER D 201 -19.36 -82.62 1.39
CA SER D 201 -19.95 -83.93 1.63
C SER D 201 -21.11 -83.79 2.61
N SER D 203 -23.33 -85.79 5.13
CA SER D 203 -22.50 -86.98 5.04
C SER D 203 -21.12 -86.75 5.66
N PRO D 204 -21.00 -86.84 7.00
CA PRO D 204 -19.78 -86.70 7.77
C PRO D 204 -18.75 -87.76 7.40
N ILE D 205 -17.48 -87.40 7.56
CA ILE D 205 -16.36 -88.31 7.35
C ILE D 205 -16.04 -89.01 8.65
N VAL D 206 -16.03 -90.33 8.64
CA VAL D 206 -15.76 -91.02 9.89
C VAL D 206 -14.59 -91.98 9.86
N LYS D 207 -13.78 -91.89 10.92
CA LYS D 207 -12.65 -92.77 11.10
C LYS D 207 -12.80 -93.45 12.44
N SER D 208 -12.44 -94.72 12.52
CA SER D 208 -12.62 -95.38 13.79
C SER D 208 -11.53 -96.37 14.14
N PHE D 209 -11.45 -96.61 15.44
CA PHE D 209 -10.55 -97.54 16.07
C PHE D 209 -11.26 -98.41 17.10
N ASN D 210 -11.03 -99.72 17.01
CA ASN D 210 -11.64 -100.66 17.92
C ASN D 210 -10.61 -101.20 18.89
N ARG D 211 -10.79 -100.92 20.17
CA ARG D 211 -9.86 -101.31 21.23
C ARG D 211 -9.68 -102.82 21.30
N ASN D 212 -10.67 -103.58 20.84
CA ASN D 212 -10.59 -105.02 20.88
C ASN D 212 -10.03 -105.59 19.57
N GLU D 213 -9.51 -104.72 18.71
CA GLU D 213 -8.88 -105.09 17.46
C GLU D 213 -7.47 -104.51 17.42
#